data_3EZM
# 
_entry.id   3EZM 
# 
_audit_conform.dict_name       mmcif_pdbx.dic 
_audit_conform.dict_version    5.398 
_audit_conform.dict_location   http://mmcif.pdb.org/dictionaries/ascii/mmcif_pdbx.dic 
# 
loop_
_database_2.database_id 
_database_2.database_code 
_database_2.pdbx_database_accession 
_database_2.pdbx_DOI 
PDB   3EZM         pdb_00003ezm 10.2210/pdb3ezm/pdb 
RCSB  RCSB000288   ?            ?                   
WWPDB D_1000000288 ?            ?                   
# 
loop_
_pdbx_audit_revision_history.ordinal 
_pdbx_audit_revision_history.data_content_type 
_pdbx_audit_revision_history.major_revision 
_pdbx_audit_revision_history.minor_revision 
_pdbx_audit_revision_history.revision_date 
1 'Structure model' 1 0 1998-12-23 
2 'Structure model' 1 1 2008-04-26 
3 'Structure model' 1 2 2011-07-13 
4 'Structure model' 1 3 2023-09-06 
5 'Structure model' 1 4 2024-11-06 
# 
_pdbx_audit_revision_details.ordinal             1 
_pdbx_audit_revision_details.revision_ordinal    1 
_pdbx_audit_revision_details.data_content_type   'Structure model' 
_pdbx_audit_revision_details.provider            repository 
_pdbx_audit_revision_details.type                'Initial release' 
_pdbx_audit_revision_details.description         ? 
_pdbx_audit_revision_details.details             ? 
# 
loop_
_pdbx_audit_revision_group.ordinal 
_pdbx_audit_revision_group.revision_ordinal 
_pdbx_audit_revision_group.data_content_type 
_pdbx_audit_revision_group.group 
1 2 'Structure model' 'Version format compliance' 
2 3 'Structure model' 'Derived calculations'      
3 3 'Structure model' 'Version format compliance' 
4 4 'Structure model' 'Data collection'           
5 4 'Structure model' 'Database references'       
6 4 'Structure model' 'Refinement description'    
7 5 'Structure model' 'Structure summary'         
# 
loop_
_pdbx_audit_revision_category.ordinal 
_pdbx_audit_revision_category.revision_ordinal 
_pdbx_audit_revision_category.data_content_type 
_pdbx_audit_revision_category.category 
1 4 'Structure model' chem_comp_atom                
2 4 'Structure model' chem_comp_bond                
3 4 'Structure model' database_2                    
4 4 'Structure model' pdbx_initial_refinement_model 
5 4 'Structure model' struct_ref_seq_dif            
6 5 'Structure model' pdbx_entry_details            
7 5 'Structure model' pdbx_modification_feature     
# 
loop_
_pdbx_audit_revision_item.ordinal 
_pdbx_audit_revision_item.revision_ordinal 
_pdbx_audit_revision_item.data_content_type 
_pdbx_audit_revision_item.item 
1 4 'Structure model' '_database_2.pdbx_DOI'                
2 4 'Structure model' '_database_2.pdbx_database_accession' 
3 4 'Structure model' '_struct_ref_seq_dif.details'         
# 
_pdbx_database_status.status_code                     REL 
_pdbx_database_status.entry_id                        3EZM 
_pdbx_database_status.recvd_initial_deposition_date   1998-12-15 
_pdbx_database_status.deposit_site                    BNL 
_pdbx_database_status.process_site                    RCSB 
_pdbx_database_status.status_code_sf                  REL 
_pdbx_database_status.SG_entry                        . 
_pdbx_database_status.pdb_format_compatible           Y 
_pdbx_database_status.status_code_mr                  ? 
_pdbx_database_status.status_code_cs                  ? 
_pdbx_database_status.status_code_nmr_data            ? 
_pdbx_database_status.methods_development_category    ? 
# 
loop_
_audit_author.name 
_audit_author.pdbx_ordinal 
'Yang, F.'     1 
'Wlodawer, A.' 2 
# 
_citation.id                        primary 
_citation.title                     
'Crystal structure of cyanovirin-N, a potent HIV-inactivating protein, shows unexpected domain swapping.' 
_citation.journal_abbrev            J.Mol.Biol. 
_citation.journal_volume            288 
_citation.page_first                403 
_citation.page_last                 412 
_citation.year                      1999 
_citation.journal_id_ASTM           JMOBAK 
_citation.country                   UK 
_citation.journal_id_ISSN           0022-2836 
_citation.journal_id_CSD            0070 
_citation.book_publisher            ? 
_citation.pdbx_database_id_PubMed   10329150 
_citation.pdbx_database_id_DOI      10.1006/jmbi.1999.2693 
# 
loop_
_citation_author.citation_id 
_citation_author.name 
_citation_author.ordinal 
_citation_author.identifier_ORCID 
primary 'Yang, F.'         1 ? 
primary 'Bewley, C.A.'     2 ? 
primary 'Louis, J.M.'      3 ? 
primary 'Gustafson, K.R.'  4 ? 
primary 'Boyd, M.R.'       5 ? 
primary 'Gronenborn, A.M.' 6 ? 
primary 'Clore, G.M.'      7 ? 
primary 'Wlodawer, A.'     8 ? 
# 
loop_
_entity.id 
_entity.type 
_entity.src_method 
_entity.pdbx_description 
_entity.formula_weight 
_entity.pdbx_number_of_molecules 
_entity.pdbx_ec 
_entity.pdbx_mutation 
_entity.pdbx_fragment 
_entity.details 
1 polymer man 'PROTEIN (CYANOVIRIN-N)' 11022.090 1   ? ? ? ? 
2 water   nat water                    18.015    207 ? ? ? ? 
# 
_entity_poly.entity_id                      1 
_entity_poly.type                           'polypeptide(L)' 
_entity_poly.nstd_linkage                   no 
_entity_poly.nstd_monomer                   no 
_entity_poly.pdbx_seq_one_letter_code       
;LGKFSQTCYNSAIQGSVLTSTCERTNGGYNTSSIDLNSVIENVDGSLKWQPSNFIETCRNTQLAGSSELAAECKTRAQQF
VSTKINLDDHIANIDGTLKYE
;
_entity_poly.pdbx_seq_one_letter_code_can   
;LGKFSQTCYNSAIQGSVLTSTCERTNGGYNTSSIDLNSVIENVDGSLKWQPSNFIETCRNTQLAGSSELAAECKTRAQQF
VSTKINLDDHIANIDGTLKYE
;
_entity_poly.pdbx_strand_id                 A 
_entity_poly.pdbx_target_identifier         ? 
# 
_pdbx_entity_nonpoly.entity_id   2 
_pdbx_entity_nonpoly.name        water 
_pdbx_entity_nonpoly.comp_id     HOH 
# 
loop_
_entity_poly_seq.entity_id 
_entity_poly_seq.num 
_entity_poly_seq.mon_id 
_entity_poly_seq.hetero 
1 1   LEU n 
1 2   GLY n 
1 3   LYS n 
1 4   PHE n 
1 5   SER n 
1 6   GLN n 
1 7   THR n 
1 8   CYS n 
1 9   TYR n 
1 10  ASN n 
1 11  SER n 
1 12  ALA n 
1 13  ILE n 
1 14  GLN n 
1 15  GLY n 
1 16  SER n 
1 17  VAL n 
1 18  LEU n 
1 19  THR n 
1 20  SER n 
1 21  THR n 
1 22  CYS n 
1 23  GLU n 
1 24  ARG n 
1 25  THR n 
1 26  ASN n 
1 27  GLY n 
1 28  GLY n 
1 29  TYR n 
1 30  ASN n 
1 31  THR n 
1 32  SER n 
1 33  SER n 
1 34  ILE n 
1 35  ASP n 
1 36  LEU n 
1 37  ASN n 
1 38  SER n 
1 39  VAL n 
1 40  ILE n 
1 41  GLU n 
1 42  ASN n 
1 43  VAL n 
1 44  ASP n 
1 45  GLY n 
1 46  SER n 
1 47  LEU n 
1 48  LYS n 
1 49  TRP n 
1 50  GLN n 
1 51  PRO n 
1 52  SER n 
1 53  ASN n 
1 54  PHE n 
1 55  ILE n 
1 56  GLU n 
1 57  THR n 
1 58  CYS n 
1 59  ARG n 
1 60  ASN n 
1 61  THR n 
1 62  GLN n 
1 63  LEU n 
1 64  ALA n 
1 65  GLY n 
1 66  SER n 
1 67  SER n 
1 68  GLU n 
1 69  LEU n 
1 70  ALA n 
1 71  ALA n 
1 72  GLU n 
1 73  CYS n 
1 74  LYS n 
1 75  THR n 
1 76  ARG n 
1 77  ALA n 
1 78  GLN n 
1 79  GLN n 
1 80  PHE n 
1 81  VAL n 
1 82  SER n 
1 83  THR n 
1 84  LYS n 
1 85  ILE n 
1 86  ASN n 
1 87  LEU n 
1 88  ASP n 
1 89  ASP n 
1 90  HIS n 
1 91  ILE n 
1 92  ALA n 
1 93  ASN n 
1 94  ILE n 
1 95  ASP n 
1 96  GLY n 
1 97  THR n 
1 98  LEU n 
1 99  LYS n 
1 100 TYR n 
1 101 GLU n 
# 
_entity_src_gen.entity_id                          1 
_entity_src_gen.pdbx_src_id                        1 
_entity_src_gen.pdbx_alt_source_flag               sample 
_entity_src_gen.pdbx_seq_type                      ? 
_entity_src_gen.pdbx_beg_seq_num                   ? 
_entity_src_gen.pdbx_end_seq_num                   ? 
_entity_src_gen.gene_src_common_name               ? 
_entity_src_gen.gene_src_genus                     Nostoc 
_entity_src_gen.pdbx_gene_src_gene                 ? 
_entity_src_gen.gene_src_species                   ? 
_entity_src_gen.gene_src_strain                    ? 
_entity_src_gen.gene_src_tissue                    ? 
_entity_src_gen.gene_src_tissue_fraction           ? 
_entity_src_gen.gene_src_details                   ? 
_entity_src_gen.pdbx_gene_src_fragment             ? 
_entity_src_gen.pdbx_gene_src_scientific_name      'Nostoc ellipsosporum' 
_entity_src_gen.pdbx_gene_src_ncbi_taxonomy_id     45916 
_entity_src_gen.pdbx_gene_src_variant              ? 
_entity_src_gen.pdbx_gene_src_cell_line            ? 
_entity_src_gen.pdbx_gene_src_atcc                 ? 
_entity_src_gen.pdbx_gene_src_organ                ? 
_entity_src_gen.pdbx_gene_src_organelle            ? 
_entity_src_gen.pdbx_gene_src_cell                 ? 
_entity_src_gen.pdbx_gene_src_cellular_location    ? 
_entity_src_gen.host_org_common_name               ? 
_entity_src_gen.pdbx_host_org_scientific_name      'Escherichia coli' 
_entity_src_gen.pdbx_host_org_ncbi_taxonomy_id     562 
_entity_src_gen.host_org_genus                     Escherichia 
_entity_src_gen.pdbx_host_org_gene                 ? 
_entity_src_gen.pdbx_host_org_organ                ? 
_entity_src_gen.host_org_species                   ? 
_entity_src_gen.pdbx_host_org_tissue               ? 
_entity_src_gen.pdbx_host_org_tissue_fraction      ? 
_entity_src_gen.pdbx_host_org_strain               ? 
_entity_src_gen.pdbx_host_org_variant              ? 
_entity_src_gen.pdbx_host_org_cell_line            ? 
_entity_src_gen.pdbx_host_org_atcc                 ? 
_entity_src_gen.pdbx_host_org_culture_collection   ? 
_entity_src_gen.pdbx_host_org_cell                 ? 
_entity_src_gen.pdbx_host_org_organelle            ? 
_entity_src_gen.pdbx_host_org_cellular_location    ? 
_entity_src_gen.pdbx_host_org_vector_type          ? 
_entity_src_gen.pdbx_host_org_vector               ? 
_entity_src_gen.host_org_details                   ? 
_entity_src_gen.expression_system_id               ? 
_entity_src_gen.plasmid_name                       ? 
_entity_src_gen.plasmid_details                    ? 
_entity_src_gen.pdbx_description                   ? 
# 
loop_
_chem_comp.id 
_chem_comp.type 
_chem_comp.mon_nstd_flag 
_chem_comp.name 
_chem_comp.pdbx_synonyms 
_chem_comp.formula 
_chem_comp.formula_weight 
ALA 'L-peptide linking' y ALANINE         ? 'C3 H7 N O2'     89.093  
ARG 'L-peptide linking' y ARGININE        ? 'C6 H15 N4 O2 1' 175.209 
ASN 'L-peptide linking' y ASPARAGINE      ? 'C4 H8 N2 O3'    132.118 
ASP 'L-peptide linking' y 'ASPARTIC ACID' ? 'C4 H7 N O4'     133.103 
CYS 'L-peptide linking' y CYSTEINE        ? 'C3 H7 N O2 S'   121.158 
GLN 'L-peptide linking' y GLUTAMINE       ? 'C5 H10 N2 O3'   146.144 
GLU 'L-peptide linking' y 'GLUTAMIC ACID' ? 'C5 H9 N O4'     147.129 
GLY 'peptide linking'   y GLYCINE         ? 'C2 H5 N O2'     75.067  
HIS 'L-peptide linking' y HISTIDINE       ? 'C6 H10 N3 O2 1' 156.162 
HOH non-polymer         . WATER           ? 'H2 O'           18.015  
ILE 'L-peptide linking' y ISOLEUCINE      ? 'C6 H13 N O2'    131.173 
LEU 'L-peptide linking' y LEUCINE         ? 'C6 H13 N O2'    131.173 
LYS 'L-peptide linking' y LYSINE          ? 'C6 H15 N2 O2 1' 147.195 
PHE 'L-peptide linking' y PHENYLALANINE   ? 'C9 H11 N O2'    165.189 
PRO 'L-peptide linking' y PROLINE         ? 'C5 H9 N O2'     115.130 
SER 'L-peptide linking' y SERINE          ? 'C3 H7 N O3'     105.093 
THR 'L-peptide linking' y THREONINE       ? 'C4 H9 N O3'     119.119 
TRP 'L-peptide linking' y TRYPTOPHAN      ? 'C11 H12 N2 O2'  204.225 
TYR 'L-peptide linking' y TYROSINE        ? 'C9 H11 N O3'    181.189 
VAL 'L-peptide linking' y VALINE          ? 'C5 H11 N O2'    117.146 
# 
loop_
_pdbx_poly_seq_scheme.asym_id 
_pdbx_poly_seq_scheme.entity_id 
_pdbx_poly_seq_scheme.seq_id 
_pdbx_poly_seq_scheme.mon_id 
_pdbx_poly_seq_scheme.ndb_seq_num 
_pdbx_poly_seq_scheme.pdb_seq_num 
_pdbx_poly_seq_scheme.auth_seq_num 
_pdbx_poly_seq_scheme.pdb_mon_id 
_pdbx_poly_seq_scheme.auth_mon_id 
_pdbx_poly_seq_scheme.pdb_strand_id 
_pdbx_poly_seq_scheme.pdb_ins_code 
_pdbx_poly_seq_scheme.hetero 
A 1 1   LEU 1   1   1   LEU LEU A . n 
A 1 2   GLY 2   2   2   GLY GLY A . n 
A 1 3   LYS 3   3   3   LYS LYS A . n 
A 1 4   PHE 4   4   4   PHE PHE A . n 
A 1 5   SER 5   5   5   SER SER A . n 
A 1 6   GLN 6   6   6   GLN GLN A . n 
A 1 7   THR 7   7   7   THR THR A . n 
A 1 8   CYS 8   8   8   CYS CYS A . n 
A 1 9   TYR 9   9   9   TYR TYR A . n 
A 1 10  ASN 10  10  10  ASN ASN A . n 
A 1 11  SER 11  11  11  SER SER A . n 
A 1 12  ALA 12  12  12  ALA ALA A . n 
A 1 13  ILE 13  13  13  ILE ILE A . n 
A 1 14  GLN 14  14  14  GLN GLN A . n 
A 1 15  GLY 15  15  15  GLY GLY A . n 
A 1 16  SER 16  16  16  SER SER A . n 
A 1 17  VAL 17  17  17  VAL VAL A . n 
A 1 18  LEU 18  18  18  LEU LEU A . n 
A 1 19  THR 19  19  19  THR THR A . n 
A 1 20  SER 20  20  20  SER SER A . n 
A 1 21  THR 21  21  21  THR THR A . n 
A 1 22  CYS 22  22  22  CYS CYS A . n 
A 1 23  GLU 23  23  23  GLU GLU A . n 
A 1 24  ARG 24  24  24  ARG ARG A . n 
A 1 25  THR 25  25  25  THR THR A . n 
A 1 26  ASN 26  26  26  ASN ASN A . n 
A 1 27  GLY 27  27  27  GLY GLY A . n 
A 1 28  GLY 28  28  28  GLY GLY A . n 
A 1 29  TYR 29  29  29  TYR TYR A . n 
A 1 30  ASN 30  30  30  ASN ASN A . n 
A 1 31  THR 31  31  31  THR THR A . n 
A 1 32  SER 32  32  32  SER SER A . n 
A 1 33  SER 33  33  33  SER SER A . n 
A 1 34  ILE 34  34  34  ILE ILE A . n 
A 1 35  ASP 35  35  35  ASP ASP A . n 
A 1 36  LEU 36  36  36  LEU LEU A . n 
A 1 37  ASN 37  37  37  ASN ASN A . n 
A 1 38  SER 38  38  38  SER SER A . n 
A 1 39  VAL 39  39  39  VAL VAL A . n 
A 1 40  ILE 40  40  40  ILE ILE A . n 
A 1 41  GLU 41  41  41  GLU GLU A . n 
A 1 42  ASN 42  42  42  ASN ASN A . n 
A 1 43  VAL 43  43  43  VAL VAL A . n 
A 1 44  ASP 44  44  44  ASP ASP A . n 
A 1 45  GLY 45  45  45  GLY GLY A . n 
A 1 46  SER 46  46  46  SER SER A . n 
A 1 47  LEU 47  47  47  LEU LEU A . n 
A 1 48  LYS 48  48  48  LYS LYS A . n 
A 1 49  TRP 49  49  49  TRP TRP A . n 
A 1 50  GLN 50  50  50  GLN GLN A . n 
A 1 51  PRO 51  51  51  PRO PRO A . n 
A 1 52  SER 52  52  52  SER SER A . n 
A 1 53  ASN 53  53  53  ASN ASN A . n 
A 1 54  PHE 54  54  54  PHE PHE A . n 
A 1 55  ILE 55  55  55  ILE ILE A . n 
A 1 56  GLU 56  56  56  GLU GLU A . n 
A 1 57  THR 57  57  57  THR THR A . n 
A 1 58  CYS 58  58  58  CYS CYS A . n 
A 1 59  ARG 59  59  59  ARG ARG A . n 
A 1 60  ASN 60  60  60  ASN ASN A . n 
A 1 61  THR 61  61  61  THR THR A . n 
A 1 62  GLN 62  62  62  GLN GLN A . n 
A 1 63  LEU 63  63  63  LEU LEU A . n 
A 1 64  ALA 64  64  64  ALA ALA A . n 
A 1 65  GLY 65  65  65  GLY GLY A . n 
A 1 66  SER 66  66  66  SER SER A . n 
A 1 67  SER 67  67  67  SER SER A . n 
A 1 68  GLU 68  68  68  GLU GLU A . n 
A 1 69  LEU 69  69  69  LEU LEU A . n 
A 1 70  ALA 70  70  70  ALA ALA A . n 
A 1 71  ALA 71  71  71  ALA ALA A . n 
A 1 72  GLU 72  72  72  GLU GLU A . n 
A 1 73  CYS 73  73  73  CYS CYS A . n 
A 1 74  LYS 74  74  74  LYS LYS A . n 
A 1 75  THR 75  75  75  THR THR A . n 
A 1 76  ARG 76  76  76  ARG ARG A . n 
A 1 77  ALA 77  77  77  ALA ALA A . n 
A 1 78  GLN 78  78  78  GLN GLN A . n 
A 1 79  GLN 79  79  79  GLN GLN A . n 
A 1 80  PHE 80  80  80  PHE PHE A . n 
A 1 81  VAL 81  81  81  VAL VAL A . n 
A 1 82  SER 82  82  82  SER SER A . n 
A 1 83  THR 83  83  83  THR THR A . n 
A 1 84  LYS 84  84  84  LYS LYS A . n 
A 1 85  ILE 85  85  85  ILE ILE A . n 
A 1 86  ASN 86  86  86  ASN ASN A . n 
A 1 87  LEU 87  87  87  LEU LEU A . n 
A 1 88  ASP 88  88  88  ASP ASP A . n 
A 1 89  ASP 89  89  89  ASP ASP A . n 
A 1 90  HIS 90  90  90  HIS HIS A . n 
A 1 91  ILE 91  91  91  ILE ILE A . n 
A 1 92  ALA 92  92  92  ALA ALA A . n 
A 1 93  ASN 93  93  93  ASN ASN A . n 
A 1 94  ILE 94  94  94  ILE ILE A . n 
A 1 95  ASP 95  95  95  ASP ASP A . n 
A 1 96  GLY 96  96  96  GLY GLY A . n 
A 1 97  THR 97  97  97  THR THR A . n 
A 1 98  LEU 98  98  98  LEU LEU A . n 
A 1 99  LYS 99  99  99  LYS LYS A . n 
A 1 100 TYR 100 100 100 TYR TYR A . n 
A 1 101 GLU 101 101 101 GLU GLU A . n 
# 
loop_
_pdbx_nonpoly_scheme.asym_id 
_pdbx_nonpoly_scheme.entity_id 
_pdbx_nonpoly_scheme.mon_id 
_pdbx_nonpoly_scheme.ndb_seq_num 
_pdbx_nonpoly_scheme.pdb_seq_num 
_pdbx_nonpoly_scheme.auth_seq_num 
_pdbx_nonpoly_scheme.pdb_mon_id 
_pdbx_nonpoly_scheme.auth_mon_id 
_pdbx_nonpoly_scheme.pdb_strand_id 
_pdbx_nonpoly_scheme.pdb_ins_code 
B 2 HOH 1   201 201 HOH HOH A . 
B 2 HOH 2   202 202 HOH HOH A . 
B 2 HOH 3   203 203 HOH HOH A . 
B 2 HOH 4   204 204 HOH HOH A . 
B 2 HOH 5   205 205 HOH HOH A . 
B 2 HOH 6   206 206 HOH HOH A . 
B 2 HOH 7   207 207 HOH HOH A . 
B 2 HOH 8   208 208 HOH HOH A . 
B 2 HOH 9   209 209 HOH HOH A . 
B 2 HOH 10  210 210 HOH HOH A . 
B 2 HOH 11  211 211 HOH HOH A . 
B 2 HOH 12  212 212 HOH HOH A . 
B 2 HOH 13  213 213 HOH HOH A . 
B 2 HOH 14  214 214 HOH HOH A . 
B 2 HOH 15  215 215 HOH HOH A . 
B 2 HOH 16  216 216 HOH HOH A . 
B 2 HOH 17  217 217 HOH HOH A . 
B 2 HOH 18  218 218 HOH HOH A . 
B 2 HOH 19  219 219 HOH HOH A . 
B 2 HOH 20  220 220 HOH HOH A . 
B 2 HOH 21  221 221 HOH HOH A . 
B 2 HOH 22  222 222 HOH HOH A . 
B 2 HOH 23  223 223 HOH HOH A . 
B 2 HOH 24  224 224 HOH HOH A . 
B 2 HOH 25  225 225 HOH HOH A . 
B 2 HOH 26  226 226 HOH HOH A . 
B 2 HOH 27  227 227 HOH HOH A . 
B 2 HOH 28  228 228 HOH HOH A . 
B 2 HOH 29  229 229 HOH HOH A . 
B 2 HOH 30  230 230 HOH HOH A . 
B 2 HOH 31  231 231 HOH HOH A . 
B 2 HOH 32  232 232 HOH HOH A . 
B 2 HOH 33  233 233 HOH HOH A . 
B 2 HOH 34  234 234 HOH HOH A . 
B 2 HOH 35  235 235 HOH HOH A . 
B 2 HOH 36  236 236 HOH HOH A . 
B 2 HOH 37  237 237 HOH HOH A . 
B 2 HOH 38  238 238 HOH HOH A . 
B 2 HOH 39  239 239 HOH HOH A . 
B 2 HOH 40  240 240 HOH HOH A . 
B 2 HOH 41  241 241 HOH HOH A . 
B 2 HOH 42  242 242 HOH HOH A . 
B 2 HOH 43  243 243 HOH HOH A . 
B 2 HOH 44  244 244 HOH HOH A . 
B 2 HOH 45  245 245 HOH HOH A . 
B 2 HOH 46  246 246 HOH HOH A . 
B 2 HOH 47  247 247 HOH HOH A . 
B 2 HOH 48  248 248 HOH HOH A . 
B 2 HOH 49  249 249 HOH HOH A . 
B 2 HOH 50  250 250 HOH HOH A . 
B 2 HOH 51  251 251 HOH HOH A . 
B 2 HOH 52  252 252 HOH HOH A . 
B 2 HOH 53  253 253 HOH HOH A . 
B 2 HOH 54  254 254 HOH HOH A . 
B 2 HOH 55  255 255 HOH HOH A . 
B 2 HOH 56  256 256 HOH HOH A . 
B 2 HOH 57  257 257 HOH HOH A . 
B 2 HOH 58  258 258 HOH HOH A . 
B 2 HOH 59  259 259 HOH HOH A . 
B 2 HOH 60  260 260 HOH HOH A . 
B 2 HOH 61  261 261 HOH HOH A . 
B 2 HOH 62  262 262 HOH HOH A . 
B 2 HOH 63  263 263 HOH HOH A . 
B 2 HOH 64  264 264 HOH HOH A . 
B 2 HOH 65  265 265 HOH HOH A . 
B 2 HOH 66  266 266 HOH HOH A . 
B 2 HOH 67  267 267 HOH HOH A . 
B 2 HOH 68  268 268 HOH HOH A . 
B 2 HOH 69  269 269 HOH HOH A . 
B 2 HOH 70  270 270 HOH HOH A . 
B 2 HOH 71  271 271 HOH HOH A . 
B 2 HOH 72  272 272 HOH HOH A . 
B 2 HOH 73  273 273 HOH HOH A . 
B 2 HOH 74  274 274 HOH HOH A . 
B 2 HOH 75  275 275 HOH HOH A . 
B 2 HOH 76  276 276 HOH HOH A . 
B 2 HOH 77  277 277 HOH HOH A . 
B 2 HOH 78  278 278 HOH HOH A . 
B 2 HOH 79  279 279 HOH HOH A . 
B 2 HOH 80  280 280 HOH HOH A . 
B 2 HOH 81  281 281 HOH HOH A . 
B 2 HOH 82  282 282 HOH HOH A . 
B 2 HOH 83  283 283 HOH HOH A . 
B 2 HOH 84  284 284 HOH HOH A . 
B 2 HOH 85  285 285 HOH HOH A . 
B 2 HOH 86  286 286 HOH HOH A . 
B 2 HOH 87  287 287 HOH HOH A . 
B 2 HOH 88  288 288 HOH HOH A . 
B 2 HOH 89  289 289 HOH HOH A . 
B 2 HOH 90  290 290 HOH HOH A . 
B 2 HOH 91  291 291 HOH HOH A . 
B 2 HOH 92  292 292 HOH HOH A . 
B 2 HOH 93  293 293 HOH HOH A . 
B 2 HOH 94  294 294 HOH HOH A . 
B 2 HOH 95  295 295 HOH HOH A . 
B 2 HOH 96  296 296 HOH HOH A . 
B 2 HOH 97  297 297 HOH HOH A . 
B 2 HOH 98  298 298 HOH HOH A . 
B 2 HOH 99  299 299 HOH HOH A . 
B 2 HOH 100 300 300 HOH HOH A . 
B 2 HOH 101 301 301 HOH HOH A . 
B 2 HOH 102 302 302 HOH HOH A . 
B 2 HOH 103 303 303 HOH HOH A . 
B 2 HOH 104 304 304 HOH HOH A . 
B 2 HOH 105 305 305 HOH HOH A . 
B 2 HOH 106 306 306 HOH HOH A . 
B 2 HOH 107 307 307 HOH HOH A . 
B 2 HOH 108 308 308 HOH HOH A . 
B 2 HOH 109 309 309 HOH HOH A . 
B 2 HOH 110 310 310 HOH HOH A . 
B 2 HOH 111 311 311 HOH HOH A . 
B 2 HOH 112 312 312 HOH HOH A . 
B 2 HOH 113 313 313 HOH HOH A . 
B 2 HOH 114 314 314 HOH HOH A . 
B 2 HOH 115 315 315 HOH HOH A . 
B 2 HOH 116 316 316 HOH HOH A . 
B 2 HOH 117 317 317 HOH HOH A . 
B 2 HOH 118 318 318 HOH HOH A . 
B 2 HOH 119 319 319 HOH HOH A . 
B 2 HOH 120 320 320 HOH HOH A . 
B 2 HOH 121 321 321 HOH HOH A . 
B 2 HOH 122 322 322 HOH HOH A . 
B 2 HOH 123 323 323 HOH HOH A . 
B 2 HOH 124 324 324 HOH HOH A . 
B 2 HOH 125 325 325 HOH HOH A . 
B 2 HOH 126 326 326 HOH HOH A . 
B 2 HOH 127 327 327 HOH HOH A . 
B 2 HOH 128 328 328 HOH HOH A . 
B 2 HOH 129 329 329 HOH HOH A . 
B 2 HOH 130 330 330 HOH HOH A . 
B 2 HOH 131 331 331 HOH HOH A . 
B 2 HOH 132 332 332 HOH HOH A . 
B 2 HOH 133 333 333 HOH HOH A . 
B 2 HOH 134 334 334 HOH HOH A . 
B 2 HOH 135 335 335 HOH HOH A . 
B 2 HOH 136 336 336 HOH HOH A . 
B 2 HOH 137 337 337 HOH HOH A . 
B 2 HOH 138 338 338 HOH HOH A . 
B 2 HOH 139 339 339 HOH HOH A . 
B 2 HOH 140 340 340 HOH HOH A . 
B 2 HOH 141 341 341 HOH HOH A . 
B 2 HOH 142 342 342 HOH HOH A . 
B 2 HOH 143 343 343 HOH HOH A . 
B 2 HOH 144 344 344 HOH HOH A . 
B 2 HOH 145 345 345 HOH HOH A . 
B 2 HOH 146 346 346 HOH HOH A . 
B 2 HOH 147 347 347 HOH HOH A . 
B 2 HOH 148 348 348 HOH HOH A . 
B 2 HOH 149 349 349 HOH HOH A . 
B 2 HOH 150 350 350 HOH HOH A . 
B 2 HOH 151 351 351 HOH HOH A . 
B 2 HOH 152 352 352 HOH HOH A . 
B 2 HOH 153 353 353 HOH HOH A . 
B 2 HOH 154 354 354 HOH HOH A . 
B 2 HOH 155 355 355 HOH HOH A . 
B 2 HOH 156 356 356 HOH HOH A . 
B 2 HOH 157 357 357 HOH HOH A . 
B 2 HOH 158 358 358 HOH HOH A . 
B 2 HOH 159 359 359 HOH HOH A . 
B 2 HOH 160 360 360 HOH HOH A . 
B 2 HOH 161 361 361 HOH HOH A . 
B 2 HOH 162 362 362 HOH HOH A . 
B 2 HOH 163 363 363 HOH HOH A . 
B 2 HOH 164 364 364 HOH HOH A . 
B 2 HOH 165 365 365 HOH HOH A . 
B 2 HOH 166 366 366 HOH HOH A . 
B 2 HOH 167 367 367 HOH HOH A . 
B 2 HOH 168 368 368 HOH HOH A . 
B 2 HOH 169 369 369 HOH HOH A . 
B 2 HOH 170 370 370 HOH HOH A . 
B 2 HOH 171 371 371 HOH HOH A . 
B 2 HOH 172 372 372 HOH HOH A . 
B 2 HOH 173 373 373 HOH HOH A . 
B 2 HOH 174 374 374 HOH HOH A . 
B 2 HOH 175 375 375 HOH HOH A . 
B 2 HOH 176 376 376 HOH HOH A . 
B 2 HOH 177 377 377 HOH HOH A . 
B 2 HOH 178 378 378 HOH HOH A . 
B 2 HOH 179 379 379 HOH HOH A . 
B 2 HOH 180 380 380 HOH HOH A . 
B 2 HOH 181 381 381 HOH HOH A . 
B 2 HOH 182 382 382 HOH HOH A . 
B 2 HOH 183 383 383 HOH HOH A . 
B 2 HOH 184 384 384 HOH HOH A . 
B 2 HOH 185 385 385 HOH HOH A . 
B 2 HOH 186 386 386 HOH HOH A . 
B 2 HOH 187 387 387 HOH HOH A . 
B 2 HOH 188 388 388 HOH HOH A . 
B 2 HOH 189 389 389 HOH HOH A . 
B 2 HOH 190 390 390 HOH HOH A . 
B 2 HOH 191 391 391 HOH HOH A . 
B 2 HOH 192 392 392 HOH HOH A . 
B 2 HOH 193 393 393 HOH HOH A . 
B 2 HOH 194 394 394 HOH HOH A . 
B 2 HOH 195 395 395 HOH HOH A . 
B 2 HOH 196 396 396 HOH HOH A . 
B 2 HOH 197 397 397 HOH HOH A . 
B 2 HOH 198 398 398 HOH HOH A . 
B 2 HOH 199 399 399 HOH HOH A . 
B 2 HOH 200 400 400 HOH HOH A . 
B 2 HOH 201 401 401 HOH HOH A . 
B 2 HOH 202 402 402 HOH HOH A . 
B 2 HOH 203 403 403 HOH HOH A . 
B 2 HOH 204 404 404 HOH HOH A . 
B 2 HOH 205 405 405 HOH HOH A . 
B 2 HOH 206 406 406 HOH HOH A . 
B 2 HOH 207 407 407 HOH HOH A . 
# 
loop_
_pdbx_unobs_or_zero_occ_atoms.id 
_pdbx_unobs_or_zero_occ_atoms.PDB_model_num 
_pdbx_unobs_or_zero_occ_atoms.polymer_flag 
_pdbx_unobs_or_zero_occ_atoms.occupancy_flag 
_pdbx_unobs_or_zero_occ_atoms.auth_asym_id 
_pdbx_unobs_or_zero_occ_atoms.auth_comp_id 
_pdbx_unobs_or_zero_occ_atoms.auth_seq_id 
_pdbx_unobs_or_zero_occ_atoms.PDB_ins_code 
_pdbx_unobs_or_zero_occ_atoms.auth_atom_id 
_pdbx_unobs_or_zero_occ_atoms.label_alt_id 
_pdbx_unobs_or_zero_occ_atoms.label_asym_id 
_pdbx_unobs_or_zero_occ_atoms.label_comp_id 
_pdbx_unobs_or_zero_occ_atoms.label_seq_id 
_pdbx_unobs_or_zero_occ_atoms.label_atom_id 
1 1 Y 0 A ASN 26 ? CG  ? A ASN 26 CG  
2 1 Y 0 A ASN 26 ? OD1 ? A ASN 26 OD1 
3 1 Y 0 A ASN 26 ? ND2 ? A ASN 26 ND2 
# 
loop_
_software.name 
_software.classification 
_software.version 
_software.citation_id 
_software.pdbx_ordinal 
DENZO     'data reduction' .   ? 1 
SCALEPACK 'data scaling'   .   ? 2 
AMoRE     phasing          .   ? 3 
CNS       refinement       0.4 ? 4 
# 
_cell.entry_id           3EZM 
_cell.length_a           48.068 
_cell.length_b           48.068 
_cell.length_c           79.080 
_cell.angle_alpha        90.00 
_cell.angle_beta         90.00 
_cell.angle_gamma        120.00 
_cell.Z_PDB              6 
_cell.pdbx_unique_axis   ? 
# 
_symmetry.entry_id                         3EZM 
_symmetry.space_group_name_H-M             'P 32 2 1' 
_symmetry.pdbx_full_space_group_name_H-M   ? 
_symmetry.cell_setting                     ? 
_symmetry.Int_Tables_number                154 
# 
_exptl.entry_id          3EZM 
_exptl.method            'X-RAY DIFFRACTION' 
_exptl.crystals_number   1 
# 
_exptl_crystal.id                    1 
_exptl_crystal.density_meas          ? 
_exptl_crystal.density_Matthews      2.39 
_exptl_crystal.density_percent_sol   48.2 
_exptl_crystal.description           ? 
# 
_exptl_crystal_grow.crystal_id      1 
_exptl_crystal_grow.method          ? 
_exptl_crystal_grow.temp            ? 
_exptl_crystal_grow.temp_details    ? 
_exptl_crystal_grow.pH              4.4 
_exptl_crystal_grow.pdbx_details    '26% ISOPROPANOL, 0.1M SODIUM ACETATE, 0.15M CALCIUM CHLORIDE, 5% PEG 400, PH 4.4' 
_exptl_crystal_grow.pdbx_pH_range   ? 
# 
loop_
_exptl_crystal_grow_comp.crystal_id 
_exptl_crystal_grow_comp.id 
_exptl_crystal_grow_comp.sol_id 
_exptl_crystal_grow_comp.name 
_exptl_crystal_grow_comp.volume 
_exptl_crystal_grow_comp.conc 
_exptl_crystal_grow_comp.details 
1 1 1 ISOPROPANOL      ? ? ? 
1 2 1 'SODIUM ACETATE' ? ? ? 
1 3 1 'PEG 400'        ? ? ? 
1 4 1 CACL2            ? ? ? 
# 
_diffrn.id                     1 
_diffrn.ambient_temp           100 
_diffrn.ambient_temp_details   ? 
_diffrn.crystal_id             1 
# 
_diffrn_detector.diffrn_id              1 
_diffrn_detector.detector               CCD 
_diffrn_detector.type                   ADSC 
_diffrn_detector.pdbx_collection_date   1998-08 
_diffrn_detector.details                ? 
# 
_diffrn_radiation.diffrn_id                        1 
_diffrn_radiation.wavelength_id                    1 
_diffrn_radiation.pdbx_monochromatic_or_laue_m_l   M 
_diffrn_radiation.monochromator                    ? 
_diffrn_radiation.pdbx_diffrn_protocol             'SINGLE WAVELENGTH' 
_diffrn_radiation.pdbx_scattering_type             x-ray 
# 
_diffrn_radiation_wavelength.id           1 
_diffrn_radiation_wavelength.wavelength   0.9795 
_diffrn_radiation_wavelength.wt           1.0 
# 
_diffrn_source.diffrn_id                   1 
_diffrn_source.source                      SYNCHROTRON 
_diffrn_source.type                        'CHESS BEAMLINE F2' 
_diffrn_source.pdbx_synchrotron_site       CHESS 
_diffrn_source.pdbx_synchrotron_beamline   F2 
_diffrn_source.pdbx_wavelength             0.9795 
_diffrn_source.pdbx_wavelength_list        ? 
# 
_reflns.entry_id                     3EZM 
_reflns.observed_criterion_sigma_I   -3 
_reflns.observed_criterion_sigma_F   ? 
_reflns.d_resolution_low             10 
_reflns.d_resolution_high            1.5 
_reflns.number_obs                   17537 
_reflns.number_all                   ? 
_reflns.percent_possible_obs         99.9 
_reflns.pdbx_Rmerge_I_obs            ? 
_reflns.pdbx_Rsym_value              0.058 
_reflns.pdbx_netI_over_sigmaI        9.5 
_reflns.B_iso_Wilson_estimate        13.5 
_reflns.pdbx_redundancy              6.1 
_reflns.R_free_details               ? 
_reflns.limit_h_max                  ? 
_reflns.limit_h_min                  ? 
_reflns.limit_k_max                  ? 
_reflns.limit_k_min                  ? 
_reflns.limit_l_max                  ? 
_reflns.limit_l_min                  ? 
_reflns.observed_criterion_F_max     ? 
_reflns.observed_criterion_F_min     ? 
_reflns.pdbx_ordinal                 1 
_reflns.pdbx_diffrn_id               1 
# 
_reflns_shell.d_res_high             1.5 
_reflns_shell.d_res_low              1.54 
_reflns_shell.percent_possible_all   99.9 
_reflns_shell.Rmerge_I_obs           ? 
_reflns_shell.pdbx_Rsym_value        0.368 
_reflns_shell.meanI_over_sigI_obs    ? 
_reflns_shell.pdbx_redundancy        ? 
_reflns_shell.percent_possible_obs   ? 
_reflns_shell.number_unique_all      ? 
_reflns_shell.pdbx_ordinal           1 
_reflns_shell.pdbx_diffrn_id         1 
# 
_refine.entry_id                                 3EZM 
_refine.ls_number_reflns_obs                     15993 
_refine.ls_number_reflns_all                     ? 
_refine.pdbx_ls_sigma_I                          ? 
_refine.pdbx_ls_sigma_F                          2.0 
_refine.pdbx_data_cutoff_high_absF               ? 
_refine.pdbx_data_cutoff_low_absF                ? 
_refine.pdbx_data_cutoff_high_rms_absF           ? 
_refine.ls_d_res_low                             10.0 
_refine.ls_d_res_high                            1.5 
_refine.ls_percent_reflns_obs                    91.6 
_refine.ls_R_factor_obs                          ? 
_refine.ls_R_factor_all                          ? 
_refine.ls_R_factor_R_work                       0.184 
_refine.ls_R_factor_R_free                       0.206 
_refine.ls_R_factor_R_free_error                 0.005 
_refine.ls_R_factor_R_free_error_details         ? 
_refine.ls_percent_reflns_R_free                 10.1 
_refine.ls_number_reflns_R_free                  1608 
_refine.ls_number_parameters                     ? 
_refine.ls_number_restraints                     ? 
_refine.occupancy_min                            ? 
_refine.occupancy_max                            ? 
_refine.B_iso_mean                               17.2 
_refine.aniso_B[1][1]                            1.27 
_refine.aniso_B[2][2]                            1.27 
_refine.aniso_B[3][3]                            -2.53 
_refine.aniso_B[1][2]                            0.72 
_refine.aniso_B[1][3]                            0 
_refine.aniso_B[2][3]                            0 
_refine.solvent_model_details                    'FLAT MODEL' 
_refine.solvent_model_param_ksol                 0.382 
_refine.solvent_model_param_bsol                 68.01 
_refine.pdbx_ls_cross_valid_method               THROUGHOUT 
_refine.details                                  ? 
_refine.pdbx_starting_model                      'PDB ENTRY 2EZM' 
_refine.pdbx_method_to_determine_struct          'MOLECULAR REPLACEMENT' 
_refine.pdbx_isotropic_thermal_model             RESTRAINED 
_refine.pdbx_stereochemistry_target_values       ? 
_refine.pdbx_stereochem_target_val_spec_case     ? 
_refine.pdbx_R_Free_selection_details            RANDOM 
_refine.pdbx_overall_ESU_R                       ? 
_refine.pdbx_overall_ESU_R_Free                  ? 
_refine.overall_SU_ML                            ? 
_refine.overall_SU_B                             ? 
_refine.ls_redundancy_reflns_obs                 ? 
_refine.B_iso_min                                ? 
_refine.B_iso_max                                ? 
_refine.pdbx_refine_id                           'X-RAY DIFFRACTION' 
_refine.pdbx_diffrn_id                           1 
_refine.pdbx_TLS_residual_ADP_flag               ? 
_refine.correlation_coeff_Fo_to_Fc               ? 
_refine.correlation_coeff_Fo_to_Fc_free          ? 
_refine.pdbx_solvent_vdw_probe_radii             ? 
_refine.pdbx_solvent_ion_probe_radii             ? 
_refine.pdbx_solvent_shrinkage_radii             ? 
_refine.pdbx_overall_phase_error                 ? 
_refine.overall_SU_R_Cruickshank_DPI             ? 
_refine.pdbx_overall_SU_R_free_Cruickshank_DPI   ? 
_refine.pdbx_overall_SU_R_Blow_DPI               ? 
_refine.pdbx_overall_SU_R_free_Blow_DPI          ? 
# 
_refine_analyze.entry_id                        3EZM 
_refine_analyze.Luzzati_coordinate_error_obs    0.16 
_refine_analyze.Luzzati_sigma_a_obs             0.09 
_refine_analyze.Luzzati_d_res_low_obs           5.00 
_refine_analyze.Luzzati_coordinate_error_free   0.18 
_refine_analyze.Luzzati_sigma_a_free            0.09 
_refine_analyze.Luzzati_d_res_low_free          ? 
_refine_analyze.number_disordered_residues      ? 
_refine_analyze.occupancy_sum_hydrogen          ? 
_refine_analyze.occupancy_sum_non_hydrogen      ? 
_refine_analyze.pdbx_Luzzati_d_res_high_obs     ? 
_refine_analyze.pdbx_refine_id                  'X-RAY DIFFRACTION' 
# 
_refine_hist.pdbx_refine_id                   'X-RAY DIFFRACTION' 
_refine_hist.cycle_id                         LAST 
_refine_hist.pdbx_number_atoms_protein        771 
_refine_hist.pdbx_number_atoms_nucleic_acid   0 
_refine_hist.pdbx_number_atoms_ligand         0 
_refine_hist.number_atoms_solvent             207 
_refine_hist.number_atoms_total               978 
_refine_hist.d_res_high                       1.5 
_refine_hist.d_res_low                        10.0 
# 
loop_
_refine_ls_restr.type 
_refine_ls_restr.dev_ideal 
_refine_ls_restr.dev_ideal_target 
_refine_ls_restr.weight 
_refine_ls_restr.number 
_refine_ls_restr.pdbx_refine_id 
_refine_ls_restr.pdbx_restraint_function 
x_bond_d                0.004 ?    ? ? 'X-RAY DIFFRACTION' ? 
x_bond_d_na             ?     ?    ? ? 'X-RAY DIFFRACTION' ? 
x_bond_d_prot           ?     ?    ? ? 'X-RAY DIFFRACTION' ? 
x_angle_d               ?     ?    ? ? 'X-RAY DIFFRACTION' ? 
x_angle_d_na            ?     ?    ? ? 'X-RAY DIFFRACTION' ? 
x_angle_d_prot          ?     ?    ? ? 'X-RAY DIFFRACTION' ? 
x_angle_deg             1.2   ?    ? ? 'X-RAY DIFFRACTION' ? 
x_angle_deg_na          ?     ?    ? ? 'X-RAY DIFFRACTION' ? 
x_angle_deg_prot        ?     ?    ? ? 'X-RAY DIFFRACTION' ? 
x_dihedral_angle_d      25.9  ?    ? ? 'X-RAY DIFFRACTION' ? 
x_dihedral_angle_d_na   ?     ?    ? ? 'X-RAY DIFFRACTION' ? 
x_dihedral_angle_d_prot ?     ?    ? ? 'X-RAY DIFFRACTION' ? 
x_improper_angle_d      0.56  ?    ? ? 'X-RAY DIFFRACTION' ? 
x_improper_angle_d_na   ?     ?    ? ? 'X-RAY DIFFRACTION' ? 
x_improper_angle_d_prot ?     ?    ? ? 'X-RAY DIFFRACTION' ? 
x_mcbond_it             1.16  1.5  ? ? 'X-RAY DIFFRACTION' ? 
x_mcangle_it            1.77  2.00 ? ? 'X-RAY DIFFRACTION' ? 
x_scbond_it             2.05  2.00 ? ? 'X-RAY DIFFRACTION' ? 
x_scangle_it            3.00  2.50 ? ? 'X-RAY DIFFRACTION' ? 
# 
_refine_ls_shell.pdbx_total_number_of_bins_used   8 
_refine_ls_shell.d_res_high                       1.5 
_refine_ls_shell.d_res_low                        1.57 
_refine_ls_shell.number_reflns_R_work             1529 
_refine_ls_shell.R_factor_R_work                  0.2 
_refine_ls_shell.percent_reflns_obs               80.3 
_refine_ls_shell.R_factor_R_free                  0.209 
_refine_ls_shell.R_factor_R_free_error            0.016 
_refine_ls_shell.percent_reflns_R_free            10.1 
_refine_ls_shell.number_reflns_R_free             172 
_refine_ls_shell.redundancy_reflns_obs            ? 
_refine_ls_shell.number_reflns_all                ? 
_refine_ls_shell.number_reflns_obs                ? 
_refine_ls_shell.pdbx_refine_id                   'X-RAY DIFFRACTION' 
_refine_ls_shell.R_factor_all                     ? 
# 
loop_
_pdbx_xplor_file.serial_no 
_pdbx_xplor_file.param_file 
_pdbx_xplor_file.topol_file 
_pdbx_xplor_file.pdbx_refine_id 
1 PROTEIN_REP.PARAM PROTEIN.TOP 'X-RAY DIFFRACTION' 
2 WATER_REP.PARAM   WATER.TOP   'X-RAY DIFFRACTION' 
# 
_struct.entry_id                  3EZM 
_struct.title                     CYANOVIRIN-N 
_struct.pdbx_model_details        ? 
_struct.pdbx_CASP_flag            ? 
_struct.pdbx_model_type_details   ? 
# 
_struct_keywords.entry_id        3EZM 
_struct_keywords.pdbx_keywords   'IMMUNE SYSTEM' 
_struct_keywords.text            'CYANOVIRIN-N, HIV-INACTIVATING, DOMAIN-SWAPPING, GP120, IMMUNE SYSTEM' 
# 
loop_
_struct_asym.id 
_struct_asym.pdbx_blank_PDB_chainid_flag 
_struct_asym.pdbx_modified 
_struct_asym.entity_id 
_struct_asym.details 
A N N 1 ? 
B N N 2 ? 
# 
_struct_ref.id                         1 
_struct_ref.db_name                    UNP 
_struct_ref.db_code                    CVN_NOSEL 
_struct_ref.entity_id                  1 
_struct_ref.pdbx_db_accession          P81180 
_struct_ref.pdbx_align_begin           ? 
_struct_ref.pdbx_seq_one_letter_code   ? 
_struct_ref.pdbx_db_isoform            ? 
# 
_struct_ref_seq.align_id                      1 
_struct_ref_seq.ref_id                        1 
_struct_ref_seq.pdbx_PDB_id_code              3EZM 
_struct_ref_seq.pdbx_strand_id                A 
_struct_ref_seq.seq_align_beg                 1 
_struct_ref_seq.pdbx_seq_align_beg_ins_code   ? 
_struct_ref_seq.seq_align_end                 101 
_struct_ref_seq.pdbx_seq_align_end_ins_code   ? 
_struct_ref_seq.pdbx_db_accession             P81180 
_struct_ref_seq.db_align_beg                  1 
_struct_ref_seq.pdbx_db_align_beg_ins_code    ? 
_struct_ref_seq.db_align_end                  101 
_struct_ref_seq.pdbx_db_align_end_ins_code    ? 
_struct_ref_seq.pdbx_auth_seq_align_beg       1 
_struct_ref_seq.pdbx_auth_seq_align_end       101 
# 
loop_
_struct_ref_seq_dif.align_id 
_struct_ref_seq_dif.pdbx_pdb_id_code 
_struct_ref_seq_dif.mon_id 
_struct_ref_seq_dif.pdbx_pdb_strand_id 
_struct_ref_seq_dif.seq_num 
_struct_ref_seq_dif.pdbx_pdb_ins_code 
_struct_ref_seq_dif.pdbx_seq_db_name 
_struct_ref_seq_dif.pdbx_seq_db_accession_code 
_struct_ref_seq_dif.db_mon_id 
_struct_ref_seq_dif.pdbx_seq_db_seq_num 
_struct_ref_seq_dif.details 
_struct_ref_seq_dif.pdbx_auth_seq_num 
_struct_ref_seq_dif.pdbx_ordinal 
1 3EZM ILE A 40 ? UNP P81180 GLU 40 conflict 40 1 
1 3EZM GLU A 41 ? UNP P81180 ILE 41 conflict 41 2 
# 
loop_
_pdbx_struct_assembly.id 
_pdbx_struct_assembly.details 
_pdbx_struct_assembly.method_details 
_pdbx_struct_assembly.oligomeric_details 
_pdbx_struct_assembly.oligomeric_count 
1 author_defined_assembly   ?        monomeric 1 
2 software_defined_assembly PISA,PQS dimeric   2 
# 
loop_
_pdbx_struct_assembly_prop.biol_id 
_pdbx_struct_assembly_prop.type 
_pdbx_struct_assembly_prop.value 
_pdbx_struct_assembly_prop.details 
2 'ABSA (A^2)' 6510  ? 
2 MORE         -43   ? 
2 'SSA (A^2)'  10850 ? 
# 
loop_
_pdbx_struct_assembly_gen.assembly_id 
_pdbx_struct_assembly_gen.oper_expression 
_pdbx_struct_assembly_gen.asym_id_list 
1 1   A,B 
2 1,2 A,B 
# 
loop_
_pdbx_struct_oper_list.id 
_pdbx_struct_oper_list.type 
_pdbx_struct_oper_list.name 
_pdbx_struct_oper_list.symmetry_operation 
_pdbx_struct_oper_list.matrix[1][1] 
_pdbx_struct_oper_list.matrix[1][2] 
_pdbx_struct_oper_list.matrix[1][3] 
_pdbx_struct_oper_list.vector[1] 
_pdbx_struct_oper_list.matrix[2][1] 
_pdbx_struct_oper_list.matrix[2][2] 
_pdbx_struct_oper_list.matrix[2][3] 
_pdbx_struct_oper_list.vector[2] 
_pdbx_struct_oper_list.matrix[3][1] 
_pdbx_struct_oper_list.matrix[3][2] 
_pdbx_struct_oper_list.matrix[3][3] 
_pdbx_struct_oper_list.vector[3] 
1 'identity operation'         1_555 x,y,z    1.0000000000 0.0000000000 0.0000000000  0.0000000000 0.0000000000 1.0000000000  0.0000000000  0.0000000000  0.0000000000  0.0000000000  1.0000000000  0.0000000000  
2 'crystal symmetry operation' 4_556 y,x,-z+1 0.3685089234 0.4811009165 -0.7954514954 0.9290576419 0.4811009165 -0.8308684088 -0.2796419058 -4.7174497849 -0.7954514954 -0.2796419058 -0.5376405146 -1.2548166015 
# 
_struct_biol.id   1 
# 
loop_
_struct_conf.conf_type_id 
_struct_conf.id 
_struct_conf.pdbx_PDB_helix_id 
_struct_conf.beg_label_comp_id 
_struct_conf.beg_label_asym_id 
_struct_conf.beg_label_seq_id 
_struct_conf.pdbx_beg_PDB_ins_code 
_struct_conf.end_label_comp_id 
_struct_conf.end_label_asym_id 
_struct_conf.end_label_seq_id 
_struct_conf.pdbx_end_PDB_ins_code 
_struct_conf.beg_auth_comp_id 
_struct_conf.beg_auth_asym_id 
_struct_conf.beg_auth_seq_id 
_struct_conf.end_auth_comp_id 
_struct_conf.end_auth_asym_id 
_struct_conf.end_auth_seq_id 
_struct_conf.pdbx_PDB_helix_class 
_struct_conf.details 
_struct_conf.pdbx_PDB_helix_length 
HELX_P HELX_P1 1 PHE A 4  ? THR A 7  ? PHE A 4  THR A 7  5 ? 4 
HELX_P HELX_P2 2 LEU A 36 ? SER A 38 ? LEU A 36 SER A 38 5 ? 3 
HELX_P HELX_P3 3 LEU A 87 ? ASP A 89 ? LEU A 87 ASP A 89 5 ? 3 
# 
_struct_conf_type.id          HELX_P 
_struct_conf_type.criteria    ? 
_struct_conf_type.reference   ? 
# 
loop_
_struct_conn.id 
_struct_conn.conn_type_id 
_struct_conn.pdbx_leaving_atom_flag 
_struct_conn.pdbx_PDB_id 
_struct_conn.ptnr1_label_asym_id 
_struct_conn.ptnr1_label_comp_id 
_struct_conn.ptnr1_label_seq_id 
_struct_conn.ptnr1_label_atom_id 
_struct_conn.pdbx_ptnr1_label_alt_id 
_struct_conn.pdbx_ptnr1_PDB_ins_code 
_struct_conn.pdbx_ptnr1_standard_comp_id 
_struct_conn.ptnr1_symmetry 
_struct_conn.ptnr2_label_asym_id 
_struct_conn.ptnr2_label_comp_id 
_struct_conn.ptnr2_label_seq_id 
_struct_conn.ptnr2_label_atom_id 
_struct_conn.pdbx_ptnr2_label_alt_id 
_struct_conn.pdbx_ptnr2_PDB_ins_code 
_struct_conn.ptnr1_auth_asym_id 
_struct_conn.ptnr1_auth_comp_id 
_struct_conn.ptnr1_auth_seq_id 
_struct_conn.ptnr2_auth_asym_id 
_struct_conn.ptnr2_auth_comp_id 
_struct_conn.ptnr2_auth_seq_id 
_struct_conn.ptnr2_symmetry 
_struct_conn.pdbx_ptnr3_label_atom_id 
_struct_conn.pdbx_ptnr3_label_seq_id 
_struct_conn.pdbx_ptnr3_label_comp_id 
_struct_conn.pdbx_ptnr3_label_asym_id 
_struct_conn.pdbx_ptnr3_label_alt_id 
_struct_conn.pdbx_ptnr3_PDB_ins_code 
_struct_conn.details 
_struct_conn.pdbx_dist_value 
_struct_conn.pdbx_value_order 
_struct_conn.pdbx_role 
disulf1 disulf ? ? A CYS 8  SG ? ? ? 1_555 A CYS 22 SG ? ? A CYS 8  A CYS 22 1_555 ? ? ? ? ? ? ? 2.030 ? ? 
disulf2 disulf ? ? A CYS 58 SG ? ? ? 1_555 A CYS 73 SG ? ? A CYS 58 A CYS 73 1_555 ? ? ? ? ? ? ? 2.038 ? ? 
# 
_struct_conn_type.id          disulf 
_struct_conn_type.criteria    ? 
_struct_conn_type.reference   ? 
# 
loop_
_pdbx_modification_feature.ordinal 
_pdbx_modification_feature.label_comp_id 
_pdbx_modification_feature.label_asym_id 
_pdbx_modification_feature.label_seq_id 
_pdbx_modification_feature.label_alt_id 
_pdbx_modification_feature.modified_residue_label_comp_id 
_pdbx_modification_feature.modified_residue_label_asym_id 
_pdbx_modification_feature.modified_residue_label_seq_id 
_pdbx_modification_feature.modified_residue_label_alt_id 
_pdbx_modification_feature.auth_comp_id 
_pdbx_modification_feature.auth_asym_id 
_pdbx_modification_feature.auth_seq_id 
_pdbx_modification_feature.PDB_ins_code 
_pdbx_modification_feature.symmetry 
_pdbx_modification_feature.modified_residue_auth_comp_id 
_pdbx_modification_feature.modified_residue_auth_asym_id 
_pdbx_modification_feature.modified_residue_auth_seq_id 
_pdbx_modification_feature.modified_residue_PDB_ins_code 
_pdbx_modification_feature.modified_residue_symmetry 
_pdbx_modification_feature.comp_id_linking_atom 
_pdbx_modification_feature.modified_residue_id_linking_atom 
_pdbx_modification_feature.modified_residue_id 
_pdbx_modification_feature.ref_pcm_id 
_pdbx_modification_feature.ref_comp_id 
_pdbx_modification_feature.type 
_pdbx_modification_feature.category 
1 CYS A 8  ? CYS A 22 ? CYS A 8  ? 1_555 CYS A 22 ? 1_555 SG SG . . . None 'Disulfide bridge' 
2 CYS A 58 ? CYS A 73 ? CYS A 58 ? 1_555 CYS A 73 ? 1_555 SG SG . . . None 'Disulfide bridge' 
# 
loop_
_struct_sheet.id 
_struct_sheet.type 
_struct_sheet.number_strands 
_struct_sheet.details 
A ? 3 ? 
B ? 2 ? 
C ? 3 ? 
D ? 2 ? 
# 
loop_
_struct_sheet_order.sheet_id 
_struct_sheet_order.range_id_1 
_struct_sheet_order.range_id_2 
_struct_sheet_order.offset 
_struct_sheet_order.sense 
A 2 3 ? anti-parallel 
C 2 3 ? anti-parallel 
# 
loop_
_struct_sheet_range.sheet_id 
_struct_sheet_range.id 
_struct_sheet_range.beg_label_comp_id 
_struct_sheet_range.beg_label_asym_id 
_struct_sheet_range.beg_label_seq_id 
_struct_sheet_range.pdbx_beg_PDB_ins_code 
_struct_sheet_range.end_label_comp_id 
_struct_sheet_range.end_label_asym_id 
_struct_sheet_range.end_label_seq_id 
_struct_sheet_range.pdbx_end_PDB_ins_code 
_struct_sheet_range.beg_auth_comp_id 
_struct_sheet_range.beg_auth_asym_id 
_struct_sheet_range.beg_auth_seq_id 
_struct_sheet_range.end_auth_comp_id 
_struct_sheet_range.end_auth_asym_id 
_struct_sheet_range.end_auth_seq_id 
A 1 ALA A 12 ? GLN A 14  ? ALA A 12 GLN A 14  
A 2 VAL A 17 ? GLU A 23  ? VAL A 17 GLU A 23  
A 3 TYR A 29 ? ASP A 35  ? TYR A 29 ASP A 35  
B 1 ILE A 40 ? VAL A 43  ? ILE A 40 VAL A 43  
B 2 SER A 46 ? TRP A 49  ? SER A 46 TRP A 49  
C 1 GLN A 62 ? ALA A 64  ? GLN A 62 ALA A 64  
C 2 GLU A 68 ? LYS A 74  ? GLU A 68 LYS A 74  
C 3 PHE A 80 ? ASN A 86  ? PHE A 80 ASN A 86  
D 1 ILE A 91 ? ILE A 94  ? ILE A 91 ILE A 94  
D 2 THR A 97 ? TYR A 100 ? THR A 97 TYR A 100 
# 
loop_
_pdbx_struct_sheet_hbond.sheet_id 
_pdbx_struct_sheet_hbond.range_id_1 
_pdbx_struct_sheet_hbond.range_id_2 
_pdbx_struct_sheet_hbond.range_1_label_atom_id 
_pdbx_struct_sheet_hbond.range_1_label_comp_id 
_pdbx_struct_sheet_hbond.range_1_label_asym_id 
_pdbx_struct_sheet_hbond.range_1_label_seq_id 
_pdbx_struct_sheet_hbond.range_1_PDB_ins_code 
_pdbx_struct_sheet_hbond.range_1_auth_atom_id 
_pdbx_struct_sheet_hbond.range_1_auth_comp_id 
_pdbx_struct_sheet_hbond.range_1_auth_asym_id 
_pdbx_struct_sheet_hbond.range_1_auth_seq_id 
_pdbx_struct_sheet_hbond.range_2_label_atom_id 
_pdbx_struct_sheet_hbond.range_2_label_comp_id 
_pdbx_struct_sheet_hbond.range_2_label_asym_id 
_pdbx_struct_sheet_hbond.range_2_label_seq_id 
_pdbx_struct_sheet_hbond.range_2_PDB_ins_code 
_pdbx_struct_sheet_hbond.range_2_auth_atom_id 
_pdbx_struct_sheet_hbond.range_2_auth_comp_id 
_pdbx_struct_sheet_hbond.range_2_auth_asym_id 
_pdbx_struct_sheet_hbond.range_2_auth_seq_id 
A 2 3 O LEU A 18 ? O LEU A 18 N ILE A 34 ? N ILE A 34 
C 2 3 O LEU A 69 ? O LEU A 69 N ILE A 85 ? N ILE A 85 
# 
_pdbx_entry_details.entry_id                   3EZM 
_pdbx_entry_details.compound_details           ? 
_pdbx_entry_details.source_details             ? 
_pdbx_entry_details.nonpolymer_details         ? 
_pdbx_entry_details.sequence_details           ? 
_pdbx_entry_details.has_ligand_of_interest     ? 
_pdbx_entry_details.has_protein_modification   Y 
# 
loop_
_pdbx_validate_symm_contact.id 
_pdbx_validate_symm_contact.PDB_model_num 
_pdbx_validate_symm_contact.auth_atom_id_1 
_pdbx_validate_symm_contact.auth_asym_id_1 
_pdbx_validate_symm_contact.auth_comp_id_1 
_pdbx_validate_symm_contact.auth_seq_id_1 
_pdbx_validate_symm_contact.PDB_ins_code_1 
_pdbx_validate_symm_contact.label_alt_id_1 
_pdbx_validate_symm_contact.site_symmetry_1 
_pdbx_validate_symm_contact.auth_atom_id_2 
_pdbx_validate_symm_contact.auth_asym_id_2 
_pdbx_validate_symm_contact.auth_comp_id_2 
_pdbx_validate_symm_contact.auth_seq_id_2 
_pdbx_validate_symm_contact.PDB_ins_code_2 
_pdbx_validate_symm_contact.label_alt_id_2 
_pdbx_validate_symm_contact.site_symmetry_2 
_pdbx_validate_symm_contact.dist 
1 1 O A HOH 306 ? ? 1_555 O A HOH 306 ? ? 6_765 0.89 
2 1 O A HOH 377 ? ? 1_555 O A HOH 377 ? ? 6_555 1.95 
# 
_pdbx_validate_torsion.id              1 
_pdbx_validate_torsion.PDB_model_num   1 
_pdbx_validate_torsion.auth_comp_id    SER 
_pdbx_validate_torsion.auth_asym_id    A 
_pdbx_validate_torsion.auth_seq_id     67 
_pdbx_validate_torsion.PDB_ins_code    ? 
_pdbx_validate_torsion.label_alt_id    ? 
_pdbx_validate_torsion.phi             -151.08 
_pdbx_validate_torsion.psi             5.03 
# 
loop_
_chem_comp_atom.comp_id 
_chem_comp_atom.atom_id 
_chem_comp_atom.type_symbol 
_chem_comp_atom.pdbx_aromatic_flag 
_chem_comp_atom.pdbx_stereo_config 
_chem_comp_atom.pdbx_ordinal 
ALA N    N N N 1   
ALA CA   C N S 2   
ALA C    C N N 3   
ALA O    O N N 4   
ALA CB   C N N 5   
ALA OXT  O N N 6   
ALA H    H N N 7   
ALA H2   H N N 8   
ALA HA   H N N 9   
ALA HB1  H N N 10  
ALA HB2  H N N 11  
ALA HB3  H N N 12  
ALA HXT  H N N 13  
ARG N    N N N 14  
ARG CA   C N S 15  
ARG C    C N N 16  
ARG O    O N N 17  
ARG CB   C N N 18  
ARG CG   C N N 19  
ARG CD   C N N 20  
ARG NE   N N N 21  
ARG CZ   C N N 22  
ARG NH1  N N N 23  
ARG NH2  N N N 24  
ARG OXT  O N N 25  
ARG H    H N N 26  
ARG H2   H N N 27  
ARG HA   H N N 28  
ARG HB2  H N N 29  
ARG HB3  H N N 30  
ARG HG2  H N N 31  
ARG HG3  H N N 32  
ARG HD2  H N N 33  
ARG HD3  H N N 34  
ARG HE   H N N 35  
ARG HH11 H N N 36  
ARG HH12 H N N 37  
ARG HH21 H N N 38  
ARG HH22 H N N 39  
ARG HXT  H N N 40  
ASN N    N N N 41  
ASN CA   C N S 42  
ASN C    C N N 43  
ASN O    O N N 44  
ASN CB   C N N 45  
ASN CG   C N N 46  
ASN OD1  O N N 47  
ASN ND2  N N N 48  
ASN OXT  O N N 49  
ASN H    H N N 50  
ASN H2   H N N 51  
ASN HA   H N N 52  
ASN HB2  H N N 53  
ASN HB3  H N N 54  
ASN HD21 H N N 55  
ASN HD22 H N N 56  
ASN HXT  H N N 57  
ASP N    N N N 58  
ASP CA   C N S 59  
ASP C    C N N 60  
ASP O    O N N 61  
ASP CB   C N N 62  
ASP CG   C N N 63  
ASP OD1  O N N 64  
ASP OD2  O N N 65  
ASP OXT  O N N 66  
ASP H    H N N 67  
ASP H2   H N N 68  
ASP HA   H N N 69  
ASP HB2  H N N 70  
ASP HB3  H N N 71  
ASP HD2  H N N 72  
ASP HXT  H N N 73  
CYS N    N N N 74  
CYS CA   C N R 75  
CYS C    C N N 76  
CYS O    O N N 77  
CYS CB   C N N 78  
CYS SG   S N N 79  
CYS OXT  O N N 80  
CYS H    H N N 81  
CYS H2   H N N 82  
CYS HA   H N N 83  
CYS HB2  H N N 84  
CYS HB3  H N N 85  
CYS HG   H N N 86  
CYS HXT  H N N 87  
GLN N    N N N 88  
GLN CA   C N S 89  
GLN C    C N N 90  
GLN O    O N N 91  
GLN CB   C N N 92  
GLN CG   C N N 93  
GLN CD   C N N 94  
GLN OE1  O N N 95  
GLN NE2  N N N 96  
GLN OXT  O N N 97  
GLN H    H N N 98  
GLN H2   H N N 99  
GLN HA   H N N 100 
GLN HB2  H N N 101 
GLN HB3  H N N 102 
GLN HG2  H N N 103 
GLN HG3  H N N 104 
GLN HE21 H N N 105 
GLN HE22 H N N 106 
GLN HXT  H N N 107 
GLU N    N N N 108 
GLU CA   C N S 109 
GLU C    C N N 110 
GLU O    O N N 111 
GLU CB   C N N 112 
GLU CG   C N N 113 
GLU CD   C N N 114 
GLU OE1  O N N 115 
GLU OE2  O N N 116 
GLU OXT  O N N 117 
GLU H    H N N 118 
GLU H2   H N N 119 
GLU HA   H N N 120 
GLU HB2  H N N 121 
GLU HB3  H N N 122 
GLU HG2  H N N 123 
GLU HG3  H N N 124 
GLU HE2  H N N 125 
GLU HXT  H N N 126 
GLY N    N N N 127 
GLY CA   C N N 128 
GLY C    C N N 129 
GLY O    O N N 130 
GLY OXT  O N N 131 
GLY H    H N N 132 
GLY H2   H N N 133 
GLY HA2  H N N 134 
GLY HA3  H N N 135 
GLY HXT  H N N 136 
HIS N    N N N 137 
HIS CA   C N S 138 
HIS C    C N N 139 
HIS O    O N N 140 
HIS CB   C N N 141 
HIS CG   C Y N 142 
HIS ND1  N Y N 143 
HIS CD2  C Y N 144 
HIS CE1  C Y N 145 
HIS NE2  N Y N 146 
HIS OXT  O N N 147 
HIS H    H N N 148 
HIS H2   H N N 149 
HIS HA   H N N 150 
HIS HB2  H N N 151 
HIS HB3  H N N 152 
HIS HD1  H N N 153 
HIS HD2  H N N 154 
HIS HE1  H N N 155 
HIS HE2  H N N 156 
HIS HXT  H N N 157 
HOH O    O N N 158 
HOH H1   H N N 159 
HOH H2   H N N 160 
ILE N    N N N 161 
ILE CA   C N S 162 
ILE C    C N N 163 
ILE O    O N N 164 
ILE CB   C N S 165 
ILE CG1  C N N 166 
ILE CG2  C N N 167 
ILE CD1  C N N 168 
ILE OXT  O N N 169 
ILE H    H N N 170 
ILE H2   H N N 171 
ILE HA   H N N 172 
ILE HB   H N N 173 
ILE HG12 H N N 174 
ILE HG13 H N N 175 
ILE HG21 H N N 176 
ILE HG22 H N N 177 
ILE HG23 H N N 178 
ILE HD11 H N N 179 
ILE HD12 H N N 180 
ILE HD13 H N N 181 
ILE HXT  H N N 182 
LEU N    N N N 183 
LEU CA   C N S 184 
LEU C    C N N 185 
LEU O    O N N 186 
LEU CB   C N N 187 
LEU CG   C N N 188 
LEU CD1  C N N 189 
LEU CD2  C N N 190 
LEU OXT  O N N 191 
LEU H    H N N 192 
LEU H2   H N N 193 
LEU HA   H N N 194 
LEU HB2  H N N 195 
LEU HB3  H N N 196 
LEU HG   H N N 197 
LEU HD11 H N N 198 
LEU HD12 H N N 199 
LEU HD13 H N N 200 
LEU HD21 H N N 201 
LEU HD22 H N N 202 
LEU HD23 H N N 203 
LEU HXT  H N N 204 
LYS N    N N N 205 
LYS CA   C N S 206 
LYS C    C N N 207 
LYS O    O N N 208 
LYS CB   C N N 209 
LYS CG   C N N 210 
LYS CD   C N N 211 
LYS CE   C N N 212 
LYS NZ   N N N 213 
LYS OXT  O N N 214 
LYS H    H N N 215 
LYS H2   H N N 216 
LYS HA   H N N 217 
LYS HB2  H N N 218 
LYS HB3  H N N 219 
LYS HG2  H N N 220 
LYS HG3  H N N 221 
LYS HD2  H N N 222 
LYS HD3  H N N 223 
LYS HE2  H N N 224 
LYS HE3  H N N 225 
LYS HZ1  H N N 226 
LYS HZ2  H N N 227 
LYS HZ3  H N N 228 
LYS HXT  H N N 229 
PHE N    N N N 230 
PHE CA   C N S 231 
PHE C    C N N 232 
PHE O    O N N 233 
PHE CB   C N N 234 
PHE CG   C Y N 235 
PHE CD1  C Y N 236 
PHE CD2  C Y N 237 
PHE CE1  C Y N 238 
PHE CE2  C Y N 239 
PHE CZ   C Y N 240 
PHE OXT  O N N 241 
PHE H    H N N 242 
PHE H2   H N N 243 
PHE HA   H N N 244 
PHE HB2  H N N 245 
PHE HB3  H N N 246 
PHE HD1  H N N 247 
PHE HD2  H N N 248 
PHE HE1  H N N 249 
PHE HE2  H N N 250 
PHE HZ   H N N 251 
PHE HXT  H N N 252 
PRO N    N N N 253 
PRO CA   C N S 254 
PRO C    C N N 255 
PRO O    O N N 256 
PRO CB   C N N 257 
PRO CG   C N N 258 
PRO CD   C N N 259 
PRO OXT  O N N 260 
PRO H    H N N 261 
PRO HA   H N N 262 
PRO HB2  H N N 263 
PRO HB3  H N N 264 
PRO HG2  H N N 265 
PRO HG3  H N N 266 
PRO HD2  H N N 267 
PRO HD3  H N N 268 
PRO HXT  H N N 269 
SER N    N N N 270 
SER CA   C N S 271 
SER C    C N N 272 
SER O    O N N 273 
SER CB   C N N 274 
SER OG   O N N 275 
SER OXT  O N N 276 
SER H    H N N 277 
SER H2   H N N 278 
SER HA   H N N 279 
SER HB2  H N N 280 
SER HB3  H N N 281 
SER HG   H N N 282 
SER HXT  H N N 283 
THR N    N N N 284 
THR CA   C N S 285 
THR C    C N N 286 
THR O    O N N 287 
THR CB   C N R 288 
THR OG1  O N N 289 
THR CG2  C N N 290 
THR OXT  O N N 291 
THR H    H N N 292 
THR H2   H N N 293 
THR HA   H N N 294 
THR HB   H N N 295 
THR HG1  H N N 296 
THR HG21 H N N 297 
THR HG22 H N N 298 
THR HG23 H N N 299 
THR HXT  H N N 300 
TRP N    N N N 301 
TRP CA   C N S 302 
TRP C    C N N 303 
TRP O    O N N 304 
TRP CB   C N N 305 
TRP CG   C Y N 306 
TRP CD1  C Y N 307 
TRP CD2  C Y N 308 
TRP NE1  N Y N 309 
TRP CE2  C Y N 310 
TRP CE3  C Y N 311 
TRP CZ2  C Y N 312 
TRP CZ3  C Y N 313 
TRP CH2  C Y N 314 
TRP OXT  O N N 315 
TRP H    H N N 316 
TRP H2   H N N 317 
TRP HA   H N N 318 
TRP HB2  H N N 319 
TRP HB3  H N N 320 
TRP HD1  H N N 321 
TRP HE1  H N N 322 
TRP HE3  H N N 323 
TRP HZ2  H N N 324 
TRP HZ3  H N N 325 
TRP HH2  H N N 326 
TRP HXT  H N N 327 
TYR N    N N N 328 
TYR CA   C N S 329 
TYR C    C N N 330 
TYR O    O N N 331 
TYR CB   C N N 332 
TYR CG   C Y N 333 
TYR CD1  C Y N 334 
TYR CD2  C Y N 335 
TYR CE1  C Y N 336 
TYR CE2  C Y N 337 
TYR CZ   C Y N 338 
TYR OH   O N N 339 
TYR OXT  O N N 340 
TYR H    H N N 341 
TYR H2   H N N 342 
TYR HA   H N N 343 
TYR HB2  H N N 344 
TYR HB3  H N N 345 
TYR HD1  H N N 346 
TYR HD2  H N N 347 
TYR HE1  H N N 348 
TYR HE2  H N N 349 
TYR HH   H N N 350 
TYR HXT  H N N 351 
VAL N    N N N 352 
VAL CA   C N S 353 
VAL C    C N N 354 
VAL O    O N N 355 
VAL CB   C N N 356 
VAL CG1  C N N 357 
VAL CG2  C N N 358 
VAL OXT  O N N 359 
VAL H    H N N 360 
VAL H2   H N N 361 
VAL HA   H N N 362 
VAL HB   H N N 363 
VAL HG11 H N N 364 
VAL HG12 H N N 365 
VAL HG13 H N N 366 
VAL HG21 H N N 367 
VAL HG22 H N N 368 
VAL HG23 H N N 369 
VAL HXT  H N N 370 
# 
loop_
_chem_comp_bond.comp_id 
_chem_comp_bond.atom_id_1 
_chem_comp_bond.atom_id_2 
_chem_comp_bond.value_order 
_chem_comp_bond.pdbx_aromatic_flag 
_chem_comp_bond.pdbx_stereo_config 
_chem_comp_bond.pdbx_ordinal 
ALA N   CA   sing N N 1   
ALA N   H    sing N N 2   
ALA N   H2   sing N N 3   
ALA CA  C    sing N N 4   
ALA CA  CB   sing N N 5   
ALA CA  HA   sing N N 6   
ALA C   O    doub N N 7   
ALA C   OXT  sing N N 8   
ALA CB  HB1  sing N N 9   
ALA CB  HB2  sing N N 10  
ALA CB  HB3  sing N N 11  
ALA OXT HXT  sing N N 12  
ARG N   CA   sing N N 13  
ARG N   H    sing N N 14  
ARG N   H2   sing N N 15  
ARG CA  C    sing N N 16  
ARG CA  CB   sing N N 17  
ARG CA  HA   sing N N 18  
ARG C   O    doub N N 19  
ARG C   OXT  sing N N 20  
ARG CB  CG   sing N N 21  
ARG CB  HB2  sing N N 22  
ARG CB  HB3  sing N N 23  
ARG CG  CD   sing N N 24  
ARG CG  HG2  sing N N 25  
ARG CG  HG3  sing N N 26  
ARG CD  NE   sing N N 27  
ARG CD  HD2  sing N N 28  
ARG CD  HD3  sing N N 29  
ARG NE  CZ   sing N N 30  
ARG NE  HE   sing N N 31  
ARG CZ  NH1  sing N N 32  
ARG CZ  NH2  doub N N 33  
ARG NH1 HH11 sing N N 34  
ARG NH1 HH12 sing N N 35  
ARG NH2 HH21 sing N N 36  
ARG NH2 HH22 sing N N 37  
ARG OXT HXT  sing N N 38  
ASN N   CA   sing N N 39  
ASN N   H    sing N N 40  
ASN N   H2   sing N N 41  
ASN CA  C    sing N N 42  
ASN CA  CB   sing N N 43  
ASN CA  HA   sing N N 44  
ASN C   O    doub N N 45  
ASN C   OXT  sing N N 46  
ASN CB  CG   sing N N 47  
ASN CB  HB2  sing N N 48  
ASN CB  HB3  sing N N 49  
ASN CG  OD1  doub N N 50  
ASN CG  ND2  sing N N 51  
ASN ND2 HD21 sing N N 52  
ASN ND2 HD22 sing N N 53  
ASN OXT HXT  sing N N 54  
ASP N   CA   sing N N 55  
ASP N   H    sing N N 56  
ASP N   H2   sing N N 57  
ASP CA  C    sing N N 58  
ASP CA  CB   sing N N 59  
ASP CA  HA   sing N N 60  
ASP C   O    doub N N 61  
ASP C   OXT  sing N N 62  
ASP CB  CG   sing N N 63  
ASP CB  HB2  sing N N 64  
ASP CB  HB3  sing N N 65  
ASP CG  OD1  doub N N 66  
ASP CG  OD2  sing N N 67  
ASP OD2 HD2  sing N N 68  
ASP OXT HXT  sing N N 69  
CYS N   CA   sing N N 70  
CYS N   H    sing N N 71  
CYS N   H2   sing N N 72  
CYS CA  C    sing N N 73  
CYS CA  CB   sing N N 74  
CYS CA  HA   sing N N 75  
CYS C   O    doub N N 76  
CYS C   OXT  sing N N 77  
CYS CB  SG   sing N N 78  
CYS CB  HB2  sing N N 79  
CYS CB  HB3  sing N N 80  
CYS SG  HG   sing N N 81  
CYS OXT HXT  sing N N 82  
GLN N   CA   sing N N 83  
GLN N   H    sing N N 84  
GLN N   H2   sing N N 85  
GLN CA  C    sing N N 86  
GLN CA  CB   sing N N 87  
GLN CA  HA   sing N N 88  
GLN C   O    doub N N 89  
GLN C   OXT  sing N N 90  
GLN CB  CG   sing N N 91  
GLN CB  HB2  sing N N 92  
GLN CB  HB3  sing N N 93  
GLN CG  CD   sing N N 94  
GLN CG  HG2  sing N N 95  
GLN CG  HG3  sing N N 96  
GLN CD  OE1  doub N N 97  
GLN CD  NE2  sing N N 98  
GLN NE2 HE21 sing N N 99  
GLN NE2 HE22 sing N N 100 
GLN OXT HXT  sing N N 101 
GLU N   CA   sing N N 102 
GLU N   H    sing N N 103 
GLU N   H2   sing N N 104 
GLU CA  C    sing N N 105 
GLU CA  CB   sing N N 106 
GLU CA  HA   sing N N 107 
GLU C   O    doub N N 108 
GLU C   OXT  sing N N 109 
GLU CB  CG   sing N N 110 
GLU CB  HB2  sing N N 111 
GLU CB  HB3  sing N N 112 
GLU CG  CD   sing N N 113 
GLU CG  HG2  sing N N 114 
GLU CG  HG3  sing N N 115 
GLU CD  OE1  doub N N 116 
GLU CD  OE2  sing N N 117 
GLU OE2 HE2  sing N N 118 
GLU OXT HXT  sing N N 119 
GLY N   CA   sing N N 120 
GLY N   H    sing N N 121 
GLY N   H2   sing N N 122 
GLY CA  C    sing N N 123 
GLY CA  HA2  sing N N 124 
GLY CA  HA3  sing N N 125 
GLY C   O    doub N N 126 
GLY C   OXT  sing N N 127 
GLY OXT HXT  sing N N 128 
HIS N   CA   sing N N 129 
HIS N   H    sing N N 130 
HIS N   H2   sing N N 131 
HIS CA  C    sing N N 132 
HIS CA  CB   sing N N 133 
HIS CA  HA   sing N N 134 
HIS C   O    doub N N 135 
HIS C   OXT  sing N N 136 
HIS CB  CG   sing N N 137 
HIS CB  HB2  sing N N 138 
HIS CB  HB3  sing N N 139 
HIS CG  ND1  sing Y N 140 
HIS CG  CD2  doub Y N 141 
HIS ND1 CE1  doub Y N 142 
HIS ND1 HD1  sing N N 143 
HIS CD2 NE2  sing Y N 144 
HIS CD2 HD2  sing N N 145 
HIS CE1 NE2  sing Y N 146 
HIS CE1 HE1  sing N N 147 
HIS NE2 HE2  sing N N 148 
HIS OXT HXT  sing N N 149 
HOH O   H1   sing N N 150 
HOH O   H2   sing N N 151 
ILE N   CA   sing N N 152 
ILE N   H    sing N N 153 
ILE N   H2   sing N N 154 
ILE CA  C    sing N N 155 
ILE CA  CB   sing N N 156 
ILE CA  HA   sing N N 157 
ILE C   O    doub N N 158 
ILE C   OXT  sing N N 159 
ILE CB  CG1  sing N N 160 
ILE CB  CG2  sing N N 161 
ILE CB  HB   sing N N 162 
ILE CG1 CD1  sing N N 163 
ILE CG1 HG12 sing N N 164 
ILE CG1 HG13 sing N N 165 
ILE CG2 HG21 sing N N 166 
ILE CG2 HG22 sing N N 167 
ILE CG2 HG23 sing N N 168 
ILE CD1 HD11 sing N N 169 
ILE CD1 HD12 sing N N 170 
ILE CD1 HD13 sing N N 171 
ILE OXT HXT  sing N N 172 
LEU N   CA   sing N N 173 
LEU N   H    sing N N 174 
LEU N   H2   sing N N 175 
LEU CA  C    sing N N 176 
LEU CA  CB   sing N N 177 
LEU CA  HA   sing N N 178 
LEU C   O    doub N N 179 
LEU C   OXT  sing N N 180 
LEU CB  CG   sing N N 181 
LEU CB  HB2  sing N N 182 
LEU CB  HB3  sing N N 183 
LEU CG  CD1  sing N N 184 
LEU CG  CD2  sing N N 185 
LEU CG  HG   sing N N 186 
LEU CD1 HD11 sing N N 187 
LEU CD1 HD12 sing N N 188 
LEU CD1 HD13 sing N N 189 
LEU CD2 HD21 sing N N 190 
LEU CD2 HD22 sing N N 191 
LEU CD2 HD23 sing N N 192 
LEU OXT HXT  sing N N 193 
LYS N   CA   sing N N 194 
LYS N   H    sing N N 195 
LYS N   H2   sing N N 196 
LYS CA  C    sing N N 197 
LYS CA  CB   sing N N 198 
LYS CA  HA   sing N N 199 
LYS C   O    doub N N 200 
LYS C   OXT  sing N N 201 
LYS CB  CG   sing N N 202 
LYS CB  HB2  sing N N 203 
LYS CB  HB3  sing N N 204 
LYS CG  CD   sing N N 205 
LYS CG  HG2  sing N N 206 
LYS CG  HG3  sing N N 207 
LYS CD  CE   sing N N 208 
LYS CD  HD2  sing N N 209 
LYS CD  HD3  sing N N 210 
LYS CE  NZ   sing N N 211 
LYS CE  HE2  sing N N 212 
LYS CE  HE3  sing N N 213 
LYS NZ  HZ1  sing N N 214 
LYS NZ  HZ2  sing N N 215 
LYS NZ  HZ3  sing N N 216 
LYS OXT HXT  sing N N 217 
PHE N   CA   sing N N 218 
PHE N   H    sing N N 219 
PHE N   H2   sing N N 220 
PHE CA  C    sing N N 221 
PHE CA  CB   sing N N 222 
PHE CA  HA   sing N N 223 
PHE C   O    doub N N 224 
PHE C   OXT  sing N N 225 
PHE CB  CG   sing N N 226 
PHE CB  HB2  sing N N 227 
PHE CB  HB3  sing N N 228 
PHE CG  CD1  doub Y N 229 
PHE CG  CD2  sing Y N 230 
PHE CD1 CE1  sing Y N 231 
PHE CD1 HD1  sing N N 232 
PHE CD2 CE2  doub Y N 233 
PHE CD2 HD2  sing N N 234 
PHE CE1 CZ   doub Y N 235 
PHE CE1 HE1  sing N N 236 
PHE CE2 CZ   sing Y N 237 
PHE CE2 HE2  sing N N 238 
PHE CZ  HZ   sing N N 239 
PHE OXT HXT  sing N N 240 
PRO N   CA   sing N N 241 
PRO N   CD   sing N N 242 
PRO N   H    sing N N 243 
PRO CA  C    sing N N 244 
PRO CA  CB   sing N N 245 
PRO CA  HA   sing N N 246 
PRO C   O    doub N N 247 
PRO C   OXT  sing N N 248 
PRO CB  CG   sing N N 249 
PRO CB  HB2  sing N N 250 
PRO CB  HB3  sing N N 251 
PRO CG  CD   sing N N 252 
PRO CG  HG2  sing N N 253 
PRO CG  HG3  sing N N 254 
PRO CD  HD2  sing N N 255 
PRO CD  HD3  sing N N 256 
PRO OXT HXT  sing N N 257 
SER N   CA   sing N N 258 
SER N   H    sing N N 259 
SER N   H2   sing N N 260 
SER CA  C    sing N N 261 
SER CA  CB   sing N N 262 
SER CA  HA   sing N N 263 
SER C   O    doub N N 264 
SER C   OXT  sing N N 265 
SER CB  OG   sing N N 266 
SER CB  HB2  sing N N 267 
SER CB  HB3  sing N N 268 
SER OG  HG   sing N N 269 
SER OXT HXT  sing N N 270 
THR N   CA   sing N N 271 
THR N   H    sing N N 272 
THR N   H2   sing N N 273 
THR CA  C    sing N N 274 
THR CA  CB   sing N N 275 
THR CA  HA   sing N N 276 
THR C   O    doub N N 277 
THR C   OXT  sing N N 278 
THR CB  OG1  sing N N 279 
THR CB  CG2  sing N N 280 
THR CB  HB   sing N N 281 
THR OG1 HG1  sing N N 282 
THR CG2 HG21 sing N N 283 
THR CG2 HG22 sing N N 284 
THR CG2 HG23 sing N N 285 
THR OXT HXT  sing N N 286 
TRP N   CA   sing N N 287 
TRP N   H    sing N N 288 
TRP N   H2   sing N N 289 
TRP CA  C    sing N N 290 
TRP CA  CB   sing N N 291 
TRP CA  HA   sing N N 292 
TRP C   O    doub N N 293 
TRP C   OXT  sing N N 294 
TRP CB  CG   sing N N 295 
TRP CB  HB2  sing N N 296 
TRP CB  HB3  sing N N 297 
TRP CG  CD1  doub Y N 298 
TRP CG  CD2  sing Y N 299 
TRP CD1 NE1  sing Y N 300 
TRP CD1 HD1  sing N N 301 
TRP CD2 CE2  doub Y N 302 
TRP CD2 CE3  sing Y N 303 
TRP NE1 CE2  sing Y N 304 
TRP NE1 HE1  sing N N 305 
TRP CE2 CZ2  sing Y N 306 
TRP CE3 CZ3  doub Y N 307 
TRP CE3 HE3  sing N N 308 
TRP CZ2 CH2  doub Y N 309 
TRP CZ2 HZ2  sing N N 310 
TRP CZ3 CH2  sing Y N 311 
TRP CZ3 HZ3  sing N N 312 
TRP CH2 HH2  sing N N 313 
TRP OXT HXT  sing N N 314 
TYR N   CA   sing N N 315 
TYR N   H    sing N N 316 
TYR N   H2   sing N N 317 
TYR CA  C    sing N N 318 
TYR CA  CB   sing N N 319 
TYR CA  HA   sing N N 320 
TYR C   O    doub N N 321 
TYR C   OXT  sing N N 322 
TYR CB  CG   sing N N 323 
TYR CB  HB2  sing N N 324 
TYR CB  HB3  sing N N 325 
TYR CG  CD1  doub Y N 326 
TYR CG  CD2  sing Y N 327 
TYR CD1 CE1  sing Y N 328 
TYR CD1 HD1  sing N N 329 
TYR CD2 CE2  doub Y N 330 
TYR CD2 HD2  sing N N 331 
TYR CE1 CZ   doub Y N 332 
TYR CE1 HE1  sing N N 333 
TYR CE2 CZ   sing Y N 334 
TYR CE2 HE2  sing N N 335 
TYR CZ  OH   sing N N 336 
TYR OH  HH   sing N N 337 
TYR OXT HXT  sing N N 338 
VAL N   CA   sing N N 339 
VAL N   H    sing N N 340 
VAL N   H2   sing N N 341 
VAL CA  C    sing N N 342 
VAL CA  CB   sing N N 343 
VAL CA  HA   sing N N 344 
VAL C   O    doub N N 345 
VAL C   OXT  sing N N 346 
VAL CB  CG1  sing N N 347 
VAL CB  CG2  sing N N 348 
VAL CB  HB   sing N N 349 
VAL CG1 HG11 sing N N 350 
VAL CG1 HG12 sing N N 351 
VAL CG1 HG13 sing N N 352 
VAL CG2 HG21 sing N N 353 
VAL CG2 HG22 sing N N 354 
VAL CG2 HG23 sing N N 355 
VAL OXT HXT  sing N N 356 
# 
_pdbx_initial_refinement_model.id               1 
_pdbx_initial_refinement_model.entity_id_list   ? 
_pdbx_initial_refinement_model.type             'experimental model' 
_pdbx_initial_refinement_model.source_name      PDB 
_pdbx_initial_refinement_model.accession_code   2EZM 
_pdbx_initial_refinement_model.details          'PDB ENTRY 2EZM' 
# 
_atom_sites.entry_id                    3EZM 
_atom_sites.fract_transf_matrix[1][1]   0.01171438 
_atom_sites.fract_transf_matrix[1][2]   0.00426698 
_atom_sites.fract_transf_matrix[1][3]   -0.02053379 
_atom_sites.fract_transf_matrix[2][1]   0.02270307 
_atom_sites.fract_transf_matrix[2][2]   0.00783252 
_atom_sites.fract_transf_matrix[2][3]   0.00052817 
_atom_sites.fract_transf_matrix[3][1]   0.00412645 
_atom_sites.fract_transf_matrix[3][2]   -0.01195206 
_atom_sites.fract_transf_matrix[3][3]   -0.00012956 
_atom_sites.fract_transf_vector[1]      0.448092 
_atom_sites.fract_transf_vector[2]      0.464609 
_atom_sites.fract_transf_vector[3]      0.469794 
# 
loop_
_atom_type.symbol 
C 
N 
O 
S 
# 
loop_
_atom_site.group_PDB 
_atom_site.id 
_atom_site.type_symbol 
_atom_site.label_atom_id 
_atom_site.label_alt_id 
_atom_site.label_comp_id 
_atom_site.label_asym_id 
_atom_site.label_entity_id 
_atom_site.label_seq_id 
_atom_site.pdbx_PDB_ins_code 
_atom_site.Cartn_x 
_atom_site.Cartn_y 
_atom_site.Cartn_z 
_atom_site.occupancy 
_atom_site.B_iso_or_equiv 
_atom_site.pdbx_formal_charge 
_atom_site.auth_seq_id 
_atom_site.auth_comp_id 
_atom_site.auth_asym_id 
_atom_site.auth_atom_id 
_atom_site.pdbx_PDB_model_num 
ATOM   1   N N   . LEU A 1 1   ? -6.723  15.651  -0.046  1.00 13.95  ? 1   LEU A N   1 
ATOM   2   C CA  . LEU A 1 1   ? -5.804  14.779  -0.837  1.00 11.97  ? 1   LEU A CA  1 
ATOM   3   C C   . LEU A 1 1   ? -6.381  14.500  -2.219  1.00 11.79  ? 1   LEU A C   1 
ATOM   4   O O   . LEU A 1 1   ? -7.572  14.709  -2.452  1.00 12.87  ? 1   LEU A O   1 
ATOM   5   C CB  . LEU A 1 1   ? -5.587  13.439  -0.123  1.00 12.56  ? 1   LEU A CB  1 
ATOM   6   C CG  . LEU A 1 1   ? -4.986  13.410  1.283   1.00 13.10  ? 1   LEU A CG  1 
ATOM   7   C CD1 . LEU A 1 1   ? -4.990  11.979  1.803   1.00 15.65  ? 1   LEU A CD1 1 
ATOM   8   C CD2 . LEU A 1 1   ? -3.573  13.959  1.259   1.00 13.74  ? 1   LEU A CD2 1 
ATOM   9   N N   . GLY A 1 2   ? -5.523  14.030  -3.123  1.00 9.89   ? 2   GLY A N   1 
ATOM   10  C CA  . GLY A 1 2   ? -5.934  13.680  -4.478  1.00 10.41  ? 2   GLY A CA  1 
ATOM   11  C C   . GLY A 1 2   ? -6.354  14.813  -5.393  1.00 9.63   ? 2   GLY A C   1 
ATOM   12  O O   . GLY A 1 2   ? -5.610  15.774  -5.595  1.00 9.79   ? 2   GLY A O   1 
ATOM   13  N N   . LYS A 1 3   ? -7.542  14.665  -5.980  1.00 8.84   ? 3   LYS A N   1 
ATOM   14  C CA  . LYS A 1 3   ? -8.136  15.662  -6.876  1.00 8.83   ? 3   LYS A CA  1 
ATOM   15  C C   . LYS A 1 3   ? -7.446  15.842  -8.227  1.00 9.10   ? 3   LYS A C   1 
ATOM   16  O O   . LYS A 1 3   ? -7.602  16.884  -8.867  1.00 9.91   ? 3   LYS A O   1 
ATOM   17  C CB  . LYS A 1 3   ? -8.208  17.025  -6.175  1.00 10.66  ? 3   LYS A CB  1 
ATOM   18  C CG  . LYS A 1 3   ? -8.896  17.002  -4.822  1.00 13.70  ? 3   LYS A CG  1 
ATOM   19  C CD  . LYS A 1 3   ? -8.921  18.392  -4.206  1.00 16.10  ? 3   LYS A CD  1 
ATOM   20  C CE  . LYS A 1 3   ? -9.624  18.391  -2.862  1.00 18.09  ? 3   LYS A CE  1 
ATOM   21  N NZ  . LYS A 1 3   ? -9.667  19.762  -2.273  1.00 19.58  ? 3   LYS A NZ  1 
ATOM   22  N N   . PHE A 1 4   ? -6.704  14.837  -8.680  1.00 7.11   ? 4   PHE A N   1 
ATOM   23  C CA  . PHE A 1 4   ? -6.002  14.946  -9.957  1.00 6.52   ? 4   PHE A CA  1 
ATOM   24  C C   . PHE A 1 4   ? -6.906  15.304  -11.140 1.00 7.32   ? 4   PHE A C   1 
ATOM   25  O O   . PHE A 1 4   ? -6.503  16.060  -12.022 1.00 7.83   ? 4   PHE A O   1 
ATOM   26  C CB  . PHE A 1 4   ? -5.270  13.636  -10.279 1.00 6.36   ? 4   PHE A CB  1 
ATOM   27  C CG  . PHE A 1 4   ? -6.147  12.591  -10.913 1.00 6.72   ? 4   PHE A CG  1 
ATOM   28  C CD1 . PHE A 1 4   ? -6.933  11.757  -10.124 1.00 7.70   ? 4   PHE A CD1 1 
ATOM   29  C CD2 . PHE A 1 4   ? -6.233  12.479  -12.301 1.00 7.25   ? 4   PHE A CD2 1 
ATOM   30  C CE1 . PHE A 1 4   ? -7.796  10.828  -10.705 1.00 7.31   ? 4   PHE A CE1 1 
ATOM   31  C CE2 . PHE A 1 4   ? -7.090  11.554  -12.891 1.00 8.98   ? 4   PHE A CE2 1 
ATOM   32  C CZ  . PHE A 1 4   ? -7.875  10.727  -12.093 1.00 8.02   ? 4   PHE A CZ  1 
ATOM   33  N N   . SER A 1 5   ? -8.126  14.774  -11.160 1.00 8.61   ? 5   SER A N   1 
ATOM   34  C CA  . SER A 1 5   ? -9.024  15.015  -12.286 1.00 8.40   ? 5   SER A CA  1 
ATOM   35  C C   . SER A 1 5   ? -9.287  16.479  -12.616 1.00 8.78   ? 5   SER A C   1 
ATOM   36  O O   . SER A 1 5   ? -9.550  16.818  -13.769 1.00 10.78  ? 5   SER A O   1 
ATOM   37  C CB  . SER A 1 5   ? -10.363 14.289  -12.082 1.00 10.05  ? 5   SER A CB  1 
ATOM   38  O OG  . SER A 1 5   ? -11.155 14.899  -11.079 1.00 11.80  ? 5   SER A OG  1 
ATOM   39  N N   . GLN A 1 6   ? -9.198  17.353  -11.621 1.00 8.34   ? 6   GLN A N   1 
ATOM   40  C CA  . GLN A 1 6   ? -9.453  18.769  -11.853 1.00 8.35   ? 6   GLN A CA  1 
ATOM   41  C C   . GLN A 1 6   ? -8.453  19.471  -12.761 1.00 9.41   ? 6   GLN A C   1 
ATOM   42  O O   . GLN A 1 6   ? -8.793  20.473  -13.390 1.00 10.78  ? 6   GLN A O   1 
ATOM   43  C CB  . GLN A 1 6   ? -9.528  19.512  -10.520 1.00 8.29   ? 6   GLN A CB  1 
ATOM   44  C CG  . GLN A 1 6   ? -10.873 19.384  -9.836  1.00 10.37  ? 6   GLN A CG  1 
ATOM   45  C CD  . GLN A 1 6   ? -11.973 20.035  -10.645 1.00 13.26  ? 6   GLN A CD  1 
ATOM   46  O OE1 . GLN A 1 6   ? -11.907 21.226  -10.949 1.00 11.88  ? 6   GLN A OE1 1 
ATOM   47  N NE2 . GLN A 1 6   ? -12.991 19.258  -11.005 1.00 13.31  ? 6   GLN A NE2 1 
ATOM   48  N N   . THR A 1 7   ? -7.230  18.957  -12.838 1.00 9.99   ? 7   THR A N   1 
ATOM   49  C CA  . THR A 1 7   ? -6.214  19.587  -13.675 1.00 9.51   ? 7   THR A CA  1 
ATOM   50  C C   . THR A 1 7   ? -5.545  18.650  -14.674 1.00 9.83   ? 7   THR A C   1 
ATOM   51  O O   . THR A 1 7   ? -4.409  18.880  -15.095 1.00 10.84  ? 7   THR A O   1 
ATOM   52  C CB  . THR A 1 7   ? -5.127  20.254  -12.808 1.00 12.97  ? 7   THR A CB  1 
ATOM   53  O OG1 . THR A 1 7   ? -4.540  19.281  -11.937 1.00 15.55  ? 7   THR A OG1 1 
ATOM   54  C CG2 . THR A 1 7   ? -5.737  21.380  -11.978 1.00 14.82  ? 7   THR A CG2 1 
ATOM   55  N N   . CYS A 1 8   ? -6.255  17.594  -15.052 1.00 7.83   ? 8   CYS A N   1 
ATOM   56  C CA  . CYS A 1 8   ? -5.742  16.633  -16.021 1.00 8.49   ? 8   CYS A CA  1 
ATOM   57  C C   . CYS A 1 8   ? -6.851  16.335  -17.029 1.00 9.06   ? 8   CYS A C   1 
ATOM   58  O O   . CYS A 1 8   ? -8.015  16.686  -16.806 1.00 9.42   ? 8   CYS A O   1 
ATOM   59  C CB  . CYS A 1 8   ? -5.345  15.322  -15.338 1.00 8.06   ? 8   CYS A CB  1 
ATOM   60  S SG  . CYS A 1 8   ? -4.183  15.412  -13.934 1.00 8.13   ? 8   CYS A SG  1 
ATOM   61  N N   . TYR A 1 9   ? -6.481  15.692  -18.133 1.00 7.39   ? 9   TYR A N   1 
ATOM   62  C CA  . TYR A 1 9   ? -7.443  15.311  -19.165 1.00 7.82   ? 9   TYR A CA  1 
ATOM   63  C C   . TYR A 1 9   ? -6.919  14.086  -19.910 1.00 8.27   ? 9   TYR A C   1 
ATOM   64  O O   . TYR A 1 9   ? -5.764  13.696  -19.735 1.00 8.87   ? 9   TYR A O   1 
ATOM   65  C CB  . TYR A 1 9   ? -7.685  16.473  -20.140 1.00 7.45   ? 9   TYR A CB  1 
ATOM   66  C CG  . TYR A 1 9   ? -6.555  16.746  -21.109 1.00 9.14   ? 9   TYR A CG  1 
ATOM   67  C CD1 . TYR A 1 9   ? -5.526  17.628  -20.777 1.00 9.26   ? 9   TYR A CD1 1 
ATOM   68  C CD2 . TYR A 1 9   ? -6.516  16.133  -22.361 1.00 11.10  ? 9   TYR A CD2 1 
ATOM   69  C CE1 . TYR A 1 9   ? -4.489  17.892  -21.667 1.00 9.02   ? 9   TYR A CE1 1 
ATOM   70  C CE2 . TYR A 1 9   ? -5.481  16.394  -23.260 1.00 11.51  ? 9   TYR A CE2 1 
ATOM   71  C CZ  . TYR A 1 9   ? -4.471  17.275  -22.905 1.00 10.86  ? 9   TYR A CZ  1 
ATOM   72  O OH  . TYR A 1 9   ? -3.446  17.547  -23.785 1.00 13.44  ? 9   TYR A OH  1 
ATOM   73  N N   . ASN A 1 10  ? -7.771  13.479  -20.731 1.00 9.11   ? 10  ASN A N   1 
ATOM   74  C CA  . ASN A 1 10  ? -7.393  12.286  -21.488 1.00 10.20  ? 10  ASN A CA  1 
ATOM   75  C C   . ASN A 1 10  ? -6.981  11.156  -20.558 1.00 10.19  ? 10  ASN A C   1 
ATOM   76  O O   . ASN A 1 10  ? -6.046  10.404  -20.847 1.00 11.08  ? 10  ASN A O   1 
ATOM   77  C CB  . ASN A 1 10  ? -6.254  12.594  -22.468 1.00 11.74  ? 10  ASN A CB  1 
ATOM   78  C CG  . ASN A 1 10  ? -6.757  13.065  -23.816 1.00 15.35  ? 10  ASN A CG  1 
ATOM   79  O OD1 . ASN A 1 10  ? -7.958  13.031  -24.088 1.00 19.61  ? 10  ASN A OD1 1 
ATOM   80  N ND2 . ASN A 1 10  ? -5.839  13.495  -24.676 1.00 18.11  ? 10  ASN A ND2 1 
ATOM   81  N N   . SER A 1 11  ? -7.684  11.037  -19.439 1.00 8.07   ? 11  SER A N   1 
ATOM   82  C CA  . SER A 1 11  ? -7.398  9.984   -18.475 1.00 10.00  ? 11  SER A CA  1 
ATOM   83  C C   . SER A 1 11  ? -7.944  8.663   -18.982 1.00 9.66   ? 11  SER A C   1 
ATOM   84  O O   . SER A 1 11  ? -8.957  8.621   -19.681 1.00 10.61  ? 11  SER A O   1 
ATOM   85  C CB  . SER A 1 11  ? -8.038  10.305  -17.126 1.00 9.17   ? 11  SER A CB  1 
ATOM   86  O OG  . SER A 1 11  ? -7.492  11.491  -16.586 1.00 10.23  ? 11  SER A OG  1 
ATOM   87  N N   . ALA A 1 12  ? -7.275  7.579   -18.614 1.00 9.18   ? 12  ALA A N   1 
ATOM   88  C CA  . ALA A 1 12  ? -7.704  6.261   -19.033 1.00 9.69   ? 12  ALA A CA  1 
ATOM   89  C C   . ALA A 1 12  ? -7.184  5.197   -18.091 1.00 10.07  ? 12  ALA A C   1 
ATOM   90  O O   . ALA A 1 12  ? -6.153  5.370   -17.439 1.00 9.70   ? 12  ALA A O   1 
ATOM   91  C CB  . ALA A 1 12  ? -7.217  5.978   -20.446 1.00 11.28  ? 12  ALA A CB  1 
ATOM   92  N N   A ILE A 1 13  ? -7.911  4.091   -18.012 0.50 9.07   ? 13  ILE A N   1 
ATOM   93  N N   B ILE A 1 13  ? -7.920  4.095   -18.020 0.50 8.84   ? 13  ILE A N   1 
ATOM   94  C CA  A ILE A 1 13  ? -7.514  2.983   -17.162 0.50 10.94  ? 13  ILE A CA  1 
ATOM   95  C CA  B ILE A 1 13  ? -7.560  2.969   -17.176 0.50 10.49  ? 13  ILE A CA  1 
ATOM   96  C C   A ILE A 1 13  ? -7.389  1.736   -18.021 0.50 11.35  ? 13  ILE A C   1 
ATOM   97  C C   B ILE A 1 13  ? -7.384  1.739   -18.054 0.50 11.02  ? 13  ILE A C   1 
ATOM   98  O O   A ILE A 1 13  ? -8.285  1.411   -18.800 0.50 11.65  ? 13  ILE A O   1 
ATOM   99  O O   B ILE A 1 13  ? -8.241  1.430   -18.882 0.50 11.13  ? 13  ILE A O   1 
ATOM   100 C CB  A ILE A 1 13  ? -8.542  2.731   -16.040 0.50 11.27  ? 13  ILE A CB  1 
ATOM   101 C CB  B ILE A 1 13  ? -8.665  2.669   -16.130 0.50 10.86  ? 13  ILE A CB  1 
ATOM   102 C CG1 A ILE A 1 13  ? -8.579  3.935   -15.095 0.50 13.16  ? 13  ILE A CG1 1 
ATOM   103 C CG1 B ILE A 1 13  ? -8.648  3.726   -15.024 0.50 12.29  ? 13  ILE A CG1 1 
ATOM   104 C CG2 A ILE A 1 13  ? -8.181  1.463   -15.274 0.50 12.91  ? 13  ILE A CG2 1 
ATOM   105 C CG2 B ILE A 1 13  ? -8.474  1.274   -15.544 0.50 11.22  ? 13  ILE A CG2 1 
ATOM   106 C CD1 A ILE A 1 13  ? -9.606  3.824   -13.991 0.50 13.16  ? 13  ILE A CD1 1 
ATOM   107 C CD1 B ILE A 1 13  ? -7.417  3.686   -14.149 0.50 13.27  ? 13  ILE A CD1 1 
ATOM   108 N N   . GLN A 1 14  ? -6.261  1.054   -17.882 1.00 11.36  ? 14  GLN A N   1 
ATOM   109 C CA  . GLN A 1 14  ? -5.989  -0.161  -18.629 1.00 12.72  ? 14  GLN A CA  1 
ATOM   110 C C   . GLN A 1 14  ? -5.463  -1.112  -17.573 1.00 12.52  ? 14  GLN A C   1 
ATOM   111 O O   . GLN A 1 14  ? -4.395  -0.886  -17.001 1.00 12.34  ? 14  GLN A O   1 
ATOM   112 C CB  . GLN A 1 14  ? -4.930  0.084   -19.706 1.00 16.48  ? 14  GLN A CB  1 
ATOM   113 C CG  . GLN A 1 14  ? -4.712  -1.114  -20.616 1.00 23.09  ? 14  GLN A CG  1 
ATOM   114 C CD  . GLN A 1 14  ? -5.958  -1.493  -21.397 1.00 26.64  ? 14  GLN A CD  1 
ATOM   115 O OE1 . GLN A 1 14  ? -6.050  -2.594  -21.937 1.00 30.32  ? 14  GLN A OE1 1 
ATOM   116 N NE2 . GLN A 1 14  ? -6.920  -0.577  -21.468 1.00 27.35  ? 14  GLN A NE2 1 
ATOM   117 N N   . GLY A 1 15  ? -6.221  -2.166  -17.297 1.00 12.44  ? 15  GLY A N   1 
ATOM   118 C CA  . GLY A 1 15  ? -5.805  -3.098  -16.269 1.00 12.15  ? 15  GLY A CA  1 
ATOM   119 C C   . GLY A 1 15  ? -5.823  -2.366  -14.941 1.00 12.31  ? 15  GLY A C   1 
ATOM   120 O O   . GLY A 1 15  ? -6.866  -1.871  -14.512 1.00 11.21  ? 15  GLY A O   1 
ATOM   121 N N   . SER A 1 16  ? -4.667  -2.273  -14.294 1.00 11.24  ? 16  SER A N   1 
ATOM   122 C CA  . SER A 1 16  ? -4.576  -1.584  -13.013 1.00 11.53  ? 16  SER A CA  1 
ATOM   123 C C   . SER A 1 16  ? -3.876  -0.238  -13.154 1.00 10.56  ? 16  SER A C   1 
ATOM   124 O O   . SER A 1 16  ? -3.676  0.463   -12.163 1.00 10.71  ? 16  SER A O   1 
ATOM   125 C CB  . SER A 1 16  ? -3.799  -2.439  -12.012 1.00 12.04  ? 16  SER A CB  1 
ATOM   126 O OG  . SER A 1 16  ? -2.462  -2.618  -12.447 1.00 12.04  ? 16  SER A OG  1 
ATOM   127 N N   . VAL A 1 17  ? -3.521  0.130   -14.382 1.00 10.24  ? 17  VAL A N   1 
ATOM   128 C CA  . VAL A 1 17  ? -2.804  1.378   -14.615 1.00 9.70   ? 17  VAL A CA  1 
ATOM   129 C C   . VAL A 1 17  ? -3.635  2.564   -15.091 1.00 9.08   ? 17  VAL A C   1 
ATOM   130 O O   . VAL A 1 17  ? -4.372  2.474   -16.073 1.00 12.15  ? 17  VAL A O   1 
ATOM   131 C CB  . VAL A 1 17  ? -1.656  1.167   -15.629 1.00 9.32   ? 17  VAL A CB  1 
ATOM   132 C CG1 . VAL A 1 17  ? -0.842  2.446   -15.777 1.00 9.84   ? 17  VAL A CG1 1 
ATOM   133 C CG2 . VAL A 1 17  ? -0.770  0.021   -15.176 1.00 10.82  ? 17  VAL A CG2 1 
ATOM   134 N N   . LEU A 1 18  ? -3.492  3.679   -14.382 1.00 8.63   ? 18  LEU A N   1 
ATOM   135 C CA  . LEU A 1 18  ? -4.171  4.923   -14.719 1.00 8.40   ? 18  LEU A CA  1 
ATOM   136 C C   . LEU A 1 18  ? -3.151  5.798   -15.431 1.00 8.22   ? 18  LEU A C   1 
ATOM   137 O O   . LEU A 1 18  ? -2.031  5.966   -14.951 1.00 8.55   ? 18  LEU A O   1 
ATOM   138 C CB  . LEU A 1 18  ? -4.638  5.649   -13.454 1.00 8.95   ? 18  LEU A CB  1 
ATOM   139 C CG  . LEU A 1 18  ? -5.069  7.113   -13.632 1.00 8.16   ? 18  LEU A CG  1 
ATOM   140 C CD1 . LEU A 1 18  ? -6.402  7.180   -14.375 1.00 8.77   ? 18  LEU A CD1 1 
ATOM   141 C CD2 . LEU A 1 18  ? -5.187  7.783   -12.267 1.00 8.55   ? 18  LEU A CD2 1 
ATOM   142 N N   . THR A 1 19  ? -3.541  6.348   -16.576 1.00 7.70   ? 19  THR A N   1 
ATOM   143 C CA  . THR A 1 19  ? -2.676  7.233   -17.343 1.00 7.37   ? 19  THR A CA  1 
ATOM   144 C C   . THR A 1 19  ? -3.460  8.517   -17.563 1.00 7.91   ? 19  THR A C   1 
ATOM   145 O O   . THR A 1 19  ? -4.669  8.479   -17.790 1.00 8.73   ? 19  THR A O   1 
ATOM   146 C CB  . THR A 1 19  ? -2.313  6.622   -18.715 1.00 7.94   ? 19  THR A CB  1 
ATOM   147 O OG1 . THR A 1 19  ? -1.594  5.397   -18.519 1.00 9.09   ? 19  THR A OG1 1 
ATOM   148 C CG2 . THR A 1 19  ? -1.451  7.589   -19.518 1.00 8.90   ? 19  THR A CG2 1 
ATOM   149 N N   . SER A 1 20  ? -2.789  9.657   -17.473 1.00 8.24   ? 20  SER A N   1 
ATOM   150 C CA  . SER A 1 20  ? -3.466  10.931  -17.680 1.00 8.85   ? 20  SER A CA  1 
ATOM   151 C C   . SER A 1 20  ? -2.478  12.017  -18.081 1.00 8.32   ? 20  SER A C   1 
ATOM   152 O O   . SER A 1 20  ? -1.278  11.908  -17.813 1.00 9.56   ? 20  SER A O   1 
ATOM   153 C CB  . SER A 1 20  ? -4.209  11.353  -16.409 1.00 9.41   ? 20  SER A CB  1 
ATOM   154 O OG  . SER A 1 20  ? -5.034  12.480  -16.656 1.00 10.53  ? 20  SER A OG  1 
ATOM   155 N N   . THR A 1 21  ? -2.987  13.057  -18.732 1.00 9.33   ? 21  THR A N   1 
ATOM   156 C CA  . THR A 1 21  ? -2.165  14.184  -19.162 1.00 8.73   ? 21  THR A CA  1 
ATOM   157 C C   . THR A 1 21  ? -2.525  15.327  -18.223 1.00 8.53   ? 21  THR A C   1 
ATOM   158 O O   . THR A 1 21  ? -3.662  15.801  -18.208 1.00 8.24   ? 21  THR A O   1 
ATOM   159 C CB  . THR A 1 21  ? -2.459  14.543  -20.625 1.00 9.35   ? 21  THR A CB  1 
ATOM   160 O OG1 . THR A 1 21  ? -2.129  13.416  -21.450 1.00 10.85  ? 21  THR A OG1 1 
ATOM   161 C CG2 . THR A 1 21  ? -1.628  15.739  -21.068 1.00 9.22   ? 21  THR A CG2 1 
ATOM   162 N N   . CYS A 1 22  ? -1.545  15.766  -17.442 1.00 8.54   ? 22  CYS A N   1 
ATOM   163 C CA  . CYS A 1 22  ? -1.784  16.784  -16.432 1.00 8.91   ? 22  CYS A CA  1 
ATOM   164 C C   . CYS A 1 22  ? -1.023  18.095  -16.564 1.00 9.31   ? 22  CYS A C   1 
ATOM   165 O O   . CYS A 1 22  ? 0.094   18.138  -17.076 1.00 10.50  ? 22  CYS A O   1 
ATOM   166 C CB  . CYS A 1 22  ? -1.492  16.179  -15.065 1.00 9.34   ? 22  CYS A CB  1 
ATOM   167 S SG  . CYS A 1 22  ? -2.438  14.673  -14.661 1.00 8.86   ? 22  CYS A SG  1 
ATOM   168 N N   . GLU A 1 23  ? -1.638  19.159  -16.057 1.00 9.75   ? 23  GLU A N   1 
ATOM   169 C CA  . GLU A 1 23  ? -1.054  20.492  -16.101 1.00 12.30  ? 23  GLU A CA  1 
ATOM   170 C C   . GLU A 1 23  ? 0.104   20.652  -15.133 1.00 12.29  ? 23  GLU A C   1 
ATOM   171 O O   . GLU A 1 23  ? 0.028   20.217  -13.984 1.00 12.52  ? 23  GLU A O   1 
ATOM   172 C CB  . GLU A 1 23  ? -2.102  21.544  -15.736 1.00 15.90  ? 23  GLU A CB  1 
ATOM   173 C CG  . GLU A 1 23  ? -3.303  21.618  -16.643 1.00 21.16  ? 23  GLU A CG  1 
ATOM   174 C CD  . GLU A 1 23  ? -4.313  22.640  -16.157 1.00 24.26  ? 23  GLU A CD  1 
ATOM   175 O OE1 . GLU A 1 23  ? -4.091  23.233  -15.078 1.00 24.13  ? 23  GLU A OE1 1 
ATOM   176 O OE2 . GLU A 1 23  ? -5.329  22.848  -16.852 1.00 27.78  ? 23  GLU A OE2 1 
ATOM   177 N N   . ARG A 1 24  ? 1.173   21.287  -15.601 1.00 12.98  ? 24  ARG A N   1 
ATOM   178 C CA  . ARG A 1 24  ? 2.321   21.555  -14.748 1.00 14.14  ? 24  ARG A CA  1 
ATOM   179 C C   . ARG A 1 24  ? 2.114   22.954  -14.167 1.00 14.50  ? 24  ARG A C   1 
ATOM   180 O O   . ARG A 1 24  ? 1.313   23.734  -14.683 1.00 14.53  ? 24  ARG A O   1 
ATOM   181 C CB  . ARG A 1 24  ? 3.622   21.521  -15.552 1.00 15.70  ? 24  ARG A CB  1 
ATOM   182 C CG  . ARG A 1 24  ? 3.938   20.175  -16.178 1.00 19.85  ? 24  ARG A CG  1 
ATOM   183 C CD  . ARG A 1 24  ? 5.424   20.056  -16.457 1.00 23.62  ? 24  ARG A CD  1 
ATOM   184 N NE  . ARG A 1 24  ? 6.197   20.115  -15.219 1.00 28.73  ? 24  ARG A NE  1 
ATOM   185 C CZ  . ARG A 1 24  ? 7.525   20.137  -15.162 1.00 30.07  ? 24  ARG A CZ  1 
ATOM   186 N NH1 . ARG A 1 24  ? 8.240   20.109  -16.279 1.00 32.52  ? 24  ARG A NH1 1 
ATOM   187 N NH2 . ARG A 1 24  ? 8.139   20.190  -13.987 1.00 30.88  ? 24  ARG A NH2 1 
ATOM   188 N N   . THR A 1 25  ? 2.834   23.270  -13.097 1.00 16.50  ? 25  THR A N   1 
ATOM   189 C CA  . THR A 1 25  ? 2.717   24.578  -12.466 1.00 18.92  ? 25  THR A CA  1 
ATOM   190 C C   . THR A 1 25  ? 3.076   25.709  -13.429 1.00 20.21  ? 25  THR A C   1 
ATOM   191 O O   . THR A 1 25  ? 2.304   26.650  -13.611 1.00 21.56  ? 25  THR A O   1 
ATOM   192 C CB  . THR A 1 25  ? 3.637   24.682  -11.234 1.00 18.95  ? 25  THR A CB  1 
ATOM   193 O OG1 . THR A 1 25  ? 3.296   23.658  -10.295 1.00 20.04  ? 25  THR A OG1 1 
ATOM   194 C CG2 . THR A 1 25  ? 3.489   26.041  -10.571 1.00 20.04  ? 25  THR A CG2 1 
ATOM   195 N N   . ASN A 1 26  ? 4.250   25.601  -14.045 1.00 22.89  ? 26  ASN A N   1 
ATOM   196 C CA  . ASN A 1 26  ? 4.745   26.611  -14.979 1.00 24.46  ? 26  ASN A CA  1 
ATOM   197 C C   . ASN A 1 26  ? 4.010   26.588  -16.312 1.00 25.78  ? 26  ASN A C   1 
ATOM   198 O O   . ASN A 1 26  ? 4.423   27.244  -17.271 1.00 27.04  ? 26  ASN A O   1 
ATOM   199 C CB  . ASN A 1 26  ? 6.244   26.395  -15.214 1.00 25.57  ? 26  ASN A CB  1 
ATOM   200 C CG  . ASN A 1 26  ? 6.828   27.374  -16.214 0.00 25.25  ? 26  ASN A CG  1 
ATOM   201 O OD1 . ASN A 1 26  ? 6.784   28.587  -16.011 0.00 25.41  ? 26  ASN A OD1 1 
ATOM   202 N ND2 . ASN A 1 26  ? 7.381   26.849  -17.301 0.00 25.41  ? 26  ASN A ND2 1 
ATOM   203 N N   . GLY A 1 27  ? 2.910   25.848  -16.367 1.00 24.69  ? 27  GLY A N   1 
ATOM   204 C CA  . GLY A 1 27  ? 2.159   25.754  -17.601 1.00 25.43  ? 27  GLY A CA  1 
ATOM   205 C C   . GLY A 1 27  ? 2.662   24.557  -18.379 1.00 24.07  ? 27  GLY A C   1 
ATOM   206 O O   . GLY A 1 27  ? 3.700   23.984  -18.043 1.00 25.42  ? 27  GLY A O   1 
ATOM   207 N N   . GLY A 1 28  ? 1.943   24.177  -19.424 1.00 23.22  ? 28  GLY A N   1 
ATOM   208 C CA  . GLY A 1 28  ? 2.362   23.027  -20.198 1.00 20.20  ? 28  GLY A CA  1 
ATOM   209 C C   . GLY A 1 28  ? 1.804   21.773  -19.562 1.00 18.89  ? 28  GLY A C   1 
ATOM   210 O O   . GLY A 1 28  ? 1.180   21.836  -18.499 1.00 15.77  ? 28  GLY A O   1 
ATOM   211 N N   . TYR A 1 29  ? 2.032   20.630  -20.199 1.00 17.40  ? 29  TYR A N   1 
ATOM   212 C CA  . TYR A 1 29  ? 1.515   19.371  -19.683 1.00 15.66  ? 29  TYR A CA  1 
ATOM   213 C C   . TYR A 1 29  ? 2.530   18.247  -19.672 1.00 13.75  ? 29  TYR A C   1 
ATOM   214 O O   . TYR A 1 29  ? 3.594   18.332  -20.284 1.00 14.33  ? 29  TYR A O   1 
ATOM   215 C CB  . TYR A 1 29  ? 0.315   18.914  -20.514 1.00 16.74  ? 29  TYR A CB  1 
ATOM   216 C CG  . TYR A 1 29  ? -0.763  19.952  -20.660 1.00 18.10  ? 29  TYR A CG  1 
ATOM   217 C CD1 . TYR A 1 29  ? -0.625  21.002  -21.566 1.00 20.25  ? 29  TYR A CD1 1 
ATOM   218 C CD2 . TYR A 1 29  ? -1.913  19.901  -19.877 1.00 17.82  ? 29  TYR A CD2 1 
ATOM   219 C CE1 . TYR A 1 29  ? -1.608  21.975  -21.689 1.00 22.43  ? 29  TYR A CE1 1 
ATOM   220 C CE2 . TYR A 1 29  ? -2.902  20.873  -19.993 1.00 21.92  ? 29  TYR A CE2 1 
ATOM   221 C CZ  . TYR A 1 29  ? -2.741  21.905  -20.900 1.00 21.68  ? 29  TYR A CZ  1 
ATOM   222 O OH  . TYR A 1 29  ? -3.713  22.868  -21.023 1.00 25.84  ? 29  TYR A OH  1 
ATOM   223 N N   . ASN A 1 30  ? 2.175   17.188  -18.957 1.00 11.22  ? 30  ASN A N   1 
ATOM   224 C CA  . ASN A 1 30  ? 2.995   15.996  -18.871 1.00 10.44  ? 30  ASN A CA  1 
ATOM   225 C C   . ASN A 1 30  ? 2.062   14.807  -18.755 1.00 10.34  ? 30  ASN A C   1 
ATOM   226 O O   . ASN A 1 30  ? 1.056   14.862  -18.049 1.00 10.28  ? 30  ASN A O   1 
ATOM   227 C CB  . ASN A 1 30  ? 3.911   16.021  -17.651 1.00 11.86  ? 30  ASN A CB  1 
ATOM   228 C CG  . ASN A 1 30  ? 4.719   14.744  -17.522 1.00 11.87  ? 30  ASN A CG  1 
ATOM   229 O OD1 . ASN A 1 30  ? 5.519   14.418  -18.397 1.00 15.38  ? 30  ASN A OD1 1 
ATOM   230 N ND2 . ASN A 1 30  ? 4.504   14.009  -16.439 1.00 12.74  ? 30  ASN A ND2 1 
ATOM   231 N N   . THR A 1 31  ? 2.390   13.733  -19.458 1.00 10.79  ? 31  THR A N   1 
ATOM   232 C CA  . THR A 1 31  ? 1.584   12.529  -19.404 1.00 10.94  ? 31  THR A CA  1 
ATOM   233 C C   . THR A 1 31  ? 2.326   11.550  -18.512 1.00 11.18  ? 31  THR A C   1 
ATOM   234 O O   . THR A 1 31  ? 3.538   11.384  -18.632 1.00 12.63  ? 31  THR A O   1 
ATOM   235 C CB  . THR A 1 31  ? 1.390   11.930  -20.808 1.00 10.32  ? 31  THR A CB  1 
ATOM   236 O OG1 . THR A 1 31  ? 0.724   12.889  -21.642 1.00 9.71   ? 31  THR A OG1 1 
ATOM   237 C CG2 . THR A 1 31  ? 0.548   10.662  -20.737 1.00 10.67  ? 31  THR A CG2 1 
ATOM   238 N N   . SER A 1 32  ? 1.606   10.922  -17.593 1.00 9.67   ? 32  SER A N   1 
ATOM   239 C CA  . SER A 1 32  ? 2.222   9.973   -16.681 1.00 10.18  ? 32  SER A CA  1 
ATOM   240 C C   . SER A 1 32  ? 1.252   8.859   -16.344 1.00 10.32  ? 32  SER A C   1 
ATOM   241 O O   . SER A 1 32  ? 0.057   8.948   -16.631 1.00 9.28   ? 32  SER A O   1 
ATOM   242 C CB  . SER A 1 32  ? 2.670   10.677  -15.394 1.00 10.72  ? 32  SER A CB  1 
ATOM   243 O OG  . SER A 1 32  ? 1.565   11.148  -14.640 1.00 9.40   ? 32  SER A OG  1 
ATOM   244 N N   . SER A 1 33  ? 1.776   7.810   -15.725 1.00 9.80   ? 33  SER A N   1 
ATOM   245 C CA  . SER A 1 33  ? 0.969   6.666   -15.345 1.00 10.89  ? 33  SER A CA  1 
ATOM   246 C C   . SER A 1 33  ? 1.242   6.273   -13.905 1.00 10.34  ? 33  SER A C   1 
ATOM   247 O O   . SER A 1 33  ? 2.276   6.620   -13.331 1.00 10.62  ? 33  SER A O   1 
ATOM   248 C CB  . SER A 1 33  ? 1.281   5.475   -16.255 1.00 12.55  ? 33  SER A CB  1 
ATOM   249 O OG  . SER A 1 33  ? 1.006   5.770   -17.612 1.00 16.24  ? 33  SER A OG  1 
ATOM   250 N N   . ILE A 1 34  ? 0.300   5.545   -13.327 1.00 10.35  ? 34  ILE A N   1 
ATOM   251 C CA  . ILE A 1 34  ? 0.443   5.064   -11.966 1.00 8.78   ? 34  ILE A CA  1 
ATOM   252 C C   . ILE A 1 34  ? -0.265  3.720   -11.858 1.00 10.07  ? 34  ILE A C   1 
ATOM   253 O O   . ILE A 1 34  ? -1.410  3.573   -12.292 1.00 8.97   ? 34  ILE A O   1 
ATOM   254 C CB  . ILE A 1 34  ? -0.130  6.079   -10.939 1.00 10.45  ? 34  ILE A CB  1 
ATOM   255 C CG1 . ILE A 1 34  ? 0.216   5.624   -9.521  1.00 11.09  ? 34  ILE A CG1 1 
ATOM   256 C CG2 . ILE A 1 34  ? -1.641  6.227   -11.102 1.00 11.56  ? 34  ILE A CG2 1 
ATOM   257 C CD1 . ILE A 1 34  ? -0.130  6.637   -8.447  1.00 13.21  ? 34  ILE A CD1 1 
ATOM   258 N N   . ASP A 1 35  ? 0.441   2.732   -11.317 1.00 9.38   ? 35  ASP A N   1 
ATOM   259 C CA  . ASP A 1 35  ? -0.107  1.394   -11.146 1.00 10.66  ? 35  ASP A CA  1 
ATOM   260 C C   . ASP A 1 35  ? -0.843  1.349   -9.812  1.00 11.48  ? 35  ASP A C   1 
ATOM   261 O O   . ASP A 1 35  ? -0.230  1.435   -8.747  1.00 12.53  ? 35  ASP A O   1 
ATOM   262 C CB  . ASP A 1 35  ? 1.015   0.358   -11.160 1.00 10.60  ? 35  ASP A CB  1 
ATOM   263 C CG  . ASP A 1 35  ? 0.493   -1.052  -11.315 1.00 12.85  ? 35  ASP A CG  1 
ATOM   264 O OD1 . ASP A 1 35  ? -0.625  -1.324  -10.834 1.00 10.93  ? 35  ASP A OD1 1 
ATOM   265 O OD2 . ASP A 1 35  ? 1.204   -1.891  -11.906 1.00 17.21  ? 35  ASP A OD2 1 
ATOM   266 N N   . LEU A 1 36  ? -2.161  1.201   -9.881  1.00 9.94   ? 36  LEU A N   1 
ATOM   267 C CA  . LEU A 1 36  ? -3.002  1.179   -8.691  1.00 11.58  ? 36  LEU A CA  1 
ATOM   268 C C   . LEU A 1 36  ? -3.020  -0.138  -7.928  1.00 12.07  ? 36  LEU A C   1 
ATOM   269 O O   . LEU A 1 36  ? -3.609  -0.216  -6.852  1.00 12.59  ? 36  LEU A O   1 
ATOM   270 C CB  . LEU A 1 36  ? -4.432  1.555   -9.077  1.00 11.01  ? 36  LEU A CB  1 
ATOM   271 C CG  . LEU A 1 36  ? -4.594  2.909   -9.773  1.00 12.49  ? 36  LEU A CG  1 
ATOM   272 C CD1 . LEU A 1 36  ? -5.983  2.998   -10.373 1.00 11.62  ? 36  LEU A CD1 1 
ATOM   273 C CD2 . LEU A 1 36  ? -4.347  4.039   -8.779  1.00 12.14  ? 36  LEU A CD2 1 
ATOM   274 N N   . ASN A 1 37  ? -2.386  -1.170  -8.478  1.00 11.63  ? 37  ASN A N   1 
ATOM   275 C CA  . ASN A 1 37  ? -2.354  -2.478  -7.825  1.00 12.99  ? 37  ASN A CA  1 
ATOM   276 C C   . ASN A 1 37  ? -1.824  -2.452  -6.396  1.00 14.72  ? 37  ASN A C   1 
ATOM   277 O O   . ASN A 1 37  ? -2.286  -3.217  -5.553  1.00 16.50  ? 37  ASN A O   1 
ATOM   278 C CB  . ASN A 1 37  ? -1.510  -3.473  -8.632  1.00 14.23  ? 37  ASN A CB  1 
ATOM   279 C CG  . ASN A 1 37  ? -2.354  -4.440  -9.441  1.00 14.59  ? 37  ASN A CG  1 
ATOM   280 O OD1 . ASN A 1 37  ? -3.503  -4.725  -9.094  1.00 15.34  ? 37  ASN A OD1 1 
ATOM   281 N ND2 . ASN A 1 37  ? -1.777  -4.972  -10.515 1.00 15.95  ? 37  ASN A ND2 1 
ATOM   282 N N   . SER A 1 38  ? -0.862  -1.578  -6.118  1.00 15.72  ? 38  SER A N   1 
ATOM   283 C CA  . SER A 1 38  ? -0.280  -1.515  -4.780  1.00 17.92  ? 38  SER A CA  1 
ATOM   284 C C   . SER A 1 38  ? -0.974  -0.571  -3.802  1.00 16.77  ? 38  SER A C   1 
ATOM   285 O O   . SER A 1 38  ? -0.584  -0.503  -2.637  1.00 18.36  ? 38  SER A O   1 
ATOM   286 C CB  . SER A 1 38  ? 1.205   -1.146  -4.867  1.00 19.05  ? 38  SER A CB  1 
ATOM   287 O OG  . SER A 1 38  ? 1.383   0.148   -5.411  1.00 23.72  ? 38  SER A OG  1 
ATOM   288 N N   . VAL A 1 39  ? -1.998  0.147   -4.256  1.00 15.31  ? 39  VAL A N   1 
ATOM   289 C CA  . VAL A 1 39  ? -2.699  1.072   -3.370  1.00 13.83  ? 39  VAL A CA  1 
ATOM   290 C C   . VAL A 1 39  ? -4.197  0.814   -3.232  1.00 11.87  ? 39  VAL A C   1 
ATOM   291 O O   . VAL A 1 39  ? -4.857  1.423   -2.393  1.00 11.40  ? 39  VAL A O   1 
ATOM   292 C CB  . VAL A 1 39  ? -2.490  2.542   -3.802  1.00 14.61  ? 39  VAL A CB  1 
ATOM   293 C CG1 . VAL A 1 39  ? -1.030  2.934   -3.617  1.00 15.41  ? 39  VAL A CG1 1 
ATOM   294 C CG2 . VAL A 1 39  ? -2.914  2.727   -5.245  1.00 15.93  ? 39  VAL A CG2 1 
ATOM   295 N N   . ILE A 1 40  ? -4.730  -0.082  -4.058  1.00 11.26  ? 40  ILE A N   1 
ATOM   296 C CA  . ILE A 1 40  ? -6.146  -0.431  -3.995  1.00 10.09  ? 40  ILE A CA  1 
ATOM   297 C C   . ILE A 1 40  ? -6.276  -1.942  -3.844  1.00 10.82  ? 40  ILE A C   1 
ATOM   298 O O   . ILE A 1 40  ? -5.509  -2.700  -4.429  1.00 11.55  ? 40  ILE A O   1 
ATOM   299 C CB  . ILE A 1 40  ? -6.898  0.034   -5.269  1.00 9.67   ? 40  ILE A CB  1 
ATOM   300 C CG1 . ILE A 1 40  ? -6.941  1.565   -5.307  1.00 10.00  ? 40  ILE A CG1 1 
ATOM   301 C CG2 . ILE A 1 40  ? -8.310  -0.545  -5.292  1.00 12.10  ? 40  ILE A CG2 1 
ATOM   302 C CD1 . ILE A 1 40  ? -7.555  2.136   -6.568  1.00 9.70   ? 40  ILE A CD1 1 
ATOM   303 N N   . GLU A 1 41  ? -7.243  -2.379  -3.046  1.00 10.43  ? 41  GLU A N   1 
ATOM   304 C CA  . GLU A 1 41  ? -7.436  -3.803  -2.843  1.00 11.17  ? 41  GLU A CA  1 
ATOM   305 C C   . GLU A 1 41  ? -8.900  -4.203  -2.841  1.00 11.03  ? 41  GLU A C   1 
ATOM   306 O O   . GLU A 1 41  ? -9.786  -3.384  -2.589  1.00 10.97  ? 41  GLU A O   1 
ATOM   307 C CB  . GLU A 1 41  ? -6.777  -4.245  -1.533  1.00 17.12  ? 41  GLU A CB  1 
ATOM   308 C CG  . GLU A 1 41  ? -7.283  -3.521  -0.304  1.00 20.21  ? 41  GLU A CG  1 
ATOM   309 C CD  . GLU A 1 41  ? -6.613  -4.003  0.969   1.00 25.11  ? 41  GLU A CD  1 
ATOM   310 O OE1 . GLU A 1 41  ? -5.370  -3.930  1.056   1.00 27.04  ? 41  GLU A OE1 1 
ATOM   311 O OE2 . GLU A 1 41  ? -7.333  -4.457  1.882   1.00 29.45  ? 41  GLU A OE2 1 
ATOM   312 N N   . ASN A 1 42  ? -9.139  -5.471  -3.149  1.00 8.85   ? 42  ASN A N   1 
ATOM   313 C CA  . ASN A 1 42  ? -10.482 -6.016  -3.172  1.00 9.24   ? 42  ASN A CA  1 
ATOM   314 C C   . ASN A 1 42  ? -10.799 -6.659  -1.827  1.00 10.42  ? 42  ASN A C   1 
ATOM   315 O O   . ASN A 1 42  ? -10.222 -7.684  -1.465  1.00 11.94  ? 42  ASN A O   1 
ATOM   316 C CB  . ASN A 1 42  ? -10.606 -7.050  -4.295  1.00 7.90   ? 42  ASN A CB  1 
ATOM   317 C CG  . ASN A 1 42  ? -11.897 -7.837  -4.227  1.00 9.20   ? 42  ASN A CG  1 
ATOM   318 O OD1 . ASN A 1 42  ? -12.864 -7.428  -3.579  1.00 9.49   ? 42  ASN A OD1 1 
ATOM   319 N ND2 . ASN A 1 42  ? -11.923 -8.974  -4.909  1.00 10.76  ? 42  ASN A ND2 1 
ATOM   320 N N   . VAL A 1 43  ? -11.711 -6.039  -1.088  1.00 10.22  ? 43  VAL A N   1 
ATOM   321 C CA  . VAL A 1 43  ? -12.125 -6.555  0.209   1.00 10.83  ? 43  VAL A CA  1 
ATOM   322 C C   . VAL A 1 43  ? -13.565 -7.049  0.086   1.00 10.03  ? 43  VAL A C   1 
ATOM   323 O O   . VAL A 1 43  ? -14.506 -6.258  0.067   1.00 11.04  ? 43  VAL A O   1 
ATOM   324 C CB  . VAL A 1 43  ? -12.053 -5.462  1.298   1.00 11.12  ? 43  VAL A CB  1 
ATOM   325 C CG1 . VAL A 1 43  ? -12.505 -6.033  2.633   1.00 14.81  ? 43  VAL A CG1 1 
ATOM   326 C CG2 . VAL A 1 43  ? -10.632 -4.925  1.407   1.00 13.37  ? 43  VAL A CG2 1 
ATOM   327 N N   . ASP A 1 44  ? -13.724 -8.363  -0.026  1.00 10.85  ? 44  ASP A N   1 
ATOM   328 C CA  . ASP A 1 44  ? -15.040 -8.981  -0.143  1.00 11.44  ? 44  ASP A CA  1 
ATOM   329 C C   . ASP A 1 44  ? -15.902 -8.369  -1.248  1.00 11.04  ? 44  ASP A C   1 
ATOM   330 O O   . ASP A 1 44  ? -17.086 -8.098  -1.050  1.00 11.78  ? 44  ASP A O   1 
ATOM   331 C CB  . ASP A 1 44  ? -15.770 -8.906  1.205   1.00 12.14  ? 44  ASP A CB  1 
ATOM   332 C CG  . ASP A 1 44  ? -17.009 -9.785  1.251   1.00 13.57  ? 44  ASP A CG  1 
ATOM   333 O OD1 . ASP A 1 44  ? -17.031 -10.822 0.554   1.00 14.70  ? 44  ASP A OD1 1 
ATOM   334 O OD2 . ASP A 1 44  ? -17.951 -9.447  2.001   1.00 16.49  ? 44  ASP A OD2 1 
ATOM   335 N N   . GLY A 1 45  ? -15.293 -8.139  -2.410  1.00 9.12   ? 45  GLY A N   1 
ATOM   336 C CA  . GLY A 1 45  ? -16.026 -7.602  -3.541  1.00 9.07   ? 45  GLY A CA  1 
ATOM   337 C C   . GLY A 1 45  ? -16.081 -6.096  -3.684  1.00 9.61   ? 45  GLY A C   1 
ATOM   338 O O   . GLY A 1 45  ? -16.650 -5.587  -4.653  1.00 12.13  ? 45  GLY A O   1 
ATOM   339 N N   . SER A 1 46  ? -15.493 -5.380  -2.732  1.00 9.25   ? 46  SER A N   1 
ATOM   340 C CA  . SER A 1 46  ? -15.492 -3.924  -2.758  1.00 9.61   ? 46  SER A CA  1 
ATOM   341 C C   . SER A 1 46  ? -14.072 -3.379  -2.851  1.00 8.76   ? 46  SER A C   1 
ATOM   342 O O   . SER A 1 46  ? -13.191 -3.789  -2.095  1.00 10.03  ? 46  SER A O   1 
ATOM   343 C CB  . SER A 1 46  ? -16.163 -3.386  -1.492  1.00 10.86  ? 46  SER A CB  1 
ATOM   344 O OG  . SER A 1 46  ? -16.134 -1.968  -1.458  1.00 13.91  ? 46  SER A OG  1 
ATOM   345 N N   . LEU A 1 47  ? -13.849 -2.461  -3.786  1.00 8.50   ? 47  LEU A N   1 
ATOM   346 C CA  . LEU A 1 47  ? -12.529 -1.860  -3.936  1.00 7.67   ? 47  LEU A CA  1 
ATOM   347 C C   . LEU A 1 47  ? -12.320 -0.864  -2.803  1.00 7.69   ? 47  LEU A C   1 
ATOM   348 O O   . LEU A 1 47  ? -13.146 0.025   -2.582  1.00 10.37  ? 47  LEU A O   1 
ATOM   349 C CB  . LEU A 1 47  ? -12.405 -1.149  -5.287  1.00 8.20   ? 47  LEU A CB  1 
ATOM   350 C CG  . LEU A 1 47  ? -12.388 -2.048  -6.528  1.00 9.31   ? 47  LEU A CG  1 
ATOM   351 C CD1 . LEU A 1 47  ? -12.446 -1.182  -7.772  1.00 12.81  ? 47  LEU A CD1 1 
ATOM   352 C CD2 . LEU A 1 47  ? -11.141 -2.926  -6.536  1.00 11.44  ? 47  LEU A CD2 1 
ATOM   353 N N   . LYS A 1 48  ? -11.216 -1.023  -2.081  1.00 8.60   ? 48  LYS A N   1 
ATOM   354 C CA  . LYS A 1 48  ? -10.896 -0.145  -0.960  1.00 9.73   ? 48  LYS A CA  1 
ATOM   355 C C   . LYS A 1 48  ? -9.468  0.359   -1.087  1.00 9.74   ? 48  LYS A C   1 
ATOM   356 O O   . LYS A 1 48  ? -8.633  -0.282  -1.726  1.00 10.28  ? 48  LYS A O   1 
ATOM   357 C CB  . LYS A 1 48  ? -11.010 -0.909  0.363   1.00 11.66  ? 48  LYS A CB  1 
ATOM   358 C CG  . LYS A 1 48  ? -12.316 -1.651  0.577   1.00 14.32  ? 48  LYS A CG  1 
ATOM   359 C CD  . LYS A 1 48  ? -13.480 -0.705  0.753   1.00 17.70  ? 48  LYS A CD  1 
ATOM   360 C CE  . LYS A 1 48  ? -14.738 -1.465  1.140   1.00 18.09  ? 48  LYS A CE  1 
ATOM   361 N NZ  . LYS A 1 48  ? -15.915 -0.568  1.270   1.00 20.68  ? 48  LYS A NZ  1 
ATOM   362 N N   . TRP A 1 49  ? -9.190  1.507   -0.479  1.00 10.62  ? 49  TRP A N   1 
ATOM   363 C CA  . TRP A 1 49  ? -7.842  2.047   -0.499  1.00 11.14  ? 49  TRP A CA  1 
ATOM   364 C C   . TRP A 1 49  ? -7.007  1.213   0.460   1.00 13.45  ? 49  TRP A C   1 
ATOM   365 O O   . TRP A 1 49  ? -7.446  0.892   1.565   1.00 13.56  ? 49  TRP A O   1 
ATOM   366 C CB  . TRP A 1 49  ? -7.833  3.515   -0.070  1.00 10.15  ? 49  TRP A CB  1 
ATOM   367 C CG  . TRP A 1 49  ? -8.418  4.421   -1.104  1.00 8.80   ? 49  TRP A CG  1 
ATOM   368 C CD1 . TRP A 1 49  ? -9.637  5.035   -1.068  1.00 8.21   ? 49  TRP A CD1 1 
ATOM   369 C CD2 . TRP A 1 49  ? -7.825  4.778   -2.357  1.00 8.64   ? 49  TRP A CD2 1 
ATOM   370 N NE1 . TRP A 1 49  ? -9.842  5.754   -2.225  1.00 9.22   ? 49  TRP A NE1 1 
ATOM   371 C CE2 . TRP A 1 49  ? -8.743  5.612   -3.033  1.00 7.78   ? 49  TRP A CE2 1 
ATOM   372 C CE3 . TRP A 1 49  ? -6.604  4.474   -2.974  1.00 8.81   ? 49  TRP A CE3 1 
ATOM   373 C CZ2 . TRP A 1 49  ? -8.480  6.145   -4.298  1.00 9.17   ? 49  TRP A CZ2 1 
ATOM   374 C CZ3 . TRP A 1 49  ? -6.340  5.003   -4.231  1.00 9.33   ? 49  TRP A CZ3 1 
ATOM   375 C CH2 . TRP A 1 49  ? -7.276  5.831   -4.881  1.00 8.65   ? 49  TRP A CH2 1 
ATOM   376 N N   . GLN A 1 50  ? -5.810  0.857   0.017   1.00 16.61  ? 50  GLN A N   1 
ATOM   377 C CA  . GLN A 1 50  ? -4.894  0.043   0.798   1.00 21.46  ? 50  GLN A CA  1 
ATOM   378 C C   . GLN A 1 50  ? -4.040  0.907   1.716   1.00 22.84  ? 50  GLN A C   1 
ATOM   379 O O   . GLN A 1 50  ? -3.494  1.922   1.289   1.00 23.23  ? 50  GLN A O   1 
ATOM   380 C CB  . GLN A 1 50  ? -3.987  -0.743  -0.150  1.00 24.75  ? 50  GLN A CB  1 
ATOM   381 C CG  . GLN A 1 50  ? -3.249  -1.896  0.493   1.00 29.05  ? 50  GLN A CG  1 
ATOM   382 C CD  . GLN A 1 50  ? -2.306  -2.591  -0.471  1.00 28.89  ? 50  GLN A CD  1 
ATOM   383 O OE1 . GLN A 1 50  ? -1.244  -2.068  -0.807  1.00 31.54  ? 50  GLN A OE1 1 
ATOM   384 N NE2 . GLN A 1 50  ? -2.694  -3.775  -0.924  1.00 31.91  ? 50  GLN A NE2 1 
ATOM   385 N N   . PRO A 1 51  ? -3.923  0.521   2.996   1.00 23.87  ? 51  PRO A N   1 
ATOM   386 C CA  . PRO A 1 51  ? -3.104  1.315   3.917   1.00 24.10  ? 51  PRO A CA  1 
ATOM   387 C C   . PRO A 1 51  ? -1.647  1.247   3.471   1.00 24.75  ? 51  PRO A C   1 
ATOM   388 O O   . PRO A 1 51  ? -1.159  0.182   3.091   1.00 25.97  ? 51  PRO A O   1 
ATOM   389 C CB  . PRO A 1 51  ? -3.347  0.639   5.263   1.00 24.42  ? 51  PRO A CB  1 
ATOM   390 C CG  . PRO A 1 51  ? -3.607  -0.788  4.882   1.00 25.58  ? 51  PRO A CG  1 
ATOM   391 C CD  . PRO A 1 51  ? -4.505  -0.647  3.678   1.00 24.03  ? 51  PRO A CD  1 
ATOM   392 N N   . SER A 1 52  ? -0.959  2.382   3.510   1.00 23.21  ? 52  SER A N   1 
ATOM   393 C CA  . SER A 1 52  ? 0.435   2.446   3.087   1.00 23.39  ? 52  SER A CA  1 
ATOM   394 C C   . SER A 1 52  ? 1.404   1.986   4.168   1.00 22.23  ? 52  SER A C   1 
ATOM   395 O O   . SER A 1 52  ? 2.614   1.929   3.940   1.00 23.33  ? 52  SER A O   1 
ATOM   396 C CB  . SER A 1 52  ? 0.787   3.876   2.676   1.00 24.01  ? 52  SER A CB  1 
ATOM   397 O OG  . SER A 1 52  ? 0.659   4.757   3.780   1.00 26.21  ? 52  SER A OG  1 
ATOM   398 N N   . ASN A 1 53  ? 0.878   1.657   5.341   1.00 21.05  ? 53  ASN A N   1 
ATOM   399 C CA  . ASN A 1 53  ? 1.733   1.224   6.438   1.00 20.47  ? 53  ASN A CA  1 
ATOM   400 C C   . ASN A 1 53  ? 0.920   0.647   7.586   1.00 19.41  ? 53  ASN A C   1 
ATOM   401 O O   . ASN A 1 53  ? -0.310  0.727   7.594   1.00 21.89  ? 53  ASN A O   1 
ATOM   402 C CB  . ASN A 1 53  ? 2.545   2.412   6.958   1.00 19.80  ? 53  ASN A CB  1 
ATOM   403 C CG  . ASN A 1 53  ? 1.689   3.413   7.710   1.00 23.79  ? 53  ASN A CG  1 
ATOM   404 O OD1 . ASN A 1 53  ? 1.173   3.117   8.789   1.00 23.82  ? 53  ASN A OD1 1 
ATOM   405 N ND2 . ASN A 1 53  ? 1.525   4.601   7.139   1.00 25.49  ? 53  ASN A ND2 1 
ATOM   406 N N   . PHE A 1 54  ? 1.624   0.053   8.544   1.00 17.08  ? 54  PHE A N   1 
ATOM   407 C CA  . PHE A 1 54  ? 0.999   -0.512  9.731   1.00 13.48  ? 54  PHE A CA  1 
ATOM   408 C C   . PHE A 1 54  ? 1.697   0.070   10.958  1.00 13.53  ? 54  PHE A C   1 
ATOM   409 O O   . PHE A 1 54  ? 1.233   -0.088  12.086  1.00 14.07  ? 54  PHE A O   1 
ATOM   410 C CB  . PHE A 1 54  ? 1.085   -2.050  9.723   1.00 13.50  ? 54  PHE A CB  1 
ATOM   411 C CG  . PHE A 1 54  ? 2.482   -2.601  9.850   1.00 14.49  ? 54  PHE A CG  1 
ATOM   412 C CD1 . PHE A 1 54  ? 3.091   -2.717  11.097  1.00 13.85  ? 54  PHE A CD1 1 
ATOM   413 C CD2 . PHE A 1 54  ? 3.180   -3.030  8.725   1.00 14.20  ? 54  PHE A CD2 1 
ATOM   414 C CE1 . PHE A 1 54  ? 4.374   -3.255  11.221  1.00 17.05  ? 54  PHE A CE1 1 
ATOM   415 C CE2 . PHE A 1 54  ? 4.462   -3.568  8.840   1.00 14.09  ? 54  PHE A CE2 1 
ATOM   416 C CZ  . PHE A 1 54  ? 5.058   -3.681  10.093  1.00 15.24  ? 54  PHE A CZ  1 
ATOM   417 N N   . ILE A 1 55  ? 2.810   0.766   10.728  1.00 11.77  ? 55  ILE A N   1 
ATOM   418 C CA  . ILE A 1 55  ? 3.567   1.378   11.818  1.00 13.68  ? 55  ILE A CA  1 
ATOM   419 C C   . ILE A 1 55  ? 2.885   2.624   12.379  1.00 13.20  ? 55  ILE A C   1 
ATOM   420 O O   . ILE A 1 55  ? 3.295   3.148   13.414  1.00 14.08  ? 55  ILE A O   1 
ATOM   421 C CB  . ILE A 1 55  ? 4.994   1.771   11.376  1.00 15.58  ? 55  ILE A CB  1 
ATOM   422 C CG1 . ILE A 1 55  ? 4.922   2.728   10.184  1.00 16.46  ? 55  ILE A CG1 1 
ATOM   423 C CG2 . ILE A 1 55  ? 5.794   0.526   11.036  1.00 20.33  ? 55  ILE A CG2 1 
ATOM   424 C CD1 . ILE A 1 55  ? 6.252   3.335   9.799   1.00 19.63  ? 55  ILE A CD1 1 
ATOM   425 N N   . GLU A 1 56  ? 1.854   3.107   11.692  1.00 11.45  ? 56  GLU A N   1 
ATOM   426 C CA  . GLU A 1 56  ? 1.122   4.287   12.148  1.00 12.06  ? 56  GLU A CA  1 
ATOM   427 C C   . GLU A 1 56  ? 0.112   3.892   13.224  1.00 10.84  ? 56  GLU A C   1 
ATOM   428 O O   . GLU A 1 56  ? -0.225  4.695   14.099  1.00 10.11  ? 56  GLU A O   1 
ATOM   429 C CB  . GLU A 1 56  ? 0.393   4.946   10.968  1.00 13.79  ? 56  GLU A CB  1 
ATOM   430 C CG  . GLU A 1 56  ? -0.696  5.963   11.335  1.00 17.65  ? 56  GLU A CG  1 
ATOM   431 C CD  . GLU A 1 56  ? -0.166  7.252   11.949  1.00 19.53  ? 56  GLU A CD  1 
ATOM   432 O OE1 . GLU A 1 56  ? 1.040   7.334   12.270  1.00 17.41  ? 56  GLU A OE1 1 
ATOM   433 O OE2 . GLU A 1 56  ? -0.976  8.193   12.116  1.00 19.65  ? 56  GLU A OE2 1 
ATOM   434 N N   . THR A 1 57  ? -0.352  2.645   13.161  1.00 10.93  ? 57  THR A N   1 
ATOM   435 C CA  . THR A 1 57  ? -1.335  2.140   14.111  1.00 9.78   ? 57  THR A CA  1 
ATOM   436 C C   . THR A 1 57  ? -0.845  0.986   14.982  1.00 9.49   ? 57  THR A C   1 
ATOM   437 O O   . THR A 1 57  ? -1.610  0.443   15.779  1.00 10.44  ? 57  THR A O   1 
ATOM   438 C CB  . THR A 1 57  ? -2.626  1.697   13.388  1.00 9.85   ? 57  THR A CB  1 
ATOM   439 O OG1 . THR A 1 57  ? -2.311  0.698   12.409  1.00 11.56  ? 57  THR A OG1 1 
ATOM   440 C CG2 . THR A 1 57  ? -3.284  2.888   12.702  1.00 12.73  ? 57  THR A CG2 1 
ATOM   441 N N   . CYS A 1 58  ? 0.420   0.606   14.826  1.00 8.88   ? 58  CYS A N   1 
ATOM   442 C CA  . CYS A 1 58  ? 0.989   -0.465  15.641  1.00 9.43   ? 58  CYS A CA  1 
ATOM   443 C C   . CYS A 1 58  ? 2.266   0.064   16.277  1.00 9.94   ? 58  CYS A C   1 
ATOM   444 O O   . CYS A 1 58  ? 2.931   0.937   15.723  1.00 11.74  ? 58  CYS A O   1 
ATOM   445 C CB  . CYS A 1 58  ? 1.325   -1.699  14.802  1.00 10.45  ? 58  CYS A CB  1 
ATOM   446 S SG  . CYS A 1 58  ? -0.036  -2.482  13.876  1.00 10.10  ? 58  CYS A SG  1 
ATOM   447 N N   . ARG A 1 59  ? 2.607   -0.477  17.438  1.00 10.48  ? 59  ARG A N   1 
ATOM   448 C CA  . ARG A 1 59  ? 3.798   -0.044  18.151  1.00 9.27   ? 59  ARG A CA  1 
ATOM   449 C C   . ARG A 1 59  ? 4.550   -1.251  18.694  1.00 11.23  ? 59  ARG A C   1 
ATOM   450 O O   . ARG A 1 59  ? 4.057   -2.382  18.652  1.00 10.54  ? 59  ARG A O   1 
ATOM   451 C CB  . ARG A 1 59  ? 3.392   0.863   19.313  1.00 10.03  ? 59  ARG A CB  1 
ATOM   452 C CG  . ARG A 1 59  ? 2.642   0.111   20.396  1.00 11.36  ? 59  ARG A CG  1 
ATOM   453 C CD  . ARG A 1 59  ? 2.034   1.025   21.443  1.00 13.58  ? 59  ARG A CD  1 
ATOM   454 N NE  . ARG A 1 59  ? 1.359   0.233   22.467  1.00 13.16  ? 59  ARG A NE  1 
ATOM   455 C CZ  . ARG A 1 59  ? 0.546   0.732   23.389  1.00 14.95  ? 59  ARG A CZ  1 
ATOM   456 N NH1 . ARG A 1 59  ? 0.297   2.034   23.426  1.00 17.05  ? 59  ARG A NH1 1 
ATOM   457 N NH2 . ARG A 1 59  ? -0.020  -0.077  24.275  1.00 16.45  ? 59  ARG A NH2 1 
ATOM   458 N N   . ASN A 1 60  ? 5.750   -1.001  19.201  1.00 11.41  ? 60  ASN A N   1 
ATOM   459 C CA  . ASN A 1 60  ? 6.575   -2.048  19.786  1.00 12.05  ? 60  ASN A CA  1 
ATOM   460 C C   . ASN A 1 60  ? 6.731   -3.270  18.883  1.00 10.15  ? 60  ASN A C   1 
ATOM   461 O O   . ASN A 1 60  ? 6.478   -4.402  19.298  1.00 11.51  ? 60  ASN A O   1 
ATOM   462 C CB  . ASN A 1 60  ? 5.984   -2.457  21.142  1.00 11.70  ? 60  ASN A CB  1 
ATOM   463 C CG  . ASN A 1 60  ? 6.888   -3.391  21.921  1.00 15.09  ? 60  ASN A CG  1 
ATOM   464 O OD1 . ASN A 1 60  ? 8.113   -3.313  21.827  1.00 16.85  ? 60  ASN A OD1 1 
ATOM   465 N ND2 . ASN A 1 60  ? 6.286   -4.270  22.715  1.00 16.32  ? 60  ASN A ND2 1 
ATOM   466 N N   . THR A 1 61  ? 7.149   -3.040  17.644  1.00 11.20  ? 61  THR A N   1 
ATOM   467 C CA  . THR A 1 61  ? 7.352   -4.148  16.720  1.00 10.23  ? 61  THR A CA  1 
ATOM   468 C C   . THR A 1 61  ? 8.618   -4.872  17.157  1.00 11.02  ? 61  THR A C   1 
ATOM   469 O O   . THR A 1 61  ? 9.606   -4.240  17.529  1.00 11.01  ? 61  THR A O   1 
ATOM   470 C CB  . THR A 1 61  ? 7.534   -3.662  15.268  1.00 10.62  ? 61  THR A CB  1 
ATOM   471 O OG1 . THR A 1 61  ? 8.712   -2.848  15.175  1.00 11.39  ? 61  THR A OG1 1 
ATOM   472 C CG2 . THR A 1 61  ? 6.322   -2.861  14.820  1.00 12.26  ? 61  THR A CG2 1 
ATOM   473 N N   . GLN A 1 62  ? 8.583   -6.199  17.127  1.00 9.83   ? 62  GLN A N   1 
ATOM   474 C CA  . GLN A 1 62  ? 9.740   -6.988  17.531  1.00 11.89  ? 62  GLN A CA  1 
ATOM   475 C C   . GLN A 1 62  ? 9.802   -8.285  16.747  1.00 11.16  ? 62  GLN A C   1 
ATOM   476 O O   . GLN A 1 62  ? 8.783   -8.774  16.259  1.00 9.58   ? 62  GLN A O   1 
ATOM   477 C CB  . GLN A 1 62  ? 9.668   -7.335  19.025  1.00 13.81  ? 62  GLN A CB  1 
ATOM   478 C CG  . GLN A 1 62  ? 9.446   -6.159  19.961  1.00 19.41  ? 62  GLN A CG  1 
ATOM   479 C CD  . GLN A 1 62  ? 9.567   -6.549  21.426  1.00 22.33  ? 62  GLN A CD  1 
ATOM   480 O OE1 . GLN A 1 62  ? 9.166   -5.799  22.316  1.00 28.20  ? 62  GLN A OE1 1 
ATOM   481 N NE2 . GLN A 1 62  ? 10.135  -7.720  21.681  1.00 24.17  ? 62  GLN A NE2 1 
ATOM   482 N N   . LEU A 1 63  ? 11.004  -8.834  16.619  1.00 11.75  ? 63  LEU A N   1 
ATOM   483 C CA  . LEU A 1 63  ? 11.184  -10.110 15.947  1.00 14.11  ? 63  LEU A CA  1 
ATOM   484 C C   . LEU A 1 63  ? 11.136  -11.152 17.055  1.00 15.47  ? 63  LEU A C   1 
ATOM   485 O O   . LEU A 1 63  ? 12.010  -11.182 17.925  1.00 18.05  ? 63  LEU A O   1 
ATOM   486 C CB  . LEU A 1 63  ? 12.540  -10.183 15.237  1.00 14.23  ? 63  LEU A CB  1 
ATOM   487 C CG  . LEU A 1 63  ? 12.856  -11.549 14.616  1.00 16.01  ? 63  LEU A CG  1 
ATOM   488 C CD1 . LEU A 1 63  ? 11.864  -11.853 13.509  1.00 15.52  ? 63  LEU A CD1 1 
ATOM   489 C CD2 . LEU A 1 63  ? 14.275  -11.557 14.071  1.00 18.76  ? 63  LEU A CD2 1 
ATOM   490 N N   . ALA A 1 64  ? 10.103  -11.989 17.032  1.00 15.05  ? 64  ALA A N   1 
ATOM   491 C CA  . ALA A 1 64  ? 9.936   -13.036 18.033  1.00 16.96  ? 64  ALA A CA  1 
ATOM   492 C C   . ALA A 1 64  ? 10.445  -14.341 17.441  1.00 17.61  ? 64  ALA A C   1 
ATOM   493 O O   . ALA A 1 64  ? 9.940   -14.807 16.420  1.00 18.86  ? 64  ALA A O   1 
ATOM   494 C CB  . ALA A 1 64  ? 8.468   -13.166 18.413  1.00 17.71  ? 64  ALA A CB  1 
ATOM   495 N N   . GLY A 1 65  ? 11.449  -14.924 18.081  1.00 19.10  ? 65  GLY A N   1 
ATOM   496 C CA  . GLY A 1 65  ? 12.007  -16.159 17.568  1.00 19.83  ? 65  GLY A CA  1 
ATOM   497 C C   . GLY A 1 65  ? 12.847  -15.864 16.340  1.00 19.07  ? 65  GLY A C   1 
ATOM   498 O O   . GLY A 1 65  ? 13.554  -14.857 16.291  1.00 20.80  ? 65  GLY A O   1 
ATOM   499 N N   . SER A 1 66  ? 12.758  -16.725 15.333  1.00 18.20  ? 66  SER A N   1 
ATOM   500 C CA  . SER A 1 66  ? 13.543  -16.539 14.122  1.00 16.33  ? 66  SER A CA  1 
ATOM   501 C C   . SER A 1 66  ? 12.776  -15.964 12.935  1.00 15.02  ? 66  SER A C   1 
ATOM   502 O O   . SER A 1 66  ? 13.390  -15.554 11.951  1.00 15.06  ? 66  SER A O   1 
ATOM   503 C CB  . SER A 1 66  ? 14.176  -17.869 13.708  1.00 18.56  ? 66  SER A CB  1 
ATOM   504 O OG  . SER A 1 66  ? 13.183  -18.863 13.521  1.00 18.68  ? 66  SER A OG  1 
ATOM   505 N N   . SER A 1 67  ? 11.448  -15.914 13.015  1.00 13.06  ? 67  SER A N   1 
ATOM   506 C CA  . SER A 1 67  ? 10.684  -15.403 11.879  1.00 13.05  ? 67  SER A CA  1 
ATOM   507 C C   . SER A 1 67  ? 9.349   -14.736 12.186  1.00 12.45  ? 67  SER A C   1 
ATOM   508 O O   . SER A 1 67  ? 8.624   -14.360 11.264  1.00 12.30  ? 67  SER A O   1 
ATOM   509 C CB  . SER A 1 67  ? 10.431  -16.540 10.892  1.00 13.56  ? 67  SER A CB  1 
ATOM   510 O OG  . SER A 1 67  ? 9.602   -17.531 11.476  1.00 14.49  ? 67  SER A OG  1 
ATOM   511 N N   . GLU A 1 68  ? 9.029   -14.577 13.463  1.00 12.54  ? 68  GLU A N   1 
ATOM   512 C CA  . GLU A 1 68  ? 7.756   -13.989 13.857  1.00 13.65  ? 68  GLU A CA  1 
ATOM   513 C C   . GLU A 1 68  ? 7.811   -12.481 14.085  1.00 11.89  ? 68  GLU A C   1 
ATOM   514 O O   . GLU A 1 68  ? 8.665   -11.992 14.817  1.00 12.88  ? 68  GLU A O   1 
ATOM   515 C CB  . GLU A 1 68  ? 7.270   -14.675 15.139  1.00 15.56  ? 68  GLU A CB  1 
ATOM   516 C CG  . GLU A 1 68  ? 5.785   -14.583 15.415  1.00 21.28  ? 68  GLU A CG  1 
ATOM   517 C CD  . GLU A 1 68  ? 4.964   -15.442 14.473  1.00 20.53  ? 68  GLU A CD  1 
ATOM   518 O OE1 . GLU A 1 68  ? 5.409   -16.561 14.143  1.00 24.08  ? 68  GLU A OE1 1 
ATOM   519 O OE2 . GLU A 1 68  ? 3.868   -15.007 14.074  1.00 25.42  ? 68  GLU A OE2 1 
ATOM   520 N N   . LEU A 1 69  ? 6.913   -11.743 13.439  1.00 10.61  ? 69  LEU A N   1 
ATOM   521 C CA  . LEU A 1 69  ? 6.833   -10.303 13.649  1.00 9.65   ? 69  LEU A CA  1 
ATOM   522 C C   . LEU A 1 69  ? 5.744   -10.114 14.698  1.00 9.83   ? 69  LEU A C   1 
ATOM   523 O O   . LEU A 1 69  ? 4.598   -10.507 14.486  1.00 10.61  ? 69  LEU A O   1 
ATOM   524 C CB  . LEU A 1 69  ? 6.434   -9.563  12.369  1.00 10.79  ? 69  LEU A CB  1 
ATOM   525 C CG  . LEU A 1 69  ? 5.995   -8.102  12.569  1.00 10.65  ? 69  LEU A CG  1 
ATOM   526 C CD1 . LEU A 1 69  ? 7.137   -7.283  13.165  1.00 11.73  ? 69  LEU A CD1 1 
ATOM   527 C CD2 . LEU A 1 69  ? 5.551   -7.509  11.236  1.00 12.40  ? 69  LEU A CD2 1 
ATOM   528 N N   . ALA A 1 70  ? 6.107   -9.522  15.831  1.00 9.49   ? 70  ALA A N   1 
ATOM   529 C CA  . ALA A 1 70  ? 5.156   -9.284  16.905  1.00 9.04   ? 70  ALA A CA  1 
ATOM   530 C C   . ALA A 1 70  ? 4.989   -7.787  17.107  1.00 8.74   ? 70  ALA A C   1 
ATOM   531 O O   . ALA A 1 70  ? 5.920   -7.011  16.880  1.00 10.16  ? 70  ALA A O   1 
ATOM   532 C CB  . ALA A 1 70  ? 5.648   -9.933  18.194  1.00 10.00  ? 70  ALA A CB  1 
ATOM   533 N N   . ALA A 1 71  ? 3.796   -7.382  17.524  1.00 8.16   ? 71  ALA A N   1 
ATOM   534 C CA  . ALA A 1 71  ? 3.527   -5.976  17.766  1.00 7.64   ? 71  ALA A CA  1 
ATOM   535 C C   . ALA A 1 71  ? 2.210   -5.797  18.500  1.00 7.51   ? 71  ALA A C   1 
ATOM   536 O O   . ALA A 1 71  ? 1.446   -6.745  18.676  1.00 8.98   ? 71  ALA A O   1 
ATOM   537 C CB  . ALA A 1 71  ? 3.493   -5.213  16.443  1.00 10.13  ? 71  ALA A CB  1 
ATOM   538 N N   . GLU A 1 72  ? 1.971   -4.569  18.939  1.00 8.17   ? 72  GLU A N   1 
ATOM   539 C CA  . GLU A 1 72  ? 0.741   -4.192  19.621  1.00 8.47   ? 72  GLU A CA  1 
ATOM   540 C C   . GLU A 1 72  ? 0.051   -3.275  18.620  1.00 9.06   ? 72  GLU A C   1 
ATOM   541 O O   . GLU A 1 72  ? 0.580   -2.219  18.275  1.00 10.76  ? 72  GLU A O   1 
ATOM   542 C CB  . GLU A 1 72  ? 1.067   -3.435  20.912  1.00 10.49  ? 72  GLU A CB  1 
ATOM   543 C CG  . GLU A 1 72  ? 1.608   -4.323  22.022  1.00 12.28  ? 72  GLU A CG  1 
ATOM   544 C CD  . GLU A 1 72  ? 2.492   -3.569  23.004  1.00 14.80  ? 72  GLU A CD  1 
ATOM   545 O OE1 . GLU A 1 72  ? 2.245   -2.368  23.239  1.00 14.95  ? 72  GLU A OE1 1 
ATOM   546 O OE2 . GLU A 1 72  ? 3.429   -4.183  23.554  1.00 16.43  ? 72  GLU A OE2 1 
ATOM   547 N N   . CYS A 1 73  ? -1.113  -3.689  18.133  1.00 8.71   ? 73  CYS A N   1 
ATOM   548 C CA  . CYS A 1 73  ? -1.829  -2.899  17.139  1.00 9.55   ? 73  CYS A CA  1 
ATOM   549 C C   . CYS A 1 73  ? -3.200  -2.422  17.590  1.00 10.88  ? 73  CYS A C   1 
ATOM   550 O O   . CYS A 1 73  ? -3.890  -3.104  18.346  1.00 9.87   ? 73  CYS A O   1 
ATOM   551 C CB  . CYS A 1 73  ? -2.005  -3.707  15.860  1.00 10.18  ? 73  CYS A CB  1 
ATOM   552 S SG  . CYS A 1 73  ? -0.501  -4.161  14.933  1.00 10.00  ? 73  CYS A SG  1 
ATOM   553 N N   . LYS A 1 74  ? -3.596  -1.254  17.092  1.00 10.15  ? 74  LYS A N   1 
ATOM   554 C CA  . LYS A 1 74  ? -4.891  -0.669  17.419  1.00 12.48  ? 74  LYS A CA  1 
ATOM   555 C C   . LYS A 1 74  ? -6.041  -1.332  16.668  1.00 12.03  ? 74  LYS A C   1 
ATOM   556 O O   . LYS A 1 74  ? -5.936  -1.623  15.477  1.00 13.11  ? 74  LYS A O   1 
ATOM   557 C CB  . LYS A 1 74  ? -4.898  0.824   17.089  1.00 13.76  ? 74  LYS A CB  1 
ATOM   558 C CG  . LYS A 1 74  ? -4.077  1.683   18.027  1.00 19.34  ? 74  LYS A CG  1 
ATOM   559 C CD  . LYS A 1 74  ? -3.969  3.116   17.519  1.00 21.87  ? 74  LYS A CD  1 
ATOM   560 C CE  . LYS A 1 74  ? -5.335  3.752   17.330  1.00 24.57  ? 74  LYS A CE  1 
ATOM   561 N NZ  . LYS A 1 74  ? -5.220  5.137   16.793  1.00 25.10  ? 74  LYS A NZ  1 
ATOM   562 N N   . THR A 1 75  ? -7.140  -1.560  17.376  1.00 13.42  ? 75  THR A N   1 
ATOM   563 C CA  . THR A 1 75  ? -8.331  -2.155  16.783  1.00 14.67  ? 75  THR A CA  1 
ATOM   564 C C   . THR A 1 75  ? -9.183  -1.009  16.248  1.00 16.18  ? 75  THR A C   1 
ATOM   565 O O   . THR A 1 75  ? -8.823  0.160   16.390  1.00 16.84  ? 75  THR A O   1 
ATOM   566 C CB  . THR A 1 75  ? -9.157  -2.909  17.832  1.00 14.74  ? 75  THR A CB  1 
ATOM   567 O OG1 . THR A 1 75  ? -9.613  -1.981  18.825  1.00 14.89  ? 75  THR A OG1 1 
ATOM   568 C CG2 . THR A 1 75  ? -8.321  -3.986  18.499  1.00 14.94  ? 75  THR A CG2 1 
ATOM   569 N N   . ARG A 1 76  ? -10.312 -1.346  15.635  1.00 18.90  ? 76  ARG A N   1 
ATOM   570 C CA  . ARG A 1 76  ? -11.216 -0.331  15.106  1.00 22.48  ? 76  ARG A CA  1 
ATOM   571 C C   . ARG A 1 76  ? -11.700 0.532   16.269  1.00 22.67  ? 76  ARG A C   1 
ATOM   572 O O   . ARG A 1 76  ? -12.003 1.715   16.099  1.00 23.69  ? 76  ARG A O   1 
ATOM   573 C CB  . ARG A 1 76  ? -12.415 -0.999  14.428  1.00 24.65  ? 76  ARG A CB  1 
ATOM   574 C CG  . ARG A 1 76  ? -12.058 -1.919  13.273  1.00 28.79  ? 76  ARG A CG  1 
ATOM   575 C CD  . ARG A 1 76  ? -11.693 -1.141  12.019  1.00 31.78  ? 76  ARG A CD  1 
ATOM   576 N NE  . ARG A 1 76  ? -11.320 -2.021  10.911  1.00 34.97  ? 76  ARG A NE  1 
ATOM   577 C CZ  . ARG A 1 76  ? -12.088 -2.997  10.433  1.00 35.72  ? 76  ARG A CZ  1 
ATOM   578 N NH1 . ARG A 1 76  ? -13.280 -3.235  10.966  1.00 38.22  ? 76  ARG A NH1 1 
ATOM   579 N NH2 . ARG A 1 76  ? -11.659 -3.742  9.422   1.00 36.01  ? 76  ARG A NH2 1 
ATOM   580 N N   . ALA A 1 77  ? -11.763 -0.074  17.451  1.00 23.06  ? 77  ALA A N   1 
ATOM   581 C CA  . ALA A 1 77  ? -12.214 0.608   18.659  1.00 23.26  ? 77  ALA A CA  1 
ATOM   582 C C   . ALA A 1 77  ? -11.121 1.470   19.284  1.00 23.55  ? 77  ALA A C   1 
ATOM   583 O O   . ALA A 1 77  ? -11.299 2.018   20.372  1.00 24.11  ? 77  ALA A O   1 
ATOM   584 C CB  . ALA A 1 77  ? -12.717 -0.414  19.672  1.00 23.99  ? 77  ALA A CB  1 
ATOM   585 N N   . GLN A 1 78  ? -9.989  1.576   18.594  1.00 23.39  ? 78  GLN A N   1 
ATOM   586 C CA  . GLN A 1 78  ? -8.863  2.388   19.049  1.00 23.64  ? 78  GLN A CA  1 
ATOM   587 C C   . GLN A 1 78  ? -8.141  1.867   20.290  1.00 22.43  ? 78  GLN A C   1 
ATOM   588 O O   . GLN A 1 78  ? -7.541  2.643   21.033  1.00 23.91  ? 78  GLN A O   1 
ATOM   589 C CB  . GLN A 1 78  ? -9.328  3.825   19.299  1.00 25.94  ? 78  GLN A CB  1 
ATOM   590 C CG  . GLN A 1 78  ? -10.027 4.455   18.106  1.00 29.32  ? 78  GLN A CG  1 
ATOM   591 C CD  . GLN A 1 78  ? -9.174  4.427   16.855  1.00 30.81  ? 78  GLN A CD  1 
ATOM   592 O OE1 . GLN A 1 78  ? -8.093  5.014   16.814  1.00 34.45  ? 78  GLN A OE1 1 
ATOM   593 N NE2 . GLN A 1 78  ? -9.654  3.739   15.826  1.00 32.22  ? 78  GLN A NE2 1 
ATOM   594 N N   . GLN A 1 79  ? -8.193  0.559   20.514  1.00 20.34  ? 79  GLN A N   1 
ATOM   595 C CA  . GLN A 1 79  ? -7.521  -0.038  21.662  1.00 18.80  ? 79  GLN A CA  1 
ATOM   596 C C   . GLN A 1 79  ? -6.412  -0.953  21.157  1.00 16.08  ? 79  GLN A C   1 
ATOM   597 O O   . GLN A 1 79  ? -6.567  -1.601  20.125  1.00 15.12  ? 79  GLN A O   1 
ATOM   598 C CB  . GLN A 1 79  ? -8.521  -0.838  22.499  1.00 22.06  ? 79  GLN A CB  1 
ATOM   599 C CG  . GLN A 1 79  ? -9.678  -0.001  23.021  1.00 26.33  ? 79  GLN A CG  1 
ATOM   600 C CD  . GLN A 1 79  ? -10.691 -0.818  23.796  1.00 28.97  ? 79  GLN A CD  1 
ATOM   601 O OE1 . GLN A 1 79  ? -11.252 -1.784  23.280  1.00 31.02  ? 79  GLN A OE1 1 
ATOM   602 N NE2 . GLN A 1 79  ? -10.932 -0.431  25.043  1.00 31.19  ? 79  GLN A NE2 1 
ATOM   603 N N   . PHE A 1 80  ? -5.291  -0.996  21.872  1.00 12.61  ? 80  PHE A N   1 
ATOM   604 C CA  . PHE A 1 80  ? -4.172  -1.843  21.465  1.00 12.54  ? 80  PHE A CA  1 
ATOM   605 C C   . PHE A 1 80  ? -4.301  -3.282  21.948  1.00 12.52  ? 80  PHE A C   1 
ATOM   606 O O   . PHE A 1 80  ? -4.622  -3.534  23.110  1.00 14.06  ? 80  PHE A O   1 
ATOM   607 C CB  . PHE A 1 80  ? -2.840  -1.275  21.967  1.00 14.50  ? 80  PHE A CB  1 
ATOM   608 C CG  . PHE A 1 80  ? -2.326  -0.119  21.161  1.00 15.83  ? 80  PHE A CG  1 
ATOM   609 C CD1 . PHE A 1 80  ? -2.780  1.172   21.401  1.00 19.63  ? 80  PHE A CD1 1 
ATOM   610 C CD2 . PHE A 1 80  ? -1.375  -0.321  20.166  1.00 16.82  ? 80  PHE A CD2 1 
ATOM   611 C CE1 . PHE A 1 80  ? -2.290  2.249   20.660  1.00 20.52  ? 80  PHE A CE1 1 
ATOM   612 C CE2 . PHE A 1 80  ? -0.879  0.745   19.420  1.00 17.53  ? 80  PHE A CE2 1 
ATOM   613 C CZ  . PHE A 1 80  ? -1.337  2.033   19.669  1.00 19.58  ? 80  PHE A CZ  1 
ATOM   614 N N   . VAL A 1 81  ? -4.052  -4.220  21.039  1.00 11.05  ? 81  VAL A N   1 
ATOM   615 C CA  . VAL A 1 81  ? -4.107  -5.641  21.351  1.00 10.61  ? 81  VAL A CA  1 
ATOM   616 C C   . VAL A 1 81  ? -2.840  -6.286  20.797  1.00 9.16   ? 81  VAL A C   1 
ATOM   617 O O   . VAL A 1 81  ? -2.191  -5.736  19.902  1.00 9.88   ? 81  VAL A O   1 
ATOM   618 C CB  . VAL A 1 81  ? -5.352  -6.321  20.727  1.00 10.68  ? 81  VAL A CB  1 
ATOM   619 C CG1 . VAL A 1 81  ? -6.619  -5.720  21.316  1.00 12.51  ? 81  VAL A CG1 1 
ATOM   620 C CG2 . VAL A 1 81  ? -5.341  -6.156  19.218  1.00 11.26  ? 81  VAL A CG2 1 
ATOM   621 N N   A SER A 1 82  ? -2.488  -7.449  21.334  0.50 9.30   ? 82  SER A N   1 
ATOM   622 N N   B SER A 1 82  ? -2.486  -7.449  21.336  0.50 9.12   ? 82  SER A N   1 
ATOM   623 C CA  A SER A 1 82  ? -1.293  -8.164  20.901  0.50 9.22   ? 82  SER A CA  1 
ATOM   624 C CA  B SER A 1 82  ? -1.295  -8.165  20.894  0.50 8.90   ? 82  SER A CA  1 
ATOM   625 C C   A SER A 1 82  ? -1.560  -8.967  19.632  0.50 8.84   ? 82  SER A C   1 
ATOM   626 C C   B SER A 1 82  ? -1.571  -8.952  19.620  0.50 8.64   ? 82  SER A C   1 
ATOM   627 O O   A SER A 1 82  ? -2.597  -9.616  19.504  0.50 9.16   ? 82  SER A O   1 
ATOM   628 O O   B SER A 1 82  ? -2.622  -9.573  19.477  0.50 9.02   ? 82  SER A O   1 
ATOM   629 C CB  A SER A 1 82  ? -0.819  -9.101  22.016  0.50 10.16  ? 82  SER A CB  1 
ATOM   630 C CB  B SER A 1 82  ? -0.816  -9.127  21.986  0.50 9.55   ? 82  SER A CB  1 
ATOM   631 O OG  A SER A 1 82  ? 0.436   -9.680  21.706  0.50 11.24  ? 82  SER A OG  1 
ATOM   632 O OG  B SER A 1 82  ? -0.455  -8.432  23.167  0.50 9.75   ? 82  SER A OG  1 
ATOM   633 N N   . THR A 1 83  ? -0.620  -8.922  18.695  1.00 8.02   ? 83  THR A N   1 
ATOM   634 C CA  . THR A 1 83  ? -0.765  -9.648  17.442  1.00 8.61   ? 83  THR A CA  1 
ATOM   635 C C   . THR A 1 83  ? 0.597   -10.070 16.905  1.00 8.48   ? 83  THR A C   1 
ATOM   636 O O   . THR A 1 83  ? 1.628   -9.523  17.297  1.00 8.61   ? 83  THR A O   1 
ATOM   637 C CB  . THR A 1 83  ? -1.492  -8.786  16.380  1.00 9.32   ? 83  THR A CB  1 
ATOM   638 O OG1 . THR A 1 83  ? -1.630  -9.532  15.164  1.00 9.34   ? 83  THR A OG1 1 
ATOM   639 C CG2 . THR A 1 83  ? -0.719  -7.508  16.096  1.00 9.43   ? 83  THR A CG2 1 
ATOM   640 N N   . LYS A 1 84  ? 0.602   -11.060 16.023  1.00 7.13   ? 84  LYS A N   1 
ATOM   641 C CA  . LYS A 1 84  ? 1.844   -11.518 15.427  1.00 8.67   ? 84  LYS A CA  1 
ATOM   642 C C   . LYS A 1 84  ? 1.552   -12.149 14.079  1.00 8.65   ? 84  LYS A C   1 
ATOM   643 O O   . LYS A 1 84  ? 0.414   -12.527 13.788  1.00 9.50   ? 84  LYS A O   1 
ATOM   644 C CB  . LYS A 1 84  ? 2.563   -12.511 16.349  1.00 11.09  ? 84  LYS A CB  1 
ATOM   645 C CG  . LYS A 1 84  ? 1.828   -13.814 16.595  1.00 12.21  ? 84  LYS A CG  1 
ATOM   646 C CD  . LYS A 1 84  ? 2.528   -14.616 17.689  1.00 12.73  ? 84  LYS A CD  1 
ATOM   647 C CE  . LYS A 1 84  ? 1.859   -15.955 17.937  1.00 14.48  ? 84  LYS A CE  1 
ATOM   648 N NZ  . LYS A 1 84  ? 2.003   -16.880 16.781  1.00 17.33  ? 84  LYS A NZ  1 
ATOM   649 N N   . ILE A 1 85  ? 2.587   -12.242 13.255  1.00 8.84   ? 85  ILE A N   1 
ATOM   650 C CA  . ILE A 1 85  ? 2.457   -12.809 11.925  1.00 8.56   ? 85  ILE A CA  1 
ATOM   651 C C   . ILE A 1 85  ? 3.772   -13.491 11.580  1.00 9.42   ? 85  ILE A C   1 
ATOM   652 O O   . ILE A 1 85  ? 4.845   -12.976 11.897  1.00 9.24   ? 85  ILE A O   1 
ATOM   653 C CB  . ILE A 1 85  ? 2.118   -11.690 10.907  1.00 9.04   ? 85  ILE A CB  1 
ATOM   654 C CG1 . ILE A 1 85  ? 1.847   -12.291 9.528   1.00 7.72   ? 85  ILE A CG1 1 
ATOM   655 C CG2 . ILE A 1 85  ? 3.240   -10.663 10.859  1.00 9.47   ? 85  ILE A CG2 1 
ATOM   656 C CD1 . ILE A 1 85  ? 1.261   -11.290 8.548   1.00 10.43  ? 85  ILE A CD1 1 
ATOM   657 N N   . ASN A 1 86  ? 3.692   -14.666 10.960  1.00 9.40   ? 86  ASN A N   1 
ATOM   658 C CA  . ASN A 1 86  ? 4.892   -15.413 10.600  1.00 9.09   ? 86  ASN A CA  1 
ATOM   659 C C   . ASN A 1 86  ? 5.476   -14.914 9.285   1.00 8.89   ? 86  ASN A C   1 
ATOM   660 O O   . ASN A 1 86  ? 4.905   -15.137 8.215   1.00 8.95   ? 86  ASN A O   1 
ATOM   661 C CB  . ASN A 1 86  ? 4.576   -16.904 10.477  1.00 9.99   ? 86  ASN A CB  1 
ATOM   662 C CG  . ASN A 1 86  ? 5.825   -17.765 10.478  1.00 11.08  ? 86  ASN A CG  1 
ATOM   663 O OD1 . ASN A 1 86  ? 6.920   -17.291 10.178  1.00 10.15  ? 86  ASN A OD1 1 
ATOM   664 N ND2 . ASN A 1 86  ? 5.665   -19.040 10.808  1.00 13.91  ? 86  ASN A ND2 1 
ATOM   665 N N   . LEU A 1 87  ? 6.621   -14.246 9.364   1.00 7.91   ? 87  LEU A N   1 
ATOM   666 C CA  . LEU A 1 87  ? 7.258   -13.716 8.170   1.00 7.53   ? 87  LEU A CA  1 
ATOM   667 C C   . LEU A 1 87  ? 7.698   -14.817 7.206   1.00 8.77   ? 87  LEU A C   1 
ATOM   668 O O   . LEU A 1 87  ? 7.886   -14.560 6.020   1.00 8.88   ? 87  LEU A O   1 
ATOM   669 C CB  . LEU A 1 87  ? 8.438   -12.817 8.559   1.00 8.76   ? 87  LEU A CB  1 
ATOM   670 C CG  . LEU A 1 87  ? 8.043   -11.581 9.386   1.00 6.40   ? 87  LEU A CG  1 
ATOM   671 C CD1 . LEU A 1 87  ? 9.284   -10.756 9.688   1.00 10.32  ? 87  LEU A CD1 1 
ATOM   672 C CD2 . LEU A 1 87  ? 7.012   -10.739 8.642   1.00 8.00   ? 87  LEU A CD2 1 
ATOM   673 N N   . ASP A 1 88  ? 7.854   -16.046 7.695   1.00 7.96   ? 88  ASP A N   1 
ATOM   674 C CA  . ASP A 1 88  ? 8.238   -17.140 6.804   1.00 7.93   ? 88  ASP A CA  1 
ATOM   675 C C   . ASP A 1 88  ? 7.125   -17.442 5.796   1.00 9.09   ? 88  ASP A C   1 
ATOM   676 O O   . ASP A 1 88  ? 7.343   -18.172 4.829   1.00 9.19   ? 88  ASP A O   1 
ATOM   677 C CB  . ASP A 1 88  ? 8.561   -18.421 7.584   1.00 8.43   ? 88  ASP A CB  1 
ATOM   678 C CG  . ASP A 1 88  ? 10.000  -18.478 8.061   1.00 9.83   ? 88  ASP A CG  1 
ATOM   679 O OD1 . ASP A 1 88  ? 10.870  -17.825 7.450   1.00 10.33  ? 88  ASP A OD1 1 
ATOM   680 O OD2 . ASP A 1 88  ? 10.267  -19.202 9.043   1.00 12.26  ? 88  ASP A OD2 1 
ATOM   681 N N   . ASP A 1 89  ? 5.934   -16.889 6.021   1.00 8.82   ? 89  ASP A N   1 
ATOM   682 C CA  . ASP A 1 89  ? 4.817   -17.109 5.103   1.00 9.06   ? 89  ASP A CA  1 
ATOM   683 C C   . ASP A 1 89  ? 5.109   -16.570 3.702   1.00 9.77   ? 89  ASP A C   1 
ATOM   684 O O   . ASP A 1 89  ? 4.781   -17.211 2.700   1.00 10.08  ? 89  ASP A O   1 
ATOM   685 C CB  . ASP A 1 89  ? 3.543   -16.403 5.579   1.00 9.83   ? 89  ASP A CB  1 
ATOM   686 C CG  . ASP A 1 89  ? 2.948   -17.005 6.831   1.00 11.44  ? 89  ASP A CG  1 
ATOM   687 O OD1 . ASP A 1 89  ? 3.389   -18.087 7.276   1.00 12.05  ? 89  ASP A OD1 1 
ATOM   688 O OD2 . ASP A 1 89  ? 2.007   -16.371 7.362   1.00 12.12  ? 89  ASP A OD2 1 
ATOM   689 N N   . HIS A 1 90  ? 5.722   -15.391 3.641   1.00 8.82   ? 90  HIS A N   1 
ATOM   690 C CA  . HIS A 1 90  ? 5.984   -14.729 2.363   1.00 8.85   ? 90  HIS A CA  1 
ATOM   691 C C   . HIS A 1 90  ? 7.368   -14.122 2.138   1.00 8.94   ? 90  HIS A C   1 
ATOM   692 O O   . HIS A 1 90  ? 7.641   -13.603 1.057   1.00 10.59  ? 90  HIS A O   1 
ATOM   693 C CB  . HIS A 1 90  ? 4.937   -13.630 2.153   1.00 9.75   ? 90  HIS A CB  1 
ATOM   694 C CG  . HIS A 1 90  ? 3.560   -14.146 1.879   1.00 11.08  ? 90  HIS A CG  1 
ATOM   695 N ND1 . HIS A 1 90  ? 3.159   -14.567 0.628   1.00 12.51  ? 90  HIS A ND1 1 
ATOM   696 C CD2 . HIS A 1 90  ? 2.491   -14.314 2.691   1.00 11.32  ? 90  HIS A CD2 1 
ATOM   697 C CE1 . HIS A 1 90  ? 1.903   -14.971 0.683   1.00 13.88  ? 90  HIS A CE1 1 
ATOM   698 N NE2 . HIS A 1 90  ? 1.473   -14.827 1.925   1.00 13.08  ? 90  HIS A NE2 1 
ATOM   699 N N   . ILE A 1 91  ? 8.238   -14.154 3.141   1.00 7.32   ? 91  ILE A N   1 
ATOM   700 C CA  . ILE A 1 91  ? 9.570   -13.593 2.960   1.00 7.39   ? 91  ILE A CA  1 
ATOM   701 C C   . ILE A 1 91  ? 10.551  -14.721 2.693   1.00 7.74   ? 91  ILE A C   1 
ATOM   702 O O   . ILE A 1 91  ? 10.745  -15.615 3.526   1.00 9.04   ? 91  ILE A O   1 
ATOM   703 C CB  . ILE A 1 91  ? 10.024  -12.787 4.193   1.00 6.96   ? 91  ILE A CB  1 
ATOM   704 C CG1 . ILE A 1 91  ? 8.980   -11.715 4.530   1.00 8.22   ? 91  ILE A CG1 1 
ATOM   705 C CG2 . ILE A 1 91  ? 11.373  -12.141 3.912   1.00 8.16   ? 91  ILE A CG2 1 
ATOM   706 C CD1 . ILE A 1 91  ? 8.663   -10.770 3.387   1.00 9.60   ? 91  ILE A CD1 1 
ATOM   707 N N   . ALA A 1 92  ? 11.161  -14.677 1.516   1.00 7.81   ? 92  ALA A N   1 
ATOM   708 C CA  . ALA A 1 92  ? 12.101  -15.705 1.115   1.00 8.08   ? 92  ALA A CA  1 
ATOM   709 C C   . ALA A 1 92  ? 13.520  -15.194 0.946   1.00 7.99   ? 92  ALA A C   1 
ATOM   710 O O   . ALA A 1 92  ? 13.758  -13.991 0.803   1.00 8.36   ? 92  ALA A O   1 
ATOM   711 C CB  . ALA A 1 92  ? 11.630  -16.336 -0.188  1.00 9.41   ? 92  ALA A CB  1 
ATOM   712 N N   . ASN A 1 93  ? 14.461  -16.131 0.980   1.00 7.70   ? 93  ASN A N   1 
ATOM   713 C CA  . ASN A 1 93  ? 15.864  -15.827 0.772   1.00 8.58   ? 93  ASN A CA  1 
ATOM   714 C C   . ASN A 1 93  ? 16.154  -16.212 -0.673  1.00 8.53   ? 93  ASN A C   1 
ATOM   715 O O   . ASN A 1 93  ? 16.280  -17.395 -0.996  1.00 8.76   ? 93  ASN A O   1 
ATOM   716 C CB  . ASN A 1 93  ? 16.757  -16.645 1.712   1.00 9.25   ? 93  ASN A CB  1 
ATOM   717 C CG  . ASN A 1 93  ? 18.218  -16.596 1.310   1.00 9.37   ? 93  ASN A CG  1 
ATOM   718 O OD1 . ASN A 1 93  ? 18.637  -15.705 0.573   1.00 10.72  ? 93  ASN A OD1 1 
ATOM   719 N ND2 . ASN A 1 93  ? 19.004  -17.548 1.801   1.00 8.64   ? 93  ASN A ND2 1 
ATOM   720 N N   . ILE A 1 94  ? 16.229  -15.213 -1.545  1.00 9.71   ? 94  ILE A N   1 
ATOM   721 C CA  . ILE A 1 94  ? 16.514  -15.461 -2.953  1.00 11.75  ? 94  ILE A CA  1 
ATOM   722 C C   . ILE A 1 94  ? 17.989  -15.155 -3.187  1.00 11.59  ? 94  ILE A C   1 
ATOM   723 O O   . ILE A 1 94  ? 18.377  -13.996 -3.341  1.00 12.06  ? 94  ILE A O   1 
ATOM   724 C CB  . ILE A 1 94  ? 15.650  -14.567 -3.879  1.00 12.75  ? 94  ILE A CB  1 
ATOM   725 C CG1 . ILE A 1 94  ? 14.162  -14.736 -3.551  1.00 14.60  ? 94  ILE A CG1 1 
ATOM   726 C CG2 . ILE A 1 94  ? 15.905  -14.933 -5.339  1.00 14.84  ? 94  ILE A CG2 1 
ATOM   727 C CD1 . ILE A 1 94  ? 13.611  -16.130 -3.789  1.00 16.69  ? 94  ILE A CD1 1 
ATOM   728 N N   . ASP A 1 95  ? 18.800  -16.208 -3.187  1.00 11.43  ? 95  ASP A N   1 
ATOM   729 C CA  . ASP A 1 95  ? 20.240  -16.113 -3.393  1.00 12.58  ? 95  ASP A CA  1 
ATOM   730 C C   . ASP A 1 95  ? 20.919  -15.049 -2.530  1.00 12.61  ? 95  ASP A C   1 
ATOM   731 O O   . ASP A 1 95  ? 21.737  -14.262 -3.016  1.00 13.57  ? 95  ASP A O   1 
ATOM   732 C CB  . ASP A 1 95  ? 20.539  -15.876 -4.878  1.00 12.48  ? 95  ASP A CB  1 
ATOM   733 C CG  . ASP A 1 95  ? 22.019  -15.990 -5.205  1.00 16.30  ? 95  ASP A CG  1 
ATOM   734 O OD1 . ASP A 1 95  ? 22.719  -16.790 -4.549  1.00 16.57  ? 95  ASP A OD1 1 
ATOM   735 O OD2 . ASP A 1 95  ? 22.481  -15.288 -6.131  1.00 19.49  ? 95  ASP A OD2 1 
ATOM   736 N N   . GLY A 1 96  ? 20.568  -15.033 -1.246  1.00 12.10  ? 96  GLY A N   1 
ATOM   737 C CA  . GLY A 1 96  ? 21.173  -14.094 -0.318  1.00 10.73  ? 96  GLY A CA  1 
ATOM   738 C C   . GLY A 1 96  ? 20.450  -12.784 -0.070  1.00 10.79  ? 96  GLY A C   1 
ATOM   739 O O   . GLY A 1 96  ? 20.890  -11.991 0.760   1.00 11.49  ? 96  GLY A O   1 
ATOM   740 N N   . THR A 1 97  ? 19.347  -12.551 -0.773  1.00 10.78  ? 97  THR A N   1 
ATOM   741 C CA  . THR A 1 97  ? 18.589  -11.314 -0.607  1.00 10.56  ? 97  THR A CA  1 
ATOM   742 C C   . THR A 1 97  ? 17.148  -11.586 -0.184  1.00 9.66   ? 97  THR A C   1 
ATOM   743 O O   . THR A 1 97  ? 16.478  -12.457 -0.743  1.00 8.74   ? 97  THR A O   1 
ATOM   744 C CB  . THR A 1 97  ? 18.587  -10.488 -1.921  1.00 11.40  ? 97  THR A CB  1 
ATOM   745 O OG1 . THR A 1 97  ? 19.918  -10.042 -2.203  1.00 12.80  ? 97  THR A OG1 1 
ATOM   746 C CG2 . THR A 1 97  ? 17.670  -9.278  -1.804  1.00 10.77  ? 97  THR A CG2 1 
ATOM   747 N N   . LEU A 1 98  ? 16.677  -10.840 0.812   1.00 9.17   ? 98  LEU A N   1 
ATOM   748 C CA  . LEU A 1 98  ? 15.310  -11.000 1.294   1.00 8.03   ? 98  LEU A CA  1 
ATOM   749 C C   . LEU A 1 98  ? 14.331  -10.425 0.285   1.00 8.92   ? 98  LEU A C   1 
ATOM   750 O O   . LEU A 1 98  ? 14.455  -9.270  -0.124  1.00 9.40   ? 98  LEU A O   1 
ATOM   751 C CB  . LEU A 1 98  ? 15.116  -10.274 2.628   1.00 9.25   ? 98  LEU A CB  1 
ATOM   752 C CG  . LEU A 1 98  ? 15.903  -10.789 3.830   1.00 9.04   ? 98  LEU A CG  1 
ATOM   753 C CD1 . LEU A 1 98  ? 15.705  -9.842  5.004   1.00 9.11   ? 98  LEU A CD1 1 
ATOM   754 C CD2 . LEU A 1 98  ? 15.439  -12.195 4.187   1.00 8.84   ? 98  LEU A CD2 1 
ATOM   755 N N   . LYS A 1 99  ? 13.346  -11.228 -0.105  1.00 9.36   ? 99  LYS A N   1 
ATOM   756 C CA  . LYS A 1 99  ? 12.351  -10.784 -1.068  1.00 9.68   ? 99  LYS A CA  1 
ATOM   757 C C   . LYS A 1 99  ? 10.966  -11.304 -0.728  1.00 9.35   ? 99  LYS A C   1 
ATOM   758 O O   . LYS A 1 99  ? 10.810  -12.433 -0.263  1.00 10.61  ? 99  LYS A O   1 
ATOM   759 C CB  . LYS A 1 99  ? 12.728  -11.251 -2.476  1.00 12.91  ? 99  LYS A CB  1 
ATOM   760 C CG  . LYS A 1 99  ? 13.988  -10.609 -3.027  1.00 16.18  ? 99  LYS A CG  1 
ATOM   761 C CD  . LYS A 1 99  ? 14.239  -11.037 -4.462  1.00 20.12  ? 99  LYS A CD  1 
ATOM   762 C CE  . LYS A 1 99  ? 15.412  -10.286 -5.059  1.00 21.85  ? 99  LYS A CE  1 
ATOM   763 N NZ  . LYS A 1 99  ? 15.173  -8.815  -5.075  1.00 24.60  ? 99  LYS A NZ  1 
ATOM   764 N N   . TYR A 1 100 ? 9.965   -10.465 -0.959  1.00 10.25  ? 100 TYR A N   1 
ATOM   765 C CA  . TYR A 1 100 ? 8.581   -10.833 -0.718  1.00 9.92   ? 100 TYR A CA  1 
ATOM   766 C C   . TYR A 1 100 ? 8.063   -11.613 -1.922  1.00 11.06  ? 100 TYR A C   1 
ATOM   767 O O   . TYR A 1 100 ? 8.439   -11.335 -3.062  1.00 13.23  ? 100 TYR A O   1 
ATOM   768 C CB  . TYR A 1 100 ? 7.726   -9.574  -0.536  1.00 11.64  ? 100 TYR A CB  1 
ATOM   769 C CG  . TYR A 1 100 ? 6.241   -9.847  -0.579  1.00 11.66  ? 100 TYR A CG  1 
ATOM   770 C CD1 . TYR A 1 100 ? 5.558   -10.286 0.554   1.00 12.11  ? 100 TYR A CD1 1 
ATOM   771 C CD2 . TYR A 1 100 ? 5.527   -9.721  -1.770  1.00 14.25  ? 100 TYR A CD2 1 
ATOM   772 C CE1 . TYR A 1 100 ? 4.202   -10.596 0.501   1.00 14.81  ? 100 TYR A CE1 1 
ATOM   773 C CE2 . TYR A 1 100 ? 4.174   -10.031 -1.834  1.00 16.70  ? 100 TYR A CE2 1 
ATOM   774 C CZ  . TYR A 1 100 ? 3.518   -10.469 -0.697  1.00 15.06  ? 100 TYR A CZ  1 
ATOM   775 O OH  . TYR A 1 100 ? 2.184   -10.797 -0.766  1.00 21.65  ? 100 TYR A OH  1 
ATOM   776 N N   . GLU A 1 101 ? 7.209   -12.596 -1.664  1.00 10.79  ? 101 GLU A N   1 
ATOM   777 C CA  . GLU A 1 101 ? 6.609   -13.377 -2.733  1.00 11.94  ? 101 GLU A CA  1 
ATOM   778 C C   . GLU A 1 101 ? 5.261   -13.905 -2.257  1.00 14.28  ? 101 GLU A C   1 
ATOM   779 O O   . GLU A 1 101 ? 5.151   -14.227 -1.056  1.00 14.82  ? 101 GLU A O   1 
ATOM   780 C CB  . GLU A 1 101 ? 7.526   -14.536 -3.139  1.00 12.15  ? 101 GLU A CB  1 
ATOM   781 C CG  . GLU A 1 101 ? 7.829   -15.516 -2.023  1.00 13.28  ? 101 GLU A CG  1 
ATOM   782 C CD  . GLU A 1 101 ? 8.699   -16.674 -2.476  1.00 13.07  ? 101 GLU A CD  1 
ATOM   783 O OE1 . GLU A 1 101 ? 9.264   -16.606 -3.591  1.00 12.60  ? 101 GLU A OE1 1 
ATOM   784 O OE2 . GLU A 1 101 ? 8.822   -17.652 -1.713  1.00 11.38  ? 101 GLU A OE2 1 
ATOM   785 O OXT . GLU A 1 101 ? 4.337   -13.994 -3.092  1.00 16.60  ? 101 GLU A OXT 1 
HETATM 786 O O   . HOH B 2 .   ? -10.812 -2.965  20.945  1.00 24.97  ? 201 HOH A O   1 
HETATM 787 O O   . HOH B 2 .   ? -11.627 -10.355 0.069   1.00 28.93  ? 202 HOH A O   1 
HETATM 788 O O   . HOH B 2 .   ? -13.602 2.364   -1.024  1.00 27.93  ? 203 HOH A O   1 
HETATM 789 O O   . HOH B 2 .   ? 1.219   22.025  -10.283 1.00 15.12  ? 204 HOH A O   1 
HETATM 790 O O   . HOH B 2 .   ? -10.174 4.195   -19.890 1.00 20.89  ? 205 HOH A O   1 
HETATM 791 O O   . HOH B 2 .   ? -3.309  10.744  -21.018 1.00 10.34  ? 206 HOH A O   1 
HETATM 792 O O   . HOH B 2 .   ? -19.135 -4.383  -3.604  1.00 13.49  ? 207 HOH A O   1 
HETATM 793 O O   . HOH B 2 .   ? 3.276   8.961   -12.436 1.00 15.56  ? 208 HOH A O   1 
HETATM 794 O O   . HOH B 2 .   ? -4.130  4.188   -20.873 1.00 24.22  ? 209 HOH A O   1 
HETATM 795 O O   . HOH B 2 .   ? 1.301   -15.989 9.925   1.00 13.00  ? 210 HOH A O   1 
HETATM 796 O O   . HOH B 2 .   ? 2.260   -9.738  20.014  1.00 12.34  ? 211 HOH A O   1 
HETATM 797 O O   . HOH B 2 .   ? -10.257 15.246  -15.870 1.00 10.74  ? 212 HOH A O   1 
HETATM 798 O O   . HOH B 2 .   ? -13.504 16.116  -11.737 1.00 23.96  ? 213 HOH A O   1 
HETATM 799 O O   . HOH B 2 .   ? 16.616  -19.991 -0.494  1.00 16.57  ? 214 HOH A O   1 
HETATM 800 O O   . HOH B 2 .   ? 1.858   15.457  -22.324 1.00 13.87  ? 215 HOH A O   1 
HETATM 801 O O   . HOH B 2 .   ? -5.718  18.767  -9.543  1.00 14.64  ? 216 HOH A O   1 
HETATM 802 O O   . HOH B 2 .   ? -2.169  -1.113  8.265   1.00 13.97  ? 217 HOH A O   1 
HETATM 803 O O   . HOH B 2 .   ? -2.930  13.118  -23.962 1.00 17.53  ? 218 HOH A O   1 
HETATM 804 O O   . HOH B 2 .   ? 5.276   2.396   15.552  1.00 11.27  ? 219 HOH A O   1 
HETATM 805 O O   . HOH B 2 .   ? 8.382   -6.082  -0.698  1.00 26.86  ? 220 HOH A O   1 
HETATM 806 O O   . HOH B 2 .   ? 1.672   -14.323 -2.824  1.00 22.66  ? 221 HOH A O   1 
HETATM 807 O O   . HOH B 2 .   ? -1.877  5.271   7.839   1.00 29.63  ? 222 HOH A O   1 
HETATM 808 O O   . HOH B 2 .   ? 3.226   3.179   -10.501 1.00 17.54  ? 223 HOH A O   1 
HETATM 809 O O   . HOH B 2 .   ? 2.278   2.687   -7.930  1.00 40.45  ? 224 HOH A O   1 
HETATM 810 O O   . HOH B 2 .   ? 8.285   -20.829 10.500  1.00 25.57  ? 225 HOH A O   1 
HETATM 811 O O   . HOH B 2 .   ? -4.193  17.096  -7.606  1.00 9.19   ? 226 HOH A O   1 
HETATM 812 O O   . HOH B 2 .   ? 1.867   -16.467 13.587  1.00 27.19  ? 227 HOH A O   1 
HETATM 813 O O   . HOH B 2 .   ? -8.806  -4.255  4.712   1.00 43.42  ? 228 HOH A O   1 
HETATM 814 O O   . HOH B 2 .   ? -18.825 -13.014 0.480   1.00 22.11  ? 229 HOH A O   1 
HETATM 815 O O   . HOH B 2 .   ? 9.564   -9.007  -4.028  1.00 35.22  ? 230 HOH A O   1 
HETATM 816 O O   . HOH B 2 .   ? -1.269  -16.174 16.140  1.00 19.34  ? 231 HOH A O   1 
HETATM 817 O O   . HOH B 2 .   ? 3.822   -7.694  20.866  1.00 16.45  ? 232 HOH A O   1 
HETATM 818 O O   . HOH B 2 .   ? 4.797   7.568   -15.681 1.00 20.01  ? 233 HOH A O   1 
HETATM 819 O O   . HOH B 2 .   ? -2.287  9.067   -22.879 1.00 17.79  ? 234 HOH A O   1 
HETATM 820 O O   . HOH B 2 .   ? 10.630  -7.690  -2.071  1.00 14.75  ? 235 HOH A O   1 
HETATM 821 O O   . HOH B 2 .   ? -15.786 0.410   -3.179  1.00 21.89  ? 236 HOH A O   1 
HETATM 822 O O   . HOH B 2 .   ? -18.320 -1.652  -3.322  1.00 14.58  ? 237 HOH A O   1 
HETATM 823 O O   . HOH B 2 .   ? -1.542  0.938   -19.234 1.00 17.75  ? 238 HOH A O   1 
HETATM 824 O O   . HOH B 2 .   ? -11.621 2.854   0.936   1.00 16.12  ? 239 HOH A O   1 
HETATM 825 O O   . HOH B 2 .   ? 6.223   -7.077  20.042  1.00 17.49  ? 240 HOH A O   1 
HETATM 826 O O   . HOH B 2 .   ? -5.186  -9.949  19.791  1.00 15.66  ? 241 HOH A O   1 
HETATM 827 O O   . HOH B 2 .   ? 14.386  -6.553  -3.786  1.00 31.49  ? 242 HOH A O   1 
HETATM 828 O O   . HOH B 2 .   ? -3.198  3.208   -18.563 1.00 13.22  ? 243 HOH A O   1 
HETATM 829 O O   . HOH B 2 .   ? 4.392   16.783  -22.313 1.00 18.85  ? 244 HOH A O   1 
HETATM 830 O O   . HOH B 2 .   ? -10.298 -1.514  4.310   1.00 45.50  ? 245 HOH A O   1 
HETATM 831 O O   . HOH B 2 .   ? 4.815   24.125  -8.068  1.00 20.62  ? 246 HOH A O   1 
HETATM 832 O O   . HOH B 2 .   ? 13.292  -6.959  -1.328  1.00 19.43  ? 247 HOH A O   1 
HETATM 833 O O   . HOH B 2 .   ? 4.138   -11.402 -5.130  1.00 37.74  ? 248 HOH A O   1 
HETATM 834 O O   . HOH B 2 .   ? -10.478 14.310  -2.625  1.00 16.95  ? 249 HOH A O   1 
HETATM 835 O O   . HOH B 2 .   ? 2.380   7.784   -22.198 1.00 20.52  ? 250 HOH A O   1 
HETATM 836 O O   . HOH B 2 .   ? 15.895  -15.519 11.279  1.00 15.36  ? 251 HOH A O   1 
HETATM 837 O O   . HOH B 2 .   ? -0.599  -6.075  24.442  1.00 19.25  ? 252 HOH A O   1 
HETATM 838 O O   . HOH B 2 .   ? -7.774  23.483  -16.724 1.00 15.47  ? 253 HOH A O   1 
HETATM 839 O O   . HOH B 2 .   ? 5.322   -19.992 6.997   1.00 22.99  ? 254 HOH A O   1 
HETATM 840 O O   . HOH B 2 .   ? 10.925  -1.878  16.532  1.00 16.45  ? 255 HOH A O   1 
HETATM 841 O O   . HOH B 2 .   ? 0.214   13.187  -15.791 1.00 10.01  ? 256 HOH A O   1 
HETATM 842 O O   . HOH B 2 .   ? 13.084  -7.334  18.142  1.00 22.44  ? 257 HOH A O   1 
HETATM 843 O O   . HOH B 2 .   ? 1.075   -4.395  -10.509 1.00 24.76  ? 258 HOH A O   1 
HETATM 844 O O   . HOH B 2 .   ? -3.171  15.560  -25.595 1.00 20.00  ? 259 HOH A O   1 
HETATM 845 O O   . HOH B 2 .   ? 3.952   -6.827  23.474  1.00 15.14  ? 260 HOH A O   1 
HETATM 846 O O   . HOH B 2 .   ? -0.879  22.019  -12.078 1.00 19.13  ? 261 HOH A O   1 
HETATM 847 O O   . HOH B 2 .   ? 11.542  -19.995 15.830  1.00 29.70  ? 262 HOH A O   1 
HETATM 848 O O   . HOH B 2 .   ? 6.314   11.396  -16.726 1.00 23.07  ? 263 HOH A O   1 
HETATM 849 O O   . HOH B 2 .   ? -2.938  1.267   9.417   1.00 29.71  ? 264 HOH A O   1 
HETATM 850 O O   . HOH B 2 .   ? -1.727  -12.872 15.709  1.00 29.04  ? 265 HOH A O   1 
HETATM 851 O O   . HOH B 2 .   ? -11.142 19.187  0.367   1.00 47.69  ? 266 HOH A O   1 
HETATM 852 O O   . HOH B 2 .   ? 1.072   -11.524 -3.228  1.00 29.82  ? 267 HOH A O   1 
HETATM 853 O O   . HOH B 2 .   ? 18.041  -15.022 -8.464  1.00 29.60  ? 268 HOH A O   1 
HETATM 854 O O   . HOH B 2 .   ? 2.852   -19.172 2.696   1.00 26.60  ? 269 HOH A O   1 
HETATM 855 O O   . HOH B 2 .   ? 4.376   -1.138  24.380  1.00 29.07  ? 270 HOH A O   1 
HETATM 856 O O   . HOH B 2 .   ? -10.795 22.816  -8.889  1.00 14.00  ? 271 HOH A O   1 
HETATM 857 O O   . HOH B 2 .   ? 5.099   4.909   -15.112 1.00 37.27  ? 272 HOH A O   1 
HETATM 858 O O   . HOH B 2 .   ? -2.818  0.075   25.908  1.00 23.19  ? 273 HOH A O   1 
HETATM 859 O O   . HOH B 2 .   ? -8.932  21.156  -16.086 1.00 21.49  ? 274 HOH A O   1 
HETATM 860 O O   . HOH B 2 .   ? -10.016 2.108   25.873  1.00 36.52  ? 275 HOH A O   1 
HETATM 861 O O   . HOH B 2 .   ? 2.407   7.630   -19.253 1.00 18.55  ? 276 HOH A O   1 
HETATM 862 O O   . HOH B 2 .   ? 0.059   8.036   -23.396 1.00 30.17  ? 277 HOH A O   1 
HETATM 863 O O   . HOH B 2 .   ? -1.414  3.422   25.704  1.00 34.16  ? 278 HOH A O   1 
HETATM 864 O O   . HOH B 2 .   ? -17.055 1.074   -0.968  1.00 21.72  ? 279 HOH A O   1 
HETATM 865 O O   . HOH B 2 .   ? -8.044  22.585  -8.881  1.00 28.02  ? 280 HOH A O   1 
HETATM 866 O O   . HOH B 2 .   ? -4.726  -4.447  -23.158 1.00 26.93  ? 281 HOH A O   1 
HETATM 867 O O   . HOH B 2 .   ? -0.378  -3.222  24.734  1.00 20.43  ? 282 HOH A O   1 
HETATM 868 O O   . HOH B 2 .   ? -10.402 -0.103  -19.551 1.00 31.28  ? 283 HOH A O   1 
HETATM 869 O O   . HOH B 2 .   ? -13.675 16.580  -9.154  1.00 36.27  ? 284 HOH A O   1 
HETATM 870 O O   . HOH B 2 .   ? 13.728  -14.367 20.474  1.00 42.29  ? 285 HOH A O   1 
HETATM 871 O O   . HOH B 2 .   ? -9.416  16.886  1.044   1.00 20.77  ? 286 HOH A O   1 
HETATM 872 O O   . HOH B 2 .   ? 2.071   -8.540  23.561  1.00 22.61  ? 287 HOH A O   1 
HETATM 873 O O   . HOH B 2 .   ? 4.664   1.387   -11.849 1.00 45.77  ? 288 HOH A O   1 
HETATM 874 O O   . HOH B 2 .   ? 9.833   -17.576 14.932  1.00 31.42  ? 289 HOH A O   1 
HETATM 875 O O   . HOH B 2 .   ? -6.072  8.366   -22.753 1.00 31.17  ? 290 HOH A O   1 
HETATM 876 O O   . HOH B 2 .   ? -9.240  14.417  -0.065  1.00 82.17  ? 291 HOH A O   1 
HETATM 877 O O   . HOH B 2 .   ? -16.079 -4.992  1.891   1.00 19.59  ? 292 HOH A O   1 
HETATM 878 O O   . HOH B 2 .   ? -0.989  18.543  -23.785 1.00 23.69  ? 293 HOH A O   1 
HETATM 879 O O   . HOH B 2 .   ? -11.064 6.855   -20.559 1.00 26.45  ? 294 HOH A O   1 
HETATM 880 O O   . HOH B 2 .   ? 5.042   7.765   -18.631 1.00 26.95  ? 295 HOH A O   1 
HETATM 881 O O   . HOH B 2 .   ? 7.759   -11.355 -5.758  1.00 24.91  ? 296 HOH A O   1 
HETATM 882 O O   . HOH B 2 .   ? 22.082  -11.645 -2.784  1.00 21.03  ? 297 HOH A O   1 
HETATM 883 O O   . HOH B 2 .   ? 5.629   22.382  -22.536 1.00 45.75  ? 298 HOH A O   1 
HETATM 884 O O   . HOH B 2 .   ? 18.699  -12.310 -5.374  1.00 23.51  ? 299 HOH A O   1 
HETATM 885 O O   . HOH B 2 .   ? -3.872  6.439   -22.449 1.00 25.69  ? 300 HOH A O   1 
HETATM 886 O O   . HOH B 2 .   ? -4.273  -4.562  -5.146  1.00 32.45  ? 301 HOH A O   1 
HETATM 887 O O   . HOH B 2 .   ? 24.552  -10.504 -3.032  1.00 28.00  ? 302 HOH A O   1 
HETATM 888 O O   . HOH B 2 .   ? -9.795  22.000  -4.269  1.00 22.50  ? 303 HOH A O   1 
HETATM 889 O O   . HOH B 2 .   ? 10.028  -2.336  19.760  1.00 21.25  ? 304 HOH A O   1 
HETATM 890 O O   . HOH B 2 .   ? 6.976   16.092  -19.670 1.00 22.66  ? 305 HOH A O   1 
HETATM 891 O O   . HOH B 2 .   ? 4.629   13.719  -21.408 1.00 9.84   ? 306 HOH A O   1 
HETATM 892 O O   . HOH B 2 .   ? 5.831   8.738   -13.217 1.00 29.88  ? 307 HOH A O   1 
HETATM 893 O O   . HOH B 2 .   ? 1.681   29.104  -12.431 1.00 28.57  ? 308 HOH A O   1 
HETATM 894 O O   . HOH B 2 .   ? -4.895  0.914   24.349  1.00 19.26  ? 309 HOH A O   1 
HETATM 895 O O   . HOH B 2 .   ? 5.738   12.011  -19.072 1.00 12.13  ? 310 HOH A O   1 
HETATM 896 O O   . HOH B 2 .   ? -3.074  21.510  -10.593 1.00 22.39  ? 311 HOH A O   1 
HETATM 897 O O   . HOH B 2 .   ? 3.829   5.785   -11.022 1.00 20.94  ? 312 HOH A O   1 
HETATM 898 O O   . HOH B 2 .   ? -3.127  -2.637  25.395  1.00 24.54  ? 313 HOH A O   1 
HETATM 899 O O   . HOH B 2 .   ? -5.489  21.665  -18.986 1.00 36.60  ? 314 HOH A O   1 
HETATM 900 O O   . HOH B 2 .   ? -20.661 -10.534 2.735   1.00 29.08  ? 315 HOH A O   1 
HETATM 901 O O   . HOH B 2 .   ? -1.191  2.409   0.091   1.00 30.51  ? 316 HOH A O   1 
HETATM 902 O O   . HOH B 2 .   ? -18.011 -2.565  2.025   1.00 42.55  ? 317 HOH A O   1 
HETATM 903 O O   . HOH B 2 .   ? 3.295   20.876  -22.721 1.00 23.82  ? 318 HOH A O   1 
HETATM 904 O O   . HOH B 2 .   ? 10.270  -21.979 7.435   1.00 24.21  ? 319 HOH A O   1 
HETATM 905 O O   . HOH B 2 .   ? -12.289 18.858  -6.538  1.00 40.93  ? 320 HOH A O   1 
HETATM 906 O O   . HOH B 2 .   ? -7.465  20.384  -7.614  1.00 26.17  ? 321 HOH A O   1 
HETATM 907 O O   . HOH B 2 .   ? -13.090 19.123  -3.491  1.00 61.36  ? 322 HOH A O   1 
HETATM 908 O O   . HOH B 2 .   ? -18.637 -5.560  1.190   1.00 48.13  ? 323 HOH A O   1 
HETATM 909 O O   . HOH B 2 .   ? -0.579  23.672  -17.563 1.00 34.68  ? 324 HOH A O   1 
HETATM 910 O O   . HOH B 2 .   ? 1.413   -19.768 17.728  1.00 32.16  ? 325 HOH A O   1 
HETATM 911 O O   . HOH B 2 .   ? -6.094  3.297   -22.694 1.00 28.77  ? 326 HOH A O   1 
HETATM 912 O O   . HOH B 2 .   ? 10.116  -3.378  23.650  1.00 39.18  ? 327 HOH A O   1 
HETATM 913 O O   . HOH B 2 .   ? -9.485  -4.226  23.431  1.00 53.00  ? 328 HOH A O   1 
HETATM 914 O O   . HOH B 2 .   ? -7.602  -1.360  13.287  1.00 20.93  ? 329 HOH A O   1 
HETATM 915 O O   . HOH B 2 .   ? -1.105  -15.122 10.491  1.00 23.40  ? 330 HOH A O   1 
HETATM 916 O O   . HOH B 2 .   ? 0.217   -11.112 0.795   1.00 29.74  ? 331 HOH A O   1 
HETATM 917 O O   . HOH B 2 .   ? -12.524 15.718  -4.718  1.00 37.83  ? 332 HOH A O   1 
HETATM 918 O O   . HOH B 2 .   ? 1.747   -19.517 8.897   1.00 27.38  ? 333 HOH A O   1 
HETATM 919 O O   . HOH B 2 .   ? -2.343  25.190  -16.288 1.00 30.92  ? 334 HOH A O   1 
HETATM 920 O O   . HOH B 2 .   ? 17.386  -4.543  -6.094  1.00 65.34  ? 335 HOH A O   1 
HETATM 921 O O   . HOH B 2 .   ? 18.915  -18.083 -1.079  1.00 100.00 ? 336 HOH A O   1 
HETATM 922 O O   . HOH B 2 .   ? -5.958  19.630  -17.594 1.00 25.40  ? 337 HOH A O   1 
HETATM 923 O O   . HOH B 2 .   ? -0.865  -15.807 3.083   1.00 26.28  ? 338 HOH A O   1 
HETATM 924 O O   . HOH B 2 .   ? 4.605   4.751   1.584   1.00 36.23  ? 339 HOH A O   1 
HETATM 925 O O   . HOH B 2 .   ? 14.931  -12.536 17.637  1.00 36.61  ? 340 HOH A O   1 
HETATM 926 O O   . HOH B 2 .   ? 4.027   1.721   1.533   1.00 28.93  ? 341 HOH A O   1 
HETATM 927 O O   . HOH B 2 .   ? 1.035   24.651  -22.922 1.00 31.51  ? 342 HOH A O   1 
HETATM 928 O O   . HOH B 2 .   ? -0.277  -17.072 6.120   1.00 28.58  ? 343 HOH A O   1 
HETATM 929 O O   . HOH B 2 .   ? 21.312  -12.636 -6.198  1.00 49.45  ? 344 HOH A O   1 
HETATM 930 O O   . HOH B 2 .   ? 2.873   3.041   -14.006 1.00 29.52  ? 345 HOH A O   1 
HETATM 931 O O   . HOH B 2 .   ? -5.170  14.286  -27.663 1.00 32.20  ? 346 HOH A O   1 
HETATM 932 O O   . HOH B 2 .   ? -4.099  -4.998  -2.722  1.00 70.02  ? 347 HOH A O   1 
HETATM 933 O O   . HOH B 2 .   ? 2.244   -2.084  -14.337 1.00 30.53  ? 348 HOH A O   1 
HETATM 934 O O   . HOH B 2 .   ? -0.543  -18.872 15.770  1.00 58.89  ? 349 HOH A O   1 
HETATM 935 O O   . HOH B 2 .   ? 0.794   -18.285 11.201  1.00 32.71  ? 350 HOH A O   1 
HETATM 936 O O   . HOH B 2 .   ? -12.716 -2.831  4.350   1.00 60.34  ? 351 HOH A O   1 
HETATM 937 O O   . HOH B 2 .   ? 6.322   5.373   -11.997 1.00 43.45  ? 352 HOH A O   1 
HETATM 938 O O   . HOH B 2 .   ? 1.178   -0.796  -7.876  1.00 44.81  ? 353 HOH A O   1 
HETATM 939 O O   . HOH B 2 .   ? -10.669 20.952  -6.856  1.00 29.97  ? 354 HOH A O   1 
HETATM 940 O O   . HOH B 2 .   ? -8.057  8.069   -24.461 1.00 34.61  ? 355 HOH A O   1 
HETATM 941 O O   . HOH B 2 .   ? -0.418  -15.273 13.258  1.00 29.69  ? 356 HOH A O   1 
HETATM 942 O O   . HOH B 2 .   ? 2.624   1.873   -3.121  1.00 40.79  ? 357 HOH A O   1 
HETATM 943 O O   . HOH B 2 .   ? -3.771  6.795   13.462  1.00 34.99  ? 358 HOH A O   1 
HETATM 944 O O   . HOH B 2 .   ? 5.593   -6.667  -3.035  1.00 40.05  ? 359 HOH A O   1 
HETATM 945 O O   . HOH B 2 .   ? 0.198   -16.490 -2.210  1.00 33.87  ? 360 HOH A O   1 
HETATM 946 O O   . HOH B 2 .   ? -7.111  1.492   13.648  1.00 42.70  ? 361 HOH A O   1 
HETATM 947 O O   . HOH B 2 .   ? 11.594  19.388  -15.581 1.00 47.13  ? 362 HOH A O   1 
HETATM 948 O O   . HOH B 2 .   ? 3.316   -20.267 11.458  1.00 38.32  ? 363 HOH A O   1 
HETATM 949 O O   . HOH B 2 .   ? 7.503   -7.434  -4.964  1.00 38.97  ? 364 HOH A O   1 
HETATM 950 O O   . HOH B 2 .   ? 4.229   30.687  -15.859 1.00 44.20  ? 365 HOH A O   1 
HETATM 951 O O   . HOH B 2 .   ? 10.313  -8.051  25.038  1.00 38.27  ? 366 HOH A O   1 
HETATM 952 O O   . HOH B 2 .   ? -9.349  9.288   -22.296 1.00 48.18  ? 367 HOH A O   1 
HETATM 953 O O   . HOH B 2 .   ? 2.519   -19.067 13.545  1.00 34.77  ? 368 HOH A O   1 
HETATM 954 O O   . HOH B 2 .   ? 11.563  -9.832  20.617  1.00 38.88  ? 369 HOH A O   1 
HETATM 955 O O   . HOH B 2 .   ? -14.979 1.754   2.342   1.00 39.82  ? 370 HOH A O   1 
HETATM 956 O O   . HOH B 2 .   ? -11.349 15.973  -0.625  1.00 32.83  ? 371 HOH A O   1 
HETATM 957 O O   . HOH B 2 .   ? 9.384   26.581  -15.189 1.00 43.54  ? 372 HOH A O   1 
HETATM 958 O O   . HOH B 2 .   ? 4.149   0.025   -2.130  1.00 33.69  ? 373 HOH A O   1 
HETATM 959 O O   . HOH B 2 .   ? 0.237   28.469  -16.031 1.00 48.28  ? 374 HOH A O   1 
HETATM 960 O O   . HOH B 2 .   ? 0.663   -18.893 4.222   1.00 40.68  ? 375 HOH A O   1 
HETATM 961 O O   . HOH B 2 .   ? -1.732  -16.061 0.284   1.00 45.86  ? 376 HOH A O   1 
HETATM 962 O O   . HOH B 2 .   ? -12.989 5.736   15.663  1.00 44.31  ? 377 HOH A O   1 
HETATM 963 O O   . HOH B 2 .   ? -3.341  24.964  -19.286 1.00 35.75  ? 378 HOH A O   1 
HETATM 964 O O   . HOH B 2 .   ? 17.255  -12.508 -7.561  1.00 36.53  ? 379 HOH A O   1 
HETATM 965 O O   . HOH B 2 .   ? 6.132   -19.836 14.564  1.00 38.46  ? 380 HOH A O   1 
HETATM 966 O O   . HOH B 2 .   ? -8.318  2.475   3.586   1.00 37.62  ? 381 HOH A O   1 
HETATM 967 O O   . HOH B 2 .   ? -4.089  5.500   10.081  1.00 33.85  ? 382 HOH A O   1 
HETATM 968 O O   . HOH B 2 .   ? -10.017 6.710   -25.535 1.00 40.77  ? 383 HOH A O   1 
HETATM 969 O O   . HOH B 2 .   ? -5.824  3.312   7.506   1.00 38.99  ? 384 HOH A O   1 
HETATM 970 O O   . HOH B 2 .   ? -0.489  25.888  -14.563 1.00 44.03  ? 385 HOH A O   1 
HETATM 971 O O   . HOH B 2 .   ? -1.745  -19.319 6.355   1.00 48.04  ? 386 HOH A O   1 
HETATM 972 O O   . HOH B 2 .   ? -15.072 -1.866  16.517  1.00 40.90  ? 387 HOH A O   1 
HETATM 973 O O   . HOH B 2 .   ? 0.360   20.681  -24.923 1.00 43.84  ? 388 HOH A O   1 
HETATM 974 O O   . HOH B 2 .   ? -14.928 -3.266  13.709  1.00 46.46  ? 389 HOH A O   1 
HETATM 975 O O   . HOH B 2 .   ? -5.266  26.070  -13.972 1.00 38.96  ? 390 HOH A O   1 
HETATM 976 O O   . HOH B 2 .   ? 3.059   0.609   -14.890 1.00 41.75  ? 391 HOH A O   1 
HETATM 977 O O   . HOH B 2 .   ? 4.661   -22.601 10.850  1.00 48.77  ? 392 HOH A O   1 
HETATM 978 O O   . HOH B 2 .   ? -11.132 1.927   11.253  1.00 50.05  ? 393 HOH A O   1 
HETATM 979 O O   . HOH B 2 .   ? 9.422   -19.956 12.850  1.00 42.90  ? 394 HOH A O   1 
HETATM 980 O O   . HOH B 2 .   ? 10.852  28.203  -18.631 1.00 52.35  ? 395 HOH A O   1 
HETATM 981 O O   . HOH B 2 .   ? -13.853 4.041   17.853  1.00 46.21  ? 396 HOH A O   1 
HETATM 982 O O   . HOH B 2 .   ? 4.805   1.491   -4.672  1.00 45.50  ? 397 HOH A O   1 
HETATM 983 O O   . HOH B 2 .   ? -8.248  -1.525  2.605   1.00 55.64  ? 398 HOH A O   1 
HETATM 984 O O   . HOH B 2 .   ? 6.301   -21.538 8.913   1.00 43.27  ? 399 HOH A O   1 
HETATM 985 O O   . HOH B 2 .   ? -2.458  4.578   4.804   1.00 34.64  ? 400 HOH A O   1 
HETATM 986 O O   . HOH B 2 .   ? -9.579  -2.717  7.825   1.00 39.94  ? 401 HOH A O   1 
HETATM 987 O O   . HOH B 2 .   ? -6.375  6.025   -24.036 1.00 42.49  ? 402 HOH A O   1 
HETATM 988 O O   . HOH B 2 .   ? 12.920  -5.356  20.977  1.00 42.83  ? 403 HOH A O   1 
HETATM 989 O O   . HOH B 2 .   ? -4.231  3.695   23.706  1.00 42.41  ? 404 HOH A O   1 
HETATM 990 O O   . HOH B 2 .   ? 10.604  18.941  -19.011 1.00 48.82  ? 405 HOH A O   1 
HETATM 991 O O   . HOH B 2 .   ? 25.344  -17.470 -5.279  1.00 18.57  ? 406 HOH A O   1 
HETATM 992 O O   . HOH B 2 .   ? -7.496  10.428  -23.804 1.00 30.53  ? 407 HOH A O   1 
# 
